data_2FG6
#
_entry.id   2FG6
#
_cell.length_a   155.703
_cell.length_b   155.703
_cell.length_c   120.519
_cell.angle_alpha   90.00
_cell.angle_beta   90.00
_cell.angle_gamma   90.00
#
_symmetry.space_group_name_H-M   'P 43'
#
loop_
_entity.id
_entity.type
_entity.pdbx_description
1 polymer 'putative ornithine carbamoyltransferase'
2 non-polymer 'SULFATE ION'
3 non-polymer N-(3-CARBOXYPROPANOYL)-L-NORVALINE
4 water water
#
_entity_poly.entity_id   1
_entity_poly.type   'polypeptide(L)'
_entity_poly.pdbx_seq_one_letter_code
;MGSSHHHHHHSSGLVPRGSHMKKFTCVQDIGDLKSALAESFEIKKDRFKYVELGRNKTLLMIFFNSSLRTRLSTQKAALN
LGMNVIVLDINQGAWKLETERGVIMDGDKPEHLLEAIPVMGCYCDIIGVRSFARFENREYDYNEVIINQFIQHSGRPVFS
MEAATRHPLQSFADLITIEEYKKTARPKVVMTWAPHPRPLPQAVPNSFAEWMNATDYEFVITHPEGYELDPKFVGNARVE
YDQMKAFEGADFIYAKNWAAYLGDNYGQILSTDRNWTVGDRQMAVTNNAYFMHCLPVRRNMIVTDDVIESPQSIVIPEAA
NREISATVVLKRLLENLP
;
_entity_poly.pdbx_strand_id   X,Y,Z,C,D,E
#
# COMPACT_ATOMS: atom_id res chain seq x y z
N ARG A 17 -7.21 -0.61 -52.83
CA ARG A 17 -6.83 -0.82 -51.40
C ARG A 17 -6.52 -2.28 -51.13
N GLY A 18 -6.31 -2.63 -49.87
CA GLY A 18 -6.02 -4.02 -49.54
C GLY A 18 -4.66 -4.44 -50.07
N SER A 19 -4.40 -4.11 -51.34
CA SER A 19 -3.14 -4.44 -51.97
C SER A 19 -2.16 -3.30 -51.71
N HIS A 20 -2.69 -2.21 -51.16
CA HIS A 20 -1.89 -1.04 -50.84
C HIS A 20 -2.22 -0.60 -49.42
N MET A 21 -1.95 -1.47 -48.46
CA MET A 21 -2.24 -1.20 -47.05
C MET A 21 -1.18 -0.31 -46.38
N LYS A 22 -1.63 0.81 -45.84
CA LYS A 22 -0.72 1.75 -45.20
C LYS A 22 -1.02 1.87 -43.70
N LYS A 23 -2.06 1.16 -43.29
CA LYS A 23 -2.48 1.13 -41.89
C LYS A 23 -3.57 0.09 -41.77
N PHE A 24 -4.15 -0.04 -40.59
CA PHE A 24 -5.22 -0.99 -40.37
C PHE A 24 -5.91 -0.58 -39.10
N THR A 25 -6.90 0.29 -39.23
CA THR A 25 -7.66 0.76 -38.07
C THR A 25 -9.14 0.49 -38.20
N CYS A 26 -9.59 0.23 -39.42
CA CYS A 26 -11.00 -0.01 -39.69
C CYS A 26 -11.12 -0.97 -40.88
N VAL A 27 -12.33 -1.49 -41.10
CA VAL A 27 -12.57 -2.45 -42.17
C VAL A 27 -12.26 -2.00 -43.59
N GLN A 28 -12.25 -0.69 -43.85
CA GLN A 28 -11.95 -0.21 -45.21
C GLN A 28 -10.52 -0.58 -45.60
N ASP A 29 -9.64 -0.54 -44.62
CA ASP A 29 -8.23 -0.85 -44.84
C ASP A 29 -7.97 -2.24 -45.44
N ILE A 30 -8.78 -3.23 -45.09
CA ILE A 30 -8.57 -4.58 -45.61
C ILE A 30 -8.97 -4.76 -47.06
N GLY A 31 -9.90 -3.92 -47.52
CA GLY A 31 -10.35 -4.00 -48.89
C GLY A 31 -11.43 -5.02 -49.20
N ASP A 32 -11.25 -5.69 -50.33
CA ASP A 32 -12.17 -6.72 -50.79
C ASP A 32 -12.24 -7.88 -49.79
N LEU A 33 -13.37 -8.02 -49.12
CA LEU A 33 -13.51 -9.08 -48.13
C LEU A 33 -13.23 -10.46 -48.71
N LYS A 34 -13.68 -10.68 -49.94
CA LYS A 34 -13.50 -11.98 -50.60
C LYS A 34 -12.05 -12.46 -50.62
N SER A 35 -11.15 -11.68 -51.20
CA SER A 35 -9.74 -12.07 -51.26
C SER A 35 -9.12 -12.04 -49.86
N ALA A 36 -9.67 -11.21 -48.97
CA ALA A 36 -9.15 -11.12 -47.61
C ALA A 36 -9.34 -12.50 -46.94
N LEU A 37 -10.55 -13.03 -47.05
CA LEU A 37 -10.90 -14.32 -46.48
C LEU A 37 -10.14 -15.43 -47.19
N ALA A 38 -9.84 -15.22 -48.46
CA ALA A 38 -9.10 -16.22 -49.23
C ALA A 38 -7.72 -16.39 -48.59
N GLU A 39 -7.04 -15.26 -48.36
CA GLU A 39 -5.72 -15.28 -47.75
C GLU A 39 -5.82 -15.86 -46.34
N SER A 40 -6.86 -15.48 -45.61
CA SER A 40 -7.06 -15.97 -44.25
C SER A 40 -7.02 -17.49 -44.17
N PHE A 41 -7.82 -18.15 -45.01
CA PHE A 41 -7.89 -19.61 -45.03
C PHE A 41 -6.67 -20.24 -45.69
N GLU A 42 -5.95 -19.47 -46.49
CA GLU A 42 -4.75 -19.98 -47.13
C GLU A 42 -3.74 -20.17 -45.99
N ILE A 43 -3.67 -19.15 -45.13
CA ILE A 43 -2.73 -19.15 -44.01
C ILE A 43 -3.13 -20.15 -42.92
N LYS A 44 -4.43 -20.32 -42.69
CA LYS A 44 -4.85 -21.29 -41.70
C LYS A 44 -4.30 -22.64 -42.14
N LYS A 45 -4.30 -22.86 -43.45
CA LYS A 45 -3.83 -24.11 -44.03
C LYS A 45 -2.32 -24.24 -44.00
N ASP A 46 -1.62 -23.16 -44.33
CA ASP A 46 -0.16 -23.17 -44.35
C ASP A 46 0.36 -22.00 -43.53
N ARG A 47 0.39 -22.15 -42.21
CA ARG A 47 0.80 -21.09 -41.30
C ARG A 47 2.14 -20.39 -41.58
N PHE A 48 3.19 -21.15 -41.89
CA PHE A 48 4.48 -20.52 -42.14
C PHE A 48 4.83 -20.45 -43.63
N LYS A 49 3.82 -20.24 -44.46
CA LYS A 49 4.07 -20.18 -45.89
C LYS A 49 4.87 -18.94 -46.28
N TYR A 50 4.73 -17.87 -45.51
CA TYR A 50 5.41 -16.61 -45.78
C TYR A 50 6.45 -16.26 -44.71
N VAL A 51 6.98 -17.27 -44.04
CA VAL A 51 7.93 -17.05 -42.98
C VAL A 51 9.20 -16.30 -43.41
N GLU A 52 9.34 -16.05 -44.72
CA GLU A 52 10.51 -15.33 -45.21
C GLU A 52 10.17 -13.88 -45.55
N LEU A 53 8.88 -13.60 -45.74
CA LEU A 53 8.44 -12.27 -46.09
C LEU A 53 8.91 -11.19 -45.10
N GLY A 54 8.73 -11.43 -43.81
CA GLY A 54 9.14 -10.43 -42.82
C GLY A 54 10.56 -10.53 -42.24
N ARG A 55 11.46 -11.24 -42.90
CA ARG A 55 12.82 -11.37 -42.41
C ARG A 55 13.48 -10.00 -42.25
N ASN A 56 14.12 -9.79 -41.11
CA ASN A 56 14.78 -8.53 -40.80
C ASN A 56 13.85 -7.33 -40.75
N LYS A 57 12.57 -7.61 -40.61
CA LYS A 57 11.58 -6.56 -40.49
C LYS A 57 11.17 -6.66 -39.03
N THR A 58 11.02 -5.52 -38.37
CA THR A 58 10.69 -5.49 -36.96
C THR A 58 9.35 -4.90 -36.60
N LEU A 59 8.62 -5.62 -35.74
CA LEU A 59 7.32 -5.17 -35.30
C LEU A 59 7.35 -4.69 -33.86
N LEU A 60 6.80 -3.51 -33.62
CA LEU A 60 6.75 -2.96 -32.28
C LEU A 60 5.30 -2.94 -31.81
N MET A 61 5.01 -3.72 -30.78
CA MET A 61 3.65 -3.80 -30.22
C MET A 61 3.56 -2.98 -28.95
N ILE A 62 2.74 -1.94 -28.97
CA ILE A 62 2.62 -1.07 -27.80
C ILE A 62 1.29 -1.27 -27.09
N PHE A 63 1.37 -1.42 -25.77
CA PHE A 63 0.20 -1.65 -24.93
C PHE A 63 -0.02 -0.60 -23.87
N PHE A 64 -1.11 0.15 -23.99
CA PHE A 64 -1.43 1.15 -22.97
C PHE A 64 -2.37 0.48 -21.96
N ASN A 65 -2.91 -0.67 -22.37
CA ASN A 65 -3.83 -1.45 -21.54
C ASN A 65 -3.55 -2.97 -21.59
N SER A 66 -4.11 -3.70 -20.61
CA SER A 66 -3.94 -5.14 -20.51
C SER A 66 -4.35 -5.91 -21.78
N SER A 67 -3.84 -7.13 -21.91
CA SER A 67 -4.13 -7.97 -23.05
C SER A 67 -3.51 -9.36 -22.95
N LEU A 68 -4.31 -10.36 -23.32
CA LEU A 68 -3.88 -11.75 -23.32
C LEU A 68 -3.91 -12.18 -24.78
N ARG A 69 -5.07 -12.07 -25.42
CA ARG A 69 -5.22 -12.48 -26.82
C ARG A 69 -4.45 -11.67 -27.86
N THR A 70 -4.61 -10.35 -27.87
CA THR A 70 -3.91 -9.53 -28.85
C THR A 70 -2.41 -9.65 -28.58
N ARG A 71 -2.06 -9.60 -27.30
CA ARG A 71 -0.67 -9.73 -26.89
C ARG A 71 -0.02 -10.99 -27.45
N LEU A 72 -0.65 -12.15 -27.20
CA LEU A 72 -0.12 -13.41 -27.68
C LEU A 72 -0.28 -13.65 -29.17
N SER A 73 -1.50 -13.55 -29.66
CA SER A 73 -1.78 -13.79 -31.06
C SER A 73 -0.97 -12.96 -32.04
N THR A 74 -0.76 -11.68 -31.71
CA THR A 74 -0.02 -10.80 -32.61
C THR A 74 1.43 -11.23 -32.74
N GLN A 75 2.02 -11.67 -31.63
CA GLN A 75 3.41 -12.13 -31.67
C GLN A 75 3.51 -13.37 -32.54
N LYS A 76 2.56 -14.29 -32.36
CA LYS A 76 2.57 -15.51 -33.14
C LYS A 76 2.47 -15.16 -34.62
N ALA A 77 1.55 -14.25 -34.92
CA ALA A 77 1.34 -13.81 -36.30
C ALA A 77 2.62 -13.29 -36.91
N ALA A 78 3.33 -12.45 -36.16
CA ALA A 78 4.60 -11.87 -36.61
C ALA A 78 5.64 -12.96 -36.86
N LEU A 79 5.72 -13.91 -35.94
CA LEU A 79 6.67 -15.02 -36.05
C LEU A 79 6.34 -15.89 -37.27
N ASN A 80 5.07 -15.97 -37.64
CA ASN A 80 4.69 -16.74 -38.81
C ASN A 80 5.37 -16.17 -40.04
N LEU A 81 5.41 -14.84 -40.10
CA LEU A 81 6.02 -14.12 -41.20
C LEU A 81 7.54 -13.89 -41.02
N GLY A 82 8.11 -14.44 -39.95
CA GLY A 82 9.54 -14.29 -39.72
C GLY A 82 10.07 -12.93 -39.25
N MET A 83 9.17 -12.09 -38.75
CA MET A 83 9.57 -10.78 -38.27
C MET A 83 10.24 -10.83 -36.90
N ASN A 84 10.80 -9.69 -36.50
CA ASN A 84 11.43 -9.53 -35.20
C ASN A 84 10.31 -8.89 -34.38
N VAL A 85 10.21 -9.23 -33.11
CA VAL A 85 9.14 -8.69 -32.31
C VAL A 85 9.62 -8.01 -31.05
N ILE A 86 9.02 -6.87 -30.74
CA ILE A 86 9.35 -6.15 -29.54
C ILE A 86 8.03 -5.77 -28.94
N VAL A 87 7.78 -6.21 -27.72
CA VAL A 87 6.53 -5.89 -27.05
C VAL A 87 6.90 -4.89 -26.00
N LEU A 88 6.13 -3.82 -25.94
CA LEU A 88 6.43 -2.75 -25.00
C LEU A 88 5.21 -2.35 -24.21
N ASP A 89 5.36 -2.39 -22.89
CA ASP A 89 4.28 -2.01 -22.02
C ASP A 89 4.63 -0.70 -21.39
N ILE A 90 4.14 0.39 -21.97
CA ILE A 90 4.39 1.70 -21.42
C ILE A 90 3.85 1.68 -19.99
N ASN A 91 4.28 2.61 -19.16
CA ASN A 91 3.82 2.67 -17.78
C ASN A 91 4.52 1.64 -16.94
N GLN A 92 4.68 0.45 -17.49
CA GLN A 92 5.39 -0.59 -16.77
C GLN A 92 6.90 -0.38 -16.90
N GLY A 93 7.41 -0.50 -18.12
CA GLY A 93 8.84 -0.34 -18.34
C GLY A 93 9.33 1.02 -18.78
N ALA A 94 8.44 1.82 -19.38
CA ALA A 94 8.83 3.14 -19.85
C ALA A 94 8.48 4.26 -18.88
N TRP A 95 8.46 5.48 -19.37
CA TRP A 95 8.12 6.64 -18.55
C TRP A 95 6.67 7.01 -18.86
N LYS A 96 5.95 7.55 -17.87
CA LYS A 96 4.56 7.96 -18.06
C LYS A 96 4.46 9.09 -19.10
N LEU A 97 3.51 8.98 -20.00
CA LEU A 97 3.38 9.98 -21.04
C LEU A 97 2.36 11.09 -20.81
N GLU A 98 2.72 12.28 -21.28
CA GLU A 98 1.86 13.46 -21.20
C GLU A 98 1.14 13.48 -22.52
N THR A 99 -0.18 13.39 -22.47
CA THR A 99 -0.98 13.37 -23.67
C THR A 99 -1.33 14.79 -24.17
N GLU A 100 -1.49 15.73 -23.24
CA GLU A 100 -1.85 17.10 -23.59
C GLU A 100 -0.70 18.06 -23.91
N ARG A 101 -0.80 18.71 -25.06
CA ARG A 101 0.22 19.65 -25.50
C ARG A 101 0.09 21.02 -24.81
N GLY A 102 1.19 21.74 -24.70
CA GLY A 102 1.16 23.06 -24.09
C GLY A 102 1.23 23.12 -22.58
N VAL A 103 1.05 21.98 -21.91
CA VAL A 103 1.11 21.93 -20.47
C VAL A 103 2.55 22.12 -19.97
N ILE A 104 2.72 22.45 -18.69
CA ILE A 104 4.07 22.57 -18.11
C ILE A 104 4.33 21.24 -17.40
N MET A 105 5.12 20.38 -18.03
CA MET A 105 5.42 19.05 -17.49
C MET A 105 6.23 19.07 -16.20
N ASP A 106 5.59 19.46 -15.10
CA ASP A 106 6.27 19.52 -13.82
C ASP A 106 5.63 18.61 -12.78
N GLY A 107 5.29 17.40 -13.18
CA GLY A 107 4.71 16.48 -12.23
C GLY A 107 4.92 15.01 -12.54
N ASP A 108 3.79 14.33 -12.62
CA ASP A 108 3.66 12.91 -12.88
C ASP A 108 4.37 12.37 -14.15
N LYS A 109 4.25 13.10 -15.26
CA LYS A 109 4.82 12.67 -16.56
C LYS A 109 6.21 13.19 -16.89
N PRO A 110 7.17 12.29 -17.18
CA PRO A 110 8.53 12.69 -17.53
C PRO A 110 8.71 12.84 -19.04
N GLU A 111 7.81 12.24 -19.81
CA GLU A 111 7.91 12.30 -21.26
C GLU A 111 6.58 12.71 -21.85
N HIS A 112 6.62 13.31 -23.03
CA HIS A 112 5.41 13.73 -23.69
C HIS A 112 5.19 12.88 -24.94
N LEU A 113 3.94 12.48 -25.15
CA LEU A 113 3.59 11.63 -26.29
C LEU A 113 4.16 12.15 -27.61
N LEU A 114 4.35 13.47 -27.69
CA LEU A 114 4.88 14.07 -28.92
C LEU A 114 6.31 13.66 -29.28
N GLU A 115 7.10 13.23 -28.30
CA GLU A 115 8.46 12.79 -28.60
C GLU A 115 8.42 11.27 -28.68
N ALA A 116 7.76 10.67 -27.69
CA ALA A 116 7.62 9.22 -27.59
C ALA A 116 7.19 8.54 -28.89
N ILE A 117 6.08 8.99 -29.47
CA ILE A 117 5.63 8.37 -30.71
C ILE A 117 6.71 8.33 -31.80
N PRO A 118 7.24 9.51 -32.20
CA PRO A 118 8.26 9.53 -33.24
C PRO A 118 9.46 8.67 -32.85
N VAL A 119 9.86 8.77 -31.58
CA VAL A 119 10.99 7.99 -31.08
C VAL A 119 10.74 6.48 -31.31
N MET A 120 9.61 5.98 -30.83
CA MET A 120 9.26 4.56 -30.98
C MET A 120 9.32 4.17 -32.46
N GLY A 121 8.87 5.07 -33.33
CA GLY A 121 8.90 4.78 -34.74
C GLY A 121 10.31 4.57 -35.29
N CYS A 122 11.30 5.12 -34.61
CA CYS A 122 12.68 4.99 -35.07
C CYS A 122 13.22 3.57 -35.09
N TYR A 123 12.77 2.76 -34.15
CA TYR A 123 13.31 1.42 -34.00
C TYR A 123 12.57 0.21 -34.55
N CYS A 124 11.55 0.42 -35.37
CA CYS A 124 10.79 -0.70 -35.93
C CYS A 124 10.37 -0.43 -37.36
N ASP A 125 9.62 -1.36 -37.94
CA ASP A 125 9.14 -1.20 -39.31
C ASP A 125 7.62 -1.04 -39.33
N ILE A 126 6.95 -1.77 -38.46
CA ILE A 126 5.49 -1.73 -38.34
C ILE A 126 5.14 -1.52 -36.88
N ILE A 127 4.07 -0.76 -36.62
CA ILE A 127 3.64 -0.50 -35.24
C ILE A 127 2.20 -0.95 -34.94
N GLY A 128 2.04 -1.60 -33.78
CA GLY A 128 0.73 -2.02 -33.33
C GLY A 128 0.47 -1.26 -32.05
N VAL A 129 -0.71 -0.68 -31.90
CA VAL A 129 -1.01 0.08 -30.69
C VAL A 129 -2.33 -0.34 -30.07
N ARG A 130 -2.39 -0.27 -28.74
CA ARG A 130 -3.61 -0.59 -28.02
C ARG A 130 -3.86 0.57 -27.11
N SER A 131 -4.97 1.26 -27.34
CA SER A 131 -5.32 2.40 -26.50
C SER A 131 -6.83 2.41 -26.31
N PHE A 132 -7.27 1.93 -25.16
CA PHE A 132 -8.68 1.88 -24.82
C PHE A 132 -9.22 3.28 -24.69
N ALA A 133 -10.52 3.43 -24.93
CA ALA A 133 -11.17 4.72 -24.79
C ALA A 133 -10.98 5.10 -23.33
N ARG A 134 -10.73 6.37 -23.05
CA ARG A 134 -10.52 6.80 -21.68
C ARG A 134 -11.78 7.31 -21.01
N PHE A 135 -12.85 7.46 -21.79
CA PHE A 135 -14.13 7.91 -21.26
C PHE A 135 -14.04 9.21 -20.50
N GLU A 136 -13.03 10.01 -20.82
CA GLU A 136 -12.88 11.31 -20.18
C GLU A 136 -13.59 12.32 -21.07
N ASN A 137 -13.42 12.17 -22.38
CA ASN A 137 -14.05 13.05 -23.34
C ASN A 137 -14.48 12.29 -24.59
N ARG A 138 -15.78 12.14 -24.76
CA ARG A 138 -16.31 11.41 -25.91
C ARG A 138 -15.66 11.81 -27.23
N GLU A 139 -15.60 13.11 -27.50
CA GLU A 139 -15.02 13.62 -28.73
C GLU A 139 -13.56 13.18 -28.86
N TYR A 140 -12.85 13.22 -27.73
CA TYR A 140 -11.44 12.82 -27.69
C TYR A 140 -11.31 11.36 -28.09
N ASP A 141 -12.22 10.52 -27.58
CA ASP A 141 -12.18 9.10 -27.91
C ASP A 141 -12.62 8.79 -29.33
N TYR A 142 -13.76 9.34 -29.74
CA TYR A 142 -14.24 9.06 -31.07
C TYR A 142 -13.44 9.71 -32.19
N ASN A 143 -12.68 10.73 -31.84
CA ASN A 143 -11.84 11.36 -32.86
C ASN A 143 -10.60 10.46 -33.01
N GLU A 144 -10.47 9.53 -32.07
CA GLU A 144 -9.36 8.59 -32.04
C GLU A 144 -8.04 9.36 -32.11
N VAL A 145 -7.90 10.31 -31.19
CA VAL A 145 -6.73 11.17 -31.12
C VAL A 145 -5.41 10.41 -31.07
N ILE A 146 -5.23 9.65 -30.00
CA ILE A 146 -4.00 8.88 -29.80
C ILE A 146 -3.65 7.97 -30.98
N ILE A 147 -4.55 7.07 -31.37
CA ILE A 147 -4.25 6.16 -32.47
C ILE A 147 -3.91 6.97 -33.72
N ASN A 148 -4.50 8.16 -33.86
CA ASN A 148 -4.22 8.99 -35.03
C ASN A 148 -2.89 9.71 -34.97
N GLN A 149 -2.44 10.03 -33.75
CA GLN A 149 -1.15 10.70 -33.57
C GLN A 149 -0.04 9.71 -33.89
N PHE A 150 -0.28 8.43 -33.64
CA PHE A 150 0.71 7.43 -33.97
C PHE A 150 0.78 7.37 -35.48
N ILE A 151 -0.36 7.47 -36.13
CA ILE A 151 -0.36 7.39 -37.59
C ILE A 151 0.35 8.60 -38.18
N GLN A 152 0.14 9.77 -37.59
CA GLN A 152 0.76 10.98 -38.08
C GLN A 152 2.25 11.11 -37.78
N HIS A 153 2.65 10.85 -36.54
CA HIS A 153 4.06 11.00 -36.14
C HIS A 153 5.01 9.80 -36.03
N SER A 154 4.50 8.58 -36.00
CA SER A 154 5.38 7.40 -35.89
C SER A 154 6.28 7.28 -37.11
N GLY A 155 5.76 7.63 -38.27
CA GLY A 155 6.53 7.52 -39.49
C GLY A 155 6.59 6.07 -39.92
N ARG A 156 5.65 5.28 -39.40
CA ARG A 156 5.56 3.86 -39.70
C ARG A 156 4.10 3.41 -39.90
N PRO A 157 3.90 2.24 -40.53
CA PRO A 157 2.54 1.72 -40.74
C PRO A 157 1.97 1.38 -39.37
N VAL A 158 0.76 1.84 -39.07
CA VAL A 158 0.17 1.57 -37.77
C VAL A 158 -1.11 0.72 -37.87
N PHE A 159 -1.16 -0.36 -37.11
CA PHE A 159 -2.36 -1.20 -37.08
C PHE A 159 -2.93 -1.16 -35.68
N SER A 160 -4.25 -1.24 -35.57
CA SER A 160 -4.90 -1.17 -34.27
C SER A 160 -4.92 -2.50 -33.50
N MET A 161 -4.67 -2.40 -32.20
CA MET A 161 -4.70 -3.57 -31.31
C MET A 161 -5.89 -3.32 -30.37
N GLU A 162 -6.73 -2.40 -30.84
CA GLU A 162 -7.96 -1.94 -30.20
C GLU A 162 -7.79 -0.48 -29.83
N ALA A 163 -8.44 0.37 -30.61
CA ALA A 163 -8.42 1.81 -30.38
C ALA A 163 -9.60 2.16 -29.47
N ALA A 164 -9.95 3.44 -29.41
CA ALA A 164 -11.05 3.86 -28.54
C ALA A 164 -12.42 3.49 -29.08
N THR A 165 -12.53 3.34 -30.41
CA THR A 165 -13.81 3.04 -31.02
C THR A 165 -13.85 1.91 -32.05
N ARG A 166 -12.75 1.18 -32.22
CA ARG A 166 -12.75 0.05 -33.15
C ARG A 166 -11.82 -1.02 -32.61
N HIS A 167 -11.69 -2.12 -33.34
CA HIS A 167 -10.82 -3.23 -32.96
C HIS A 167 -10.85 -4.15 -34.16
N PRO A 168 -10.45 -3.64 -35.33
CA PRO A 168 -10.44 -4.39 -36.58
C PRO A 168 -9.83 -5.78 -36.54
N LEU A 169 -8.75 -5.96 -35.80
CA LEU A 169 -8.09 -7.27 -35.74
C LEU A 169 -9.02 -8.32 -35.17
N GLN A 170 -9.89 -7.90 -34.25
CA GLN A 170 -10.87 -8.80 -33.65
C GLN A 170 -11.99 -9.11 -34.65
N SER A 171 -12.64 -8.06 -35.15
CA SER A 171 -13.72 -8.21 -36.10
C SER A 171 -13.35 -8.94 -37.38
N PHE A 172 -12.10 -8.84 -37.80
CA PHE A 172 -11.64 -9.54 -39.00
C PHE A 172 -11.54 -11.01 -38.62
N ALA A 173 -11.23 -11.24 -37.35
CA ALA A 173 -11.12 -12.60 -36.82
C ALA A 173 -12.52 -13.21 -36.79
N ASP A 174 -13.48 -12.39 -36.37
CA ASP A 174 -14.89 -12.80 -36.30
C ASP A 174 -15.43 -13.14 -37.68
N LEU A 175 -15.09 -12.31 -38.67
CA LEU A 175 -15.55 -12.54 -40.04
C LEU A 175 -15.00 -13.86 -40.53
N ILE A 176 -13.72 -14.13 -40.28
CA ILE A 176 -13.11 -15.38 -40.71
C ILE A 176 -13.81 -16.56 -40.06
N THR A 177 -14.05 -16.49 -38.76
CA THR A 177 -14.71 -17.59 -38.08
C THR A 177 -16.18 -17.80 -38.50
N ILE A 178 -16.98 -16.74 -38.59
CA ILE A 178 -18.37 -16.90 -39.04
C ILE A 178 -18.43 -17.55 -40.43
N GLU A 179 -17.52 -17.13 -41.31
CA GLU A 179 -17.45 -17.70 -42.66
C GLU A 179 -17.02 -19.14 -42.60
N GLU A 180 -16.26 -19.45 -41.55
CA GLU A 180 -15.72 -20.78 -41.33
C GLU A 180 -16.76 -21.79 -40.84
N TYR A 181 -17.74 -21.32 -40.06
CA TYR A 181 -18.79 -22.20 -39.52
C TYR A 181 -20.22 -22.01 -40.04
N LYS A 182 -20.51 -20.89 -40.71
CA LYS A 182 -21.87 -20.65 -41.17
C LYS A 182 -22.38 -21.84 -42.00
N LYS A 183 -23.69 -22.08 -41.92
CA LYS A 183 -24.34 -23.18 -42.61
C LYS A 183 -25.12 -22.76 -43.84
N THR A 184 -25.21 -21.45 -44.06
CA THR A 184 -25.91 -20.90 -45.22
C THR A 184 -25.06 -19.76 -45.76
N ALA A 185 -25.42 -19.23 -46.92
CA ALA A 185 -24.64 -18.16 -47.51
C ALA A 185 -24.79 -16.81 -46.82
N ARG A 186 -25.92 -16.55 -46.19
CA ARG A 186 -26.12 -15.27 -45.54
C ARG A 186 -26.83 -15.43 -44.21
N PRO A 187 -26.11 -15.94 -43.20
CA PRO A 187 -26.64 -16.18 -41.85
C PRO A 187 -27.21 -14.97 -41.15
N LYS A 188 -28.02 -15.21 -40.13
CA LYS A 188 -28.58 -14.13 -39.35
C LYS A 188 -27.61 -14.01 -38.18
N VAL A 189 -26.93 -12.89 -38.10
CA VAL A 189 -25.97 -12.68 -37.03
C VAL A 189 -26.50 -11.59 -36.12
N VAL A 190 -26.75 -11.96 -34.87
CA VAL A 190 -27.25 -11.01 -33.90
C VAL A 190 -26.17 -10.65 -32.90
N MET A 191 -26.00 -9.36 -32.64
CA MET A 191 -25.03 -8.93 -31.66
C MET A 191 -25.85 -8.45 -30.47
N THR A 192 -25.66 -9.08 -29.32
CA THR A 192 -26.43 -8.70 -28.15
C THR A 192 -25.63 -8.15 -26.98
N TRP A 193 -26.19 -7.12 -26.36
CA TRP A 193 -25.58 -6.51 -25.20
C TRP A 193 -25.67 -7.55 -24.10
N ALA A 194 -25.12 -7.24 -22.93
CA ALA A 194 -25.15 -8.13 -21.78
C ALA A 194 -24.61 -7.31 -20.62
N PRO A 195 -25.03 -7.64 -19.38
CA PRO A 195 -24.61 -6.94 -18.17
C PRO A 195 -23.14 -7.12 -17.79
N HIS A 196 -22.57 -6.08 -17.20
CA HIS A 196 -21.17 -6.09 -16.78
C HIS A 196 -21.06 -5.18 -15.56
N PRO A 197 -20.14 -5.50 -14.64
CA PRO A 197 -19.94 -4.71 -13.41
C PRO A 197 -19.17 -3.40 -13.60
N ARG A 198 -18.47 -3.28 -14.73
CA ARG A 198 -17.67 -2.09 -15.02
C ARG A 198 -17.99 -1.53 -16.41
N PRO A 199 -17.72 -0.23 -16.64
CA PRO A 199 -17.99 0.42 -17.92
C PRO A 199 -16.94 0.08 -18.99
N LEU A 200 -17.38 -0.54 -20.08
CA LEU A 200 -16.47 -0.93 -21.17
C LEU A 200 -16.64 -0.12 -22.45
N PRO A 201 -15.56 0.01 -23.24
CA PRO A 201 -15.53 0.75 -24.50
C PRO A 201 -16.47 0.10 -25.51
N GLN A 202 -17.06 0.92 -26.38
CA GLN A 202 -17.96 0.37 -27.39
C GLN A 202 -17.16 0.01 -28.63
N ALA A 203 -15.86 -0.15 -28.45
CA ALA A 203 -14.95 -0.48 -29.54
C ALA A 203 -15.28 -1.81 -30.24
N VAL A 204 -15.41 -2.88 -29.46
CA VAL A 204 -15.71 -4.20 -30.03
C VAL A 204 -17.06 -4.19 -30.75
N PRO A 205 -18.10 -3.62 -30.11
CA PRO A 205 -19.42 -3.58 -30.75
C PRO A 205 -19.32 -2.79 -32.05
N ASN A 206 -18.87 -1.54 -31.94
CA ASN A 206 -18.71 -0.66 -33.11
C ASN A 206 -18.04 -1.43 -34.22
N SER A 207 -16.88 -1.98 -33.89
CA SER A 207 -16.06 -2.73 -34.82
C SER A 207 -16.79 -3.93 -35.43
N PHE A 208 -17.57 -4.64 -34.60
CA PHE A 208 -18.31 -5.81 -35.07
C PHE A 208 -19.36 -5.34 -36.09
N ALA A 209 -20.16 -4.36 -35.65
CA ALA A 209 -21.20 -3.78 -36.48
C ALA A 209 -20.60 -3.38 -37.81
N GLU A 210 -19.53 -2.60 -37.75
CA GLU A 210 -18.86 -2.13 -38.93
C GLU A 210 -18.47 -3.24 -39.91
N TRP A 211 -17.92 -4.33 -39.39
CA TRP A 211 -17.56 -5.42 -40.27
C TRP A 211 -18.78 -6.18 -40.78
N MET A 212 -19.77 -6.36 -39.92
CA MET A 212 -20.98 -7.07 -40.33
C MET A 212 -21.66 -6.25 -41.41
N ASN A 213 -21.80 -4.94 -41.18
CA ASN A 213 -22.44 -4.10 -42.17
C ASN A 213 -21.79 -4.15 -43.55
N ALA A 214 -20.57 -4.69 -43.63
CA ALA A 214 -19.88 -4.78 -44.91
C ALA A 214 -20.09 -6.14 -45.56
N THR A 215 -20.90 -6.99 -44.91
CA THR A 215 -21.20 -8.34 -45.38
C THR A 215 -22.64 -8.47 -45.84
N ASP A 216 -22.93 -9.57 -46.55
CA ASP A 216 -24.27 -9.85 -47.04
C ASP A 216 -25.10 -10.59 -45.99
N TYR A 217 -24.60 -10.60 -44.76
CA TYR A 217 -25.29 -11.27 -43.66
C TYR A 217 -26.56 -10.48 -43.27
N GLU A 218 -27.42 -11.09 -42.45
CA GLU A 218 -28.62 -10.43 -41.95
C GLU A 218 -28.21 -10.00 -40.55
N PHE A 219 -27.77 -8.75 -40.43
CA PHE A 219 -27.27 -8.24 -39.15
C PHE A 219 -28.27 -7.49 -38.29
N VAL A 220 -28.35 -7.90 -37.03
CA VAL A 220 -29.25 -7.30 -36.06
C VAL A 220 -28.48 -6.97 -34.79
N ILE A 221 -28.82 -5.84 -34.17
CA ILE A 221 -28.16 -5.43 -32.94
C ILE A 221 -29.27 -5.32 -31.93
N THR A 222 -29.04 -5.83 -30.72
CA THR A 222 -30.03 -5.78 -29.66
C THR A 222 -29.36 -5.35 -28.37
N HIS A 223 -29.99 -4.41 -27.68
CA HIS A 223 -29.46 -3.91 -26.43
C HIS A 223 -30.57 -3.22 -25.65
N PRO A 224 -30.35 -2.94 -24.36
CA PRO A 224 -31.36 -2.26 -23.56
C PRO A 224 -31.56 -0.85 -24.08
N GLU A 225 -32.65 -0.22 -23.65
CA GLU A 225 -32.92 1.14 -24.05
C GLU A 225 -31.86 2.01 -23.39
N GLY A 226 -31.23 2.88 -24.17
CA GLY A 226 -30.19 3.75 -23.63
C GLY A 226 -28.81 3.39 -24.13
N TYR A 227 -28.69 2.18 -24.66
CA TYR A 227 -27.41 1.69 -25.16
C TYR A 227 -27.23 1.75 -26.66
N GLU A 228 -27.85 2.72 -27.34
CA GLU A 228 -27.67 2.78 -28.79
C GLU A 228 -26.28 3.29 -29.09
N LEU A 229 -25.65 2.65 -30.07
CA LEU A 229 -24.30 2.96 -30.49
C LEU A 229 -24.24 4.10 -31.48
N ASP A 230 -23.02 4.48 -31.88
CA ASP A 230 -22.82 5.56 -32.83
C ASP A 230 -23.46 5.17 -34.15
N PRO A 231 -24.35 6.03 -34.66
CA PRO A 231 -25.05 5.80 -35.92
C PRO A 231 -24.09 5.45 -37.03
N LYS A 232 -22.90 6.08 -37.03
CA LYS A 232 -21.94 5.80 -38.08
C LYS A 232 -21.52 4.33 -38.08
N PHE A 233 -21.61 3.70 -36.91
CA PHE A 233 -21.27 2.30 -36.78
C PHE A 233 -22.50 1.42 -37.00
N VAL A 234 -23.61 1.78 -36.36
CA VAL A 234 -24.87 1.03 -36.48
C VAL A 234 -25.27 0.86 -37.93
N GLY A 235 -25.10 1.92 -38.72
CA GLY A 235 -25.46 1.88 -40.13
C GLY A 235 -26.91 1.50 -40.31
N ASN A 236 -27.18 0.70 -41.33
CA ASN A 236 -28.56 0.29 -41.57
C ASN A 236 -28.83 -1.08 -40.96
N ALA A 237 -28.23 -1.33 -39.79
CA ALA A 237 -28.44 -2.60 -39.11
C ALA A 237 -29.71 -2.53 -38.30
N ARG A 238 -30.47 -3.62 -38.30
CA ARG A 238 -31.73 -3.68 -37.56
C ARG A 238 -31.45 -3.63 -36.05
N VAL A 239 -32.09 -2.72 -35.34
CA VAL A 239 -31.88 -2.65 -33.89
C VAL A 239 -33.15 -3.05 -33.14
N GLU A 240 -33.10 -4.21 -32.49
CA GLU A 240 -34.24 -4.77 -31.75
C GLU A 240 -34.06 -4.67 -30.22
N TYR A 241 -34.92 -3.89 -29.57
CA TYR A 241 -34.82 -3.73 -28.11
C TYR A 241 -35.36 -4.92 -27.33
N ASP A 242 -35.88 -5.91 -28.05
CA ASP A 242 -36.39 -7.14 -27.43
C ASP A 242 -35.39 -8.27 -27.75
N GLN A 243 -34.51 -8.53 -26.79
CA GLN A 243 -33.48 -9.55 -26.97
C GLN A 243 -34.06 -10.84 -27.53
N MET A 244 -35.03 -11.40 -26.83
CA MET A 244 -35.66 -12.65 -27.24
C MET A 244 -36.10 -12.60 -28.69
N LYS A 245 -36.66 -11.47 -29.12
CA LYS A 245 -37.11 -11.34 -30.50
C LYS A 245 -35.93 -11.43 -31.46
N ALA A 246 -34.90 -10.65 -31.18
CA ALA A 246 -33.70 -10.61 -32.00
C ALA A 246 -33.08 -12.01 -32.15
N PHE A 247 -32.97 -12.74 -31.04
CA PHE A 247 -32.39 -14.09 -31.05
C PHE A 247 -33.14 -15.11 -31.92
N GLU A 248 -34.42 -14.84 -32.20
CA GLU A 248 -35.26 -15.74 -33.00
C GLU A 248 -34.72 -16.12 -34.38
N GLY A 249 -34.36 -17.39 -34.53
CA GLY A 249 -33.86 -17.86 -35.80
C GLY A 249 -32.44 -17.41 -36.12
N ALA A 250 -31.69 -17.02 -35.09
CA ALA A 250 -30.32 -16.56 -35.29
C ALA A 250 -29.42 -17.73 -35.60
N ASP A 251 -28.36 -17.46 -36.35
CA ASP A 251 -27.38 -18.48 -36.70
C ASP A 251 -26.14 -18.26 -35.84
N PHE A 252 -25.88 -16.99 -35.51
CA PHE A 252 -24.74 -16.63 -34.66
C PHE A 252 -25.15 -15.61 -33.61
N ILE A 253 -24.67 -15.80 -32.39
CA ILE A 253 -24.95 -14.87 -31.30
C ILE A 253 -23.60 -14.33 -30.87
N TYR A 254 -23.39 -13.04 -31.08
CA TYR A 254 -22.15 -12.35 -30.74
C TYR A 254 -22.44 -11.44 -29.55
N ALA A 255 -22.21 -11.95 -28.35
CA ALA A 255 -22.47 -11.17 -27.15
C ALA A 255 -21.29 -10.29 -26.79
N LYS A 256 -21.57 -9.13 -26.22
CA LYS A 256 -20.53 -8.20 -25.80
C LYS A 256 -21.13 -7.06 -25.03
N ASN A 257 -20.46 -6.64 -23.96
CA ASN A 257 -20.98 -5.52 -23.17
C ASN A 257 -20.34 -4.21 -23.63
N TRP A 258 -21.00 -3.10 -23.29
CA TRP A 258 -20.49 -1.78 -23.61
C TRP A 258 -21.24 -0.75 -22.79
N ALA A 259 -20.52 0.26 -22.31
CA ALA A 259 -21.14 1.30 -21.52
C ALA A 259 -21.92 2.24 -22.43
N ALA A 260 -22.73 3.09 -21.83
CA ALA A 260 -23.55 4.04 -22.59
C ALA A 260 -22.71 4.87 -23.57
N TYR A 261 -23.37 5.37 -24.60
CA TYR A 261 -22.69 6.16 -25.62
C TYR A 261 -23.38 7.49 -25.89
N LEU A 262 -24.71 7.52 -25.74
CA LEU A 262 -25.48 8.73 -25.99
C LEU A 262 -25.24 9.88 -25.04
N GLY A 263 -25.41 11.09 -25.56
CA GLY A 263 -25.21 12.31 -24.79
C GLY A 263 -24.66 12.24 -23.37
N ASP A 264 -25.51 12.60 -22.41
CA ASP A 264 -25.17 12.68 -20.98
C ASP A 264 -24.76 11.42 -20.24
N ASN A 265 -24.65 10.31 -20.95
CA ASN A 265 -24.27 9.07 -20.27
C ASN A 265 -23.00 8.43 -20.85
N TYR A 266 -22.25 9.19 -21.64
CA TYR A 266 -21.05 8.62 -22.23
C TYR A 266 -20.18 7.92 -21.20
N GLY A 267 -19.77 6.70 -21.55
CA GLY A 267 -18.92 5.89 -20.69
C GLY A 267 -19.52 5.49 -19.36
N GLN A 268 -20.84 5.36 -19.31
CA GLN A 268 -21.52 4.99 -18.08
C GLN A 268 -22.31 3.70 -18.15
N ILE A 269 -22.59 3.16 -16.97
CA ILE A 269 -23.35 1.92 -16.82
C ILE A 269 -24.80 2.27 -16.50
N LEU A 270 -25.67 2.13 -17.49
CA LEU A 270 -27.07 2.43 -17.30
C LEU A 270 -27.80 1.26 -16.67
N SER A 271 -27.38 0.04 -17.02
CA SER A 271 -28.01 -1.17 -16.50
C SER A 271 -27.11 -2.38 -16.31
N THR A 272 -27.50 -3.22 -15.37
CA THR A 272 -26.80 -4.46 -15.07
C THR A 272 -27.87 -5.56 -15.01
N ASP A 273 -28.94 -5.32 -15.76
CA ASP A 273 -30.09 -6.22 -15.86
C ASP A 273 -29.60 -7.62 -16.24
N ARG A 274 -29.71 -8.57 -15.33
CA ARG A 274 -29.25 -9.92 -15.62
C ARG A 274 -30.13 -10.73 -16.55
N ASN A 275 -31.28 -10.18 -16.94
CA ASN A 275 -32.16 -10.91 -17.84
C ASN A 275 -31.52 -10.96 -19.21
N TRP A 276 -30.51 -10.13 -19.41
CA TRP A 276 -29.80 -10.08 -20.69
C TRP A 276 -28.64 -11.07 -20.74
N THR A 277 -28.24 -11.58 -19.59
CA THR A 277 -27.16 -12.56 -19.55
C THR A 277 -27.54 -13.67 -20.52
N VAL A 278 -26.74 -13.89 -21.54
CA VAL A 278 -27.05 -14.93 -22.50
C VAL A 278 -27.01 -16.31 -21.88
N GLY A 279 -28.17 -16.92 -21.75
CA GLY A 279 -28.28 -18.24 -21.19
C GLY A 279 -29.05 -19.16 -22.12
N ASP A 280 -29.31 -20.38 -21.66
CA ASP A 280 -30.03 -21.35 -22.47
C ASP A 280 -31.41 -20.86 -22.89
N ARG A 281 -32.00 -20.03 -22.04
CA ARG A 281 -33.32 -19.46 -22.33
C ARG A 281 -33.33 -18.79 -23.70
N GLN A 282 -32.36 -17.89 -23.94
CA GLN A 282 -32.29 -17.16 -25.20
C GLN A 282 -31.76 -18.00 -26.35
N MET A 283 -30.77 -18.83 -26.07
CA MET A 283 -30.20 -19.66 -27.13
C MET A 283 -31.25 -20.58 -27.68
N ALA A 284 -32.15 -21.02 -26.82
CA ALA A 284 -33.23 -21.93 -27.18
C ALA A 284 -34.01 -21.43 -28.40
N VAL A 285 -34.29 -20.14 -28.40
CA VAL A 285 -35.05 -19.48 -29.46
C VAL A 285 -34.28 -19.23 -30.75
N THR A 286 -33.00 -19.56 -30.79
CA THR A 286 -32.23 -19.32 -32.02
C THR A 286 -32.32 -20.54 -32.92
N ASN A 287 -31.67 -20.47 -34.07
CA ASN A 287 -31.66 -21.60 -34.99
C ASN A 287 -30.39 -22.38 -34.71
N ASN A 288 -30.28 -22.92 -33.51
CA ASN A 288 -29.10 -23.67 -33.11
C ASN A 288 -27.92 -22.75 -33.40
N ALA A 289 -28.05 -21.50 -32.95
CA ALA A 289 -27.01 -20.51 -33.19
C ALA A 289 -25.73 -20.79 -32.42
N TYR A 290 -24.61 -20.49 -33.08
CA TYR A 290 -23.31 -20.64 -32.47
C TYR A 290 -23.20 -19.52 -31.46
N PHE A 291 -22.36 -19.69 -30.44
CA PHE A 291 -22.17 -18.60 -29.50
C PHE A 291 -20.75 -18.07 -29.66
N MET A 292 -20.64 -16.76 -29.81
CA MET A 292 -19.36 -16.11 -29.99
C MET A 292 -19.12 -14.98 -29.01
N HIS A 293 -17.86 -14.71 -28.75
CA HIS A 293 -17.44 -13.63 -27.88
C HIS A 293 -15.95 -13.43 -28.10
N CYS A 294 -15.54 -12.17 -28.19
CA CYS A 294 -14.14 -11.85 -28.42
C CYS A 294 -13.26 -12.25 -27.23
N LEU A 295 -13.81 -12.23 -26.02
CA LEU A 295 -13.07 -12.57 -24.80
C LEU A 295 -12.20 -11.37 -24.45
N PRO A 296 -11.93 -11.14 -23.15
CA PRO A 296 -12.31 -11.85 -21.92
C PRO A 296 -13.80 -11.83 -21.66
N VAL A 297 -14.31 -12.90 -21.08
CA VAL A 297 -15.74 -12.99 -20.78
C VAL A 297 -15.96 -13.23 -19.31
N ARG A 298 -16.84 -12.46 -18.71
CA ARG A 298 -17.15 -12.69 -17.31
C ARG A 298 -18.31 -13.71 -17.33
N ARG A 299 -18.06 -14.90 -16.83
CA ARG A 299 -19.08 -15.95 -16.81
C ARG A 299 -20.20 -15.59 -15.84
N ASN A 300 -21.43 -15.96 -16.23
CA ASN A 300 -22.62 -15.69 -15.43
C ASN A 300 -22.93 -14.20 -15.28
N MET A 301 -22.49 -13.44 -16.29
CA MET A 301 -22.70 -12.00 -16.37
C MET A 301 -23.01 -11.73 -17.83
N ILE A 302 -22.09 -12.16 -18.68
CA ILE A 302 -22.26 -11.99 -20.12
C ILE A 302 -22.97 -13.22 -20.65
N VAL A 303 -22.46 -14.38 -20.26
CA VAL A 303 -23.03 -15.63 -20.72
C VAL A 303 -22.97 -16.70 -19.64
N THR A 304 -23.89 -17.65 -19.75
CA THR A 304 -24.03 -18.78 -18.83
C THR A 304 -22.92 -19.80 -18.96
N ASP A 305 -22.50 -20.38 -17.83
CA ASP A 305 -21.46 -21.39 -17.84
C ASP A 305 -21.81 -22.41 -18.91
N ASP A 306 -23.08 -22.79 -18.93
CA ASP A 306 -23.58 -23.78 -19.87
C ASP A 306 -23.54 -23.39 -21.33
N VAL A 307 -23.93 -22.16 -21.66
CA VAL A 307 -23.92 -21.75 -23.05
C VAL A 307 -22.48 -21.70 -23.58
N ILE A 308 -21.57 -21.11 -22.81
CA ILE A 308 -20.18 -21.01 -23.24
C ILE A 308 -19.51 -22.38 -23.31
N GLU A 309 -19.90 -23.28 -22.40
CA GLU A 309 -19.34 -24.62 -22.40
C GLU A 309 -20.09 -25.51 -23.39
N SER A 310 -21.22 -25.03 -23.90
CA SER A 310 -22.02 -25.81 -24.83
C SER A 310 -21.25 -26.04 -26.13
N PRO A 311 -21.67 -27.04 -26.92
CA PRO A 311 -20.99 -27.33 -28.18
C PRO A 311 -21.25 -26.33 -29.29
N GLN A 312 -22.21 -25.43 -29.08
CA GLN A 312 -22.53 -24.41 -30.07
C GLN A 312 -21.55 -23.25 -29.91
N SER A 313 -20.91 -23.19 -28.75
CA SER A 313 -19.95 -22.15 -28.45
C SER A 313 -18.66 -22.40 -29.22
N ILE A 314 -18.27 -21.42 -30.04
CA ILE A 314 -17.03 -21.52 -30.81
C ILE A 314 -16.08 -20.40 -30.39
N VAL A 315 -16.21 -20.01 -29.13
CA VAL A 315 -15.39 -18.97 -28.53
C VAL A 315 -13.89 -19.19 -28.76
N ILE A 316 -13.44 -20.42 -28.63
CA ILE A 316 -12.04 -20.71 -28.81
C ILE A 316 -11.60 -20.77 -30.27
N PRO A 317 -12.37 -21.42 -31.14
CA PRO A 317 -11.93 -21.44 -32.55
C PRO A 317 -11.89 -20.00 -33.07
N GLU A 318 -12.71 -19.15 -32.43
CA GLU A 318 -12.82 -17.74 -32.77
C GLU A 318 -11.51 -17.10 -32.37
N ALA A 319 -11.14 -17.29 -31.09
CA ALA A 319 -9.89 -16.74 -30.56
C ALA A 319 -8.72 -17.22 -31.40
N ALA A 320 -8.76 -18.46 -31.81
CA ALA A 320 -7.67 -19.01 -32.59
C ALA A 320 -7.51 -18.22 -33.87
N ASN A 321 -8.63 -17.71 -34.40
CA ASN A 321 -8.60 -16.96 -35.65
C ASN A 321 -7.91 -15.61 -35.52
N ARG A 322 -7.76 -15.13 -34.29
CA ARG A 322 -7.08 -13.87 -34.04
C ARG A 322 -5.68 -13.96 -34.66
N GLU A 323 -5.04 -15.12 -34.54
CA GLU A 323 -3.71 -15.31 -35.11
C GLU A 323 -3.74 -15.14 -36.63
N ILE A 324 -4.84 -15.57 -37.26
CA ILE A 324 -4.96 -15.46 -38.72
C ILE A 324 -5.20 -14.03 -39.18
N SER A 325 -6.13 -13.34 -38.54
CA SER A 325 -6.42 -11.97 -38.93
C SER A 325 -5.13 -11.13 -38.85
N ALA A 326 -4.43 -11.24 -37.73
CA ALA A 326 -3.19 -10.50 -37.53
C ALA A 326 -2.12 -10.94 -38.53
N THR A 327 -2.07 -12.23 -38.88
CA THR A 327 -1.06 -12.68 -39.83
C THR A 327 -1.36 -12.12 -41.22
N VAL A 328 -2.64 -12.01 -41.57
CA VAL A 328 -2.98 -11.47 -42.89
C VAL A 328 -2.67 -9.96 -42.94
N VAL A 329 -3.10 -9.23 -41.91
CA VAL A 329 -2.84 -7.80 -41.86
C VAL A 329 -1.34 -7.53 -41.90
N LEU A 330 -0.58 -8.20 -41.04
CA LEU A 330 0.88 -8.01 -41.00
C LEU A 330 1.50 -8.33 -42.35
N LYS A 331 0.96 -9.33 -43.03
CA LYS A 331 1.49 -9.70 -44.33
C LYS A 331 1.26 -8.57 -45.35
N ARG A 332 0.04 -8.04 -45.41
CA ARG A 332 -0.28 -6.97 -46.36
C ARG A 332 0.65 -5.77 -46.11
N LEU A 333 0.78 -5.40 -44.83
CA LEU A 333 1.64 -4.30 -44.41
C LEU A 333 3.07 -4.57 -44.88
N LEU A 334 3.57 -5.77 -44.59
CA LEU A 334 4.92 -6.09 -45.02
C LEU A 334 5.04 -5.89 -46.54
N GLU A 335 4.10 -6.47 -47.29
CA GLU A 335 4.10 -6.38 -48.75
C GLU A 335 4.06 -4.95 -49.27
N ASN A 336 3.65 -4.01 -48.43
CA ASN A 336 3.56 -2.63 -48.86
C ASN A 336 4.60 -1.68 -48.24
N LEU A 337 5.64 -2.26 -47.63
CA LEU A 337 6.69 -1.47 -47.02
C LEU A 337 7.63 -1.03 -48.12
N PRO A 338 8.30 0.12 -47.94
CA PRO A 338 9.23 0.62 -48.95
C PRO A 338 10.41 -0.33 -49.17
N ARG B 17 42.80 -1.00 -29.73
CA ARG B 17 42.02 -0.74 -28.48
C ARG B 17 40.51 -0.80 -28.72
N GLY B 18 40.08 -0.47 -29.93
CA GLY B 18 38.68 -0.54 -30.25
C GLY B 18 38.35 -1.94 -30.75
N SER B 19 39.41 -2.68 -31.10
CA SER B 19 39.31 -4.05 -31.59
C SER B 19 39.52 -4.99 -30.41
N HIS B 20 39.52 -4.41 -29.22
CA HIS B 20 39.70 -5.17 -28.00
C HIS B 20 38.67 -4.68 -27.00
N MET B 21 37.42 -4.60 -27.44
CA MET B 21 36.37 -4.15 -26.55
C MET B 21 35.95 -5.28 -25.62
N LYS B 22 36.21 -5.10 -24.33
CA LYS B 22 35.88 -6.08 -23.30
C LYS B 22 34.65 -5.63 -22.53
N LYS B 23 34.35 -4.33 -22.62
CA LYS B 23 33.19 -3.72 -21.96
C LYS B 23 32.90 -2.39 -22.65
N PHE B 24 31.91 -1.67 -22.16
CA PHE B 24 31.57 -0.36 -22.73
C PHE B 24 30.87 0.48 -21.66
N THR B 25 31.64 1.22 -20.89
CA THR B 25 31.09 2.05 -19.84
C THR B 25 31.51 3.50 -19.98
N CYS B 26 32.59 3.76 -20.71
CA CYS B 26 33.11 5.11 -20.89
C CYS B 26 33.67 5.30 -22.31
N VAL B 27 33.97 6.54 -22.70
CA VAL B 27 34.51 6.83 -24.03
C VAL B 27 35.81 6.08 -24.40
N GLN B 28 36.64 5.80 -23.41
CA GLN B 28 37.89 5.08 -23.66
C GLN B 28 37.63 3.73 -24.36
N ASP B 29 36.56 3.05 -23.97
CA ASP B 29 36.20 1.75 -24.51
C ASP B 29 36.00 1.69 -26.01
N ILE B 30 35.58 2.79 -26.62
CA ILE B 30 35.32 2.82 -28.07
C ILE B 30 36.57 2.98 -28.95
N GLY B 31 37.67 3.43 -28.36
CA GLY B 31 38.89 3.60 -29.14
C GLY B 31 38.88 4.85 -30.02
N ASP B 32 39.55 4.73 -31.16
CA ASP B 32 39.66 5.79 -32.12
C ASP B 32 38.28 6.28 -32.54
N LEU B 33 37.95 7.54 -32.22
CA LEU B 33 36.63 8.08 -32.58
C LEU B 33 36.44 8.14 -34.09
N LYS B 34 37.53 8.36 -34.81
CA LYS B 34 37.43 8.42 -36.26
C LYS B 34 36.83 7.15 -36.86
N SER B 35 37.41 6.01 -36.53
CA SER B 35 36.91 4.74 -37.06
C SER B 35 35.55 4.38 -36.46
N ALA B 36 35.36 4.69 -35.18
CA ALA B 36 34.10 4.41 -34.52
C ALA B 36 32.99 5.15 -35.29
N LEU B 37 33.30 6.36 -35.75
CA LEU B 37 32.34 7.13 -36.51
C LEU B 37 32.13 6.49 -37.87
N ALA B 38 33.23 6.04 -38.47
CA ALA B 38 33.18 5.37 -39.76
C ALA B 38 32.20 4.19 -39.70
N GLU B 39 32.37 3.31 -38.72
CA GLU B 39 31.46 2.17 -38.59
C GLU B 39 30.03 2.66 -38.41
N SER B 40 29.84 3.61 -37.52
CA SER B 40 28.52 4.16 -37.25
C SER B 40 27.78 4.53 -38.55
N PHE B 41 28.42 5.28 -39.44
CA PHE B 41 27.75 5.65 -40.67
C PHE B 41 27.66 4.49 -41.68
N GLU B 42 28.58 3.52 -41.61
CA GLU B 42 28.53 2.37 -42.49
C GLU B 42 27.23 1.64 -42.21
N ILE B 43 26.96 1.45 -40.92
CA ILE B 43 25.77 0.76 -40.44
C ILE B 43 24.50 1.57 -40.62
N LYS B 44 24.59 2.91 -40.61
CA LYS B 44 23.38 3.72 -40.81
C LYS B 44 22.95 3.48 -42.22
N LYS B 45 23.95 3.38 -43.09
CA LYS B 45 23.72 3.17 -44.51
C LYS B 45 23.20 1.77 -44.83
N ASP B 46 23.75 0.77 -44.15
CA ASP B 46 23.38 -0.62 -44.36
C ASP B 46 23.13 -1.31 -43.02
N ARG B 47 21.94 -1.10 -42.47
CA ARG B 47 21.55 -1.64 -41.16
C ARG B 47 21.79 -3.12 -40.86
N PHE B 48 21.47 -4.01 -41.79
CA PHE B 48 21.65 -5.44 -41.53
C PHE B 48 22.87 -6.07 -42.20
N LYS B 49 23.87 -5.26 -42.49
CA LYS B 49 25.06 -5.77 -43.12
C LYS B 49 25.76 -6.85 -42.29
N TYR B 50 25.59 -6.81 -40.96
CA TYR B 50 26.23 -7.79 -40.09
C TYR B 50 25.23 -8.68 -39.35
N VAL B 51 24.05 -8.85 -39.94
CA VAL B 51 22.99 -9.63 -39.33
C VAL B 51 23.39 -11.07 -39.06
N GLU B 52 24.51 -11.51 -39.59
CA GLU B 52 24.95 -12.88 -39.35
C GLU B 52 25.98 -13.00 -38.23
N LEU B 53 26.63 -11.90 -37.90
CA LEU B 53 27.68 -11.86 -36.89
C LEU B 53 27.30 -12.40 -35.52
N GLY B 54 26.12 -12.04 -35.02
CA GLY B 54 25.72 -12.52 -33.71
C GLY B 54 24.74 -13.66 -33.71
N ARG B 55 24.72 -14.45 -34.77
CA ARG B 55 23.81 -15.59 -34.84
C ARG B 55 24.13 -16.53 -33.69
N ASN B 56 23.08 -16.98 -33.02
CA ASN B 56 23.22 -17.87 -31.87
C ASN B 56 24.00 -17.25 -30.74
N LYS B 57 23.99 -15.91 -30.70
CA LYS B 57 24.61 -15.15 -29.64
C LYS B 57 23.46 -14.48 -28.88
N THR B 58 23.54 -14.44 -27.56
CA THR B 58 22.45 -13.92 -26.77
C THR B 58 22.70 -12.71 -25.90
N LEU B 59 21.85 -11.71 -26.06
CA LEU B 59 21.97 -10.49 -25.28
C LEU B 59 20.95 -10.44 -24.15
N LEU B 60 21.43 -10.06 -22.97
CA LEU B 60 20.61 -9.92 -21.78
C LEU B 60 20.67 -8.46 -21.36
N MET B 61 19.51 -7.81 -21.39
CA MET B 61 19.37 -6.42 -21.01
C MET B 61 18.71 -6.42 -19.64
N ILE B 62 19.34 -5.82 -18.67
CA ILE B 62 18.82 -5.79 -17.30
C ILE B 62 18.49 -4.37 -16.86
N PHE B 63 17.24 -4.14 -16.47
CA PHE B 63 16.85 -2.80 -16.03
C PHE B 63 16.51 -2.68 -14.56
N PHE B 64 17.13 -1.73 -13.88
CA PHE B 64 16.85 -1.48 -12.48
C PHE B 64 16.01 -0.21 -12.45
N ASN B 65 15.90 0.45 -13.60
CA ASN B 65 15.11 1.67 -13.74
C ASN B 65 14.35 1.67 -15.06
N SER B 66 13.38 2.59 -15.16
CA SER B 66 12.57 2.72 -16.38
C SER B 66 13.37 3.09 -17.63
N SER B 67 12.78 2.81 -18.80
CA SER B 67 13.42 3.11 -20.05
C SER B 67 12.56 2.86 -21.29
N LEU B 68 12.65 3.79 -22.23
CA LEU B 68 11.91 3.73 -23.48
C LEU B 68 12.93 3.57 -24.62
N ARG B 69 13.79 4.58 -24.73
CA ARG B 69 14.83 4.64 -25.76
C ARG B 69 15.87 3.55 -25.70
N THR B 70 16.47 3.38 -24.52
CA THR B 70 17.50 2.36 -24.35
C THR B 70 16.88 0.99 -24.51
N ARG B 71 15.75 0.79 -23.85
CA ARG B 71 15.01 -0.46 -23.95
C ARG B 71 14.73 -0.83 -25.41
N LEU B 72 14.18 0.10 -26.17
CA LEU B 72 13.86 -0.18 -27.56
C LEU B 72 15.03 -0.21 -28.56
N SER B 73 15.92 0.77 -28.47
CA SER B 73 17.01 0.85 -29.43
C SER B 73 18.06 -0.25 -29.27
N THR B 74 18.22 -0.77 -28.05
CA THR B 74 19.20 -1.82 -27.84
C THR B 74 18.70 -3.13 -28.45
N GLN B 75 17.42 -3.42 -28.25
CA GLN B 75 16.86 -4.63 -28.81
C GLN B 75 16.96 -4.58 -30.33
N LYS B 76 16.61 -3.44 -30.93
CA LYS B 76 16.69 -3.28 -32.38
C LYS B 76 18.13 -3.48 -32.82
N ALA B 77 19.06 -2.92 -32.05
CA ALA B 77 20.49 -3.03 -32.34
C ALA B 77 20.91 -4.49 -32.34
N ALA B 78 20.51 -5.19 -31.29
CA ALA B 78 20.84 -6.60 -31.17
C ALA B 78 20.34 -7.34 -32.41
N LEU B 79 19.08 -7.12 -32.77
CA LEU B 79 18.48 -7.77 -33.94
C LEU B 79 19.23 -7.45 -35.25
N ASN B 80 19.74 -6.22 -35.40
CA ASN B 80 20.49 -5.88 -36.63
C ASN B 80 21.70 -6.80 -36.78
N LEU B 81 22.14 -7.41 -35.67
CA LEU B 81 23.31 -8.29 -35.65
C LEU B 81 22.93 -9.75 -35.53
N GLY B 82 21.63 -10.02 -35.65
CA GLY B 82 21.13 -11.37 -35.58
C GLY B 82 21.20 -12.03 -34.22
N MET B 83 21.33 -11.23 -33.16
CA MET B 83 21.41 -11.80 -31.82
C MET B 83 20.04 -12.23 -31.30
N ASN B 84 20.06 -12.92 -30.16
CA ASN B 84 18.86 -13.36 -29.49
C ASN B 84 18.71 -12.32 -28.39
N VAL B 85 17.50 -11.91 -28.08
CA VAL B 85 17.32 -10.89 -27.05
C VAL B 85 16.45 -11.35 -25.88
N ILE B 86 16.88 -11.01 -24.67
CA ILE B 86 16.14 -11.33 -23.45
C ILE B 86 16.13 -10.06 -22.63
N VAL B 87 14.96 -9.46 -22.45
CA VAL B 87 14.86 -8.26 -21.65
C VAL B 87 14.29 -8.62 -20.30
N LEU B 88 15.00 -8.21 -19.26
CA LEU B 88 14.60 -8.51 -17.90
C LEU B 88 14.51 -7.27 -17.06
N ASP B 89 13.37 -7.10 -16.43
CA ASP B 89 13.16 -5.99 -15.53
C ASP B 89 13.20 -6.57 -14.15
N ILE B 90 14.31 -6.42 -13.45
CA ILE B 90 14.39 -6.94 -12.09
C ILE B 90 13.31 -6.16 -11.34
N ASN B 91 12.83 -6.72 -10.24
CA ASN B 91 11.79 -6.05 -9.45
C ASN B 91 10.42 -6.41 -10.01
N GLN B 92 10.24 -6.24 -11.32
CA GLN B 92 8.95 -6.58 -11.91
C GLN B 92 8.74 -8.09 -11.97
N GLY B 93 9.58 -8.76 -12.75
CA GLY B 93 9.43 -10.20 -12.86
C GLY B 93 10.36 -11.05 -11.99
N ALA B 94 11.38 -10.45 -11.39
CA ALA B 94 12.32 -11.22 -10.58
C ALA B 94 12.20 -10.90 -9.09
N TRP B 95 13.17 -11.32 -8.30
CA TRP B 95 13.17 -11.08 -6.87
C TRP B 95 13.99 -9.84 -6.53
N LYS B 96 13.55 -9.05 -5.55
CA LYS B 96 14.30 -7.84 -5.17
C LYS B 96 15.69 -8.26 -4.75
N LEU B 97 16.69 -7.47 -5.13
CA LEU B 97 18.05 -7.83 -4.81
C LEU B 97 18.67 -7.07 -3.64
N GLU B 98 19.43 -7.79 -2.81
CA GLU B 98 20.14 -7.21 -1.67
C GLU B 98 21.47 -6.77 -2.22
N THR B 99 21.77 -5.48 -2.08
CA THR B 99 22.99 -4.93 -2.62
C THR B 99 24.17 -4.93 -1.65
N GLU B 100 23.88 -4.93 -0.35
CA GLU B 100 24.91 -4.91 0.69
C GLU B 100 25.32 -6.30 1.15
N ARG B 101 26.62 -6.53 1.27
CA ARG B 101 27.11 -7.82 1.71
C ARG B 101 27.28 -7.86 3.23
N GLY B 102 27.04 -9.02 3.81
CA GLY B 102 27.21 -9.19 5.25
C GLY B 102 25.95 -9.04 6.07
N VAL B 103 24.94 -8.43 5.49
CA VAL B 103 23.67 -8.20 6.16
C VAL B 103 22.89 -9.50 6.27
N ILE B 104 22.02 -9.59 7.27
CA ILE B 104 21.21 -10.79 7.41
C ILE B 104 20.01 -10.57 6.52
N MET B 105 19.79 -11.46 5.57
CA MET B 105 18.67 -11.30 4.67
C MET B 105 17.36 -11.81 5.24
N ASP B 106 16.94 -11.20 6.35
CA ASP B 106 15.69 -11.58 7.02
C ASP B 106 14.54 -10.64 6.74
N GLY B 107 14.54 -10.01 5.57
CA GLY B 107 13.47 -9.10 5.27
C GLY B 107 12.94 -9.04 3.86
N ASP B 108 12.97 -7.82 3.34
CA ASP B 108 12.50 -7.44 2.02
C ASP B 108 13.10 -8.09 0.77
N LYS B 109 14.39 -8.42 0.79
CA LYS B 109 15.07 -9.05 -0.36
C LYS B 109 15.25 -10.57 -0.30
N PRO B 110 14.75 -11.29 -1.31
CA PRO B 110 14.86 -12.75 -1.37
C PRO B 110 16.19 -13.20 -1.95
N GLU B 111 16.78 -12.35 -2.79
CA GLU B 111 18.03 -12.68 -3.44
C GLU B 111 19.10 -11.61 -3.25
N HIS B 112 20.36 -12.03 -3.30
CA HIS B 112 21.46 -11.10 -3.15
C HIS B 112 22.12 -10.83 -4.50
N LEU B 113 22.59 -9.59 -4.67
CA LEU B 113 23.23 -9.17 -5.91
C LEU B 113 24.38 -10.10 -6.23
N LEU B 114 25.09 -10.54 -5.19
CA LEU B 114 26.22 -11.44 -5.35
C LEU B 114 25.87 -12.75 -6.04
N GLU B 115 24.65 -13.26 -5.89
CA GLU B 115 24.32 -14.51 -6.57
C GLU B 115 23.69 -14.19 -7.91
N ALA B 116 22.81 -13.20 -7.91
CA ALA B 116 22.09 -12.79 -9.11
C ALA B 116 23.01 -12.48 -10.29
N ILE B 117 24.04 -11.69 -10.06
CA ILE B 117 24.96 -11.32 -11.13
C ILE B 117 25.52 -12.53 -11.88
N PRO B 118 26.22 -13.43 -11.18
CA PRO B 118 26.80 -14.62 -11.81
C PRO B 118 25.72 -15.48 -12.50
N VAL B 119 24.59 -15.64 -11.82
CA VAL B 119 23.48 -16.43 -12.36
C VAL B 119 23.07 -15.87 -13.72
N MET B 120 22.83 -14.57 -13.77
CA MET B 120 22.42 -13.92 -15.00
C MET B 120 23.44 -14.17 -16.09
N GLY B 121 24.72 -14.08 -15.73
CA GLY B 121 25.78 -14.31 -16.70
C GLY B 121 25.79 -15.70 -17.31
N CYS B 122 25.18 -16.64 -16.61
CA CYS B 122 25.14 -18.00 -17.09
C CYS B 122 24.35 -18.16 -18.36
N TYR B 123 23.30 -17.37 -18.51
CA TYR B 123 22.43 -17.58 -19.65
C TYR B 123 22.54 -16.70 -20.88
N CYS B 124 23.61 -15.91 -20.96
CA CYS B 124 23.79 -15.04 -22.12
C CYS B 124 25.24 -14.92 -22.52
N ASP B 125 25.50 -14.12 -23.54
CA ASP B 125 26.85 -13.91 -24.04
C ASP B 125 27.32 -12.49 -23.76
N ILE B 126 26.39 -11.54 -23.83
CA ILE B 126 26.69 -10.14 -23.58
C ILE B 126 25.62 -9.63 -22.64
N ILE B 127 26.01 -8.74 -21.73
CA ILE B 127 25.09 -8.17 -20.77
C ILE B 127 25.02 -6.64 -20.86
N GLY B 128 23.80 -6.12 -20.79
CA GLY B 128 23.57 -4.67 -20.81
C GLY B 128 22.90 -4.32 -19.48
N VAL B 129 23.44 -3.36 -18.74
CA VAL B 129 22.85 -3.02 -17.45
C VAL B 129 22.56 -1.55 -17.25
N ARG B 130 21.33 -1.24 -16.85
CA ARG B 130 20.98 0.14 -16.55
C ARG B 130 20.78 0.22 -15.04
N SER B 131 21.57 1.05 -14.39
CA SER B 131 21.48 1.24 -12.95
C SER B 131 21.78 2.71 -12.59
N PHE B 132 20.71 3.49 -12.42
CA PHE B 132 20.84 4.92 -12.09
C PHE B 132 21.55 5.17 -10.76
N ALA B 133 22.09 6.38 -10.60
CA ALA B 133 22.73 6.74 -9.37
C ALA B 133 21.62 6.65 -8.30
N ARG B 134 21.94 6.12 -7.13
CA ARG B 134 20.95 5.98 -6.08
C ARG B 134 20.91 7.18 -5.15
N PHE B 135 21.95 8.01 -5.26
CA PHE B 135 22.08 9.22 -4.47
C PHE B 135 22.09 9.01 -2.97
N GLU B 136 22.32 7.77 -2.54
CA GLU B 136 22.35 7.47 -1.11
C GLU B 136 23.75 7.70 -0.54
N ASN B 137 24.77 7.45 -1.35
CA ASN B 137 26.15 7.59 -0.94
C ASN B 137 26.92 7.99 -2.19
N ARG B 138 27.51 9.18 -2.20
CA ARG B 138 28.25 9.65 -3.37
C ARG B 138 29.36 8.72 -3.82
N GLU B 139 30.17 8.25 -2.88
CA GLU B 139 31.28 7.36 -3.20
C GLU B 139 30.77 6.08 -3.87
N TYR B 140 29.71 5.51 -3.33
CA TYR B 140 29.12 4.30 -3.86
C TYR B 140 28.73 4.48 -5.32
N ASP B 141 28.13 5.62 -5.62
CA ASP B 141 27.70 5.95 -6.97
C ASP B 141 28.89 6.22 -7.88
N TYR B 142 29.80 7.08 -7.45
CA TYR B 142 30.94 7.39 -8.30
C TYR B 142 32.01 6.32 -8.49
N ASN B 143 32.08 5.34 -7.59
CA ASN B 143 33.03 4.24 -7.78
C ASN B 143 32.33 3.23 -8.67
N GLU B 144 31.08 3.53 -8.99
CA GLU B 144 30.26 2.68 -9.84
C GLU B 144 30.23 1.24 -9.35
N VAL B 145 30.04 1.10 -8.05
CA VAL B 145 30.01 -0.22 -7.43
C VAL B 145 29.17 -1.25 -8.16
N ILE B 146 27.88 -0.98 -8.35
CA ILE B 146 27.00 -1.92 -9.03
C ILE B 146 27.47 -2.34 -10.42
N ILE B 147 27.62 -1.37 -11.30
CA ILE B 147 28.04 -1.65 -12.67
C ILE B 147 29.37 -2.44 -12.66
N ASN B 148 30.27 -2.13 -11.73
CA ASN B 148 31.54 -2.84 -11.69
C ASN B 148 31.39 -4.26 -11.23
N GLN B 149 30.45 -4.51 -10.32
CA GLN B 149 30.19 -5.87 -9.85
C GLN B 149 29.72 -6.73 -11.02
N PHE B 150 28.91 -6.18 -11.90
CA PHE B 150 28.46 -6.93 -13.07
C PHE B 150 29.68 -7.26 -13.92
N ILE B 151 30.61 -6.33 -14.00
CA ILE B 151 31.82 -6.56 -14.78
C ILE B 151 32.73 -7.62 -14.13
N GLN B 152 32.88 -7.53 -12.81
CA GLN B 152 33.71 -8.46 -12.05
C GLN B 152 33.17 -9.88 -11.97
N HIS B 153 31.88 -10.02 -11.65
CA HIS B 153 31.28 -11.34 -11.47
C HIS B 153 30.35 -11.93 -12.50
N SER B 154 29.94 -11.17 -13.51
CA SER B 154 29.00 -11.71 -14.50
C SER B 154 29.60 -12.79 -15.38
N GLY B 155 30.88 -12.63 -15.71
CA GLY B 155 31.57 -13.59 -16.56
C GLY B 155 31.31 -13.28 -18.01
N ARG B 156 30.72 -12.11 -18.25
CA ARG B 156 30.40 -11.69 -19.60
C ARG B 156 30.79 -10.23 -19.88
N PRO B 157 30.86 -9.88 -21.17
CA PRO B 157 31.21 -8.49 -21.50
C PRO B 157 29.99 -7.65 -21.07
N VAL B 158 30.23 -6.58 -20.33
CA VAL B 158 29.12 -5.74 -19.89
C VAL B 158 29.16 -4.35 -20.50
N PHE B 159 28.00 -3.85 -20.92
CA PHE B 159 27.92 -2.51 -21.45
C PHE B 159 26.86 -1.75 -20.69
N SER B 160 27.18 -0.51 -20.36
CA SER B 160 26.30 0.36 -19.62
C SER B 160 25.08 0.82 -20.42
N MET B 161 23.89 0.76 -19.80
CA MET B 161 22.64 1.23 -20.43
C MET B 161 22.27 2.47 -19.63
N GLU B 162 23.29 2.97 -18.94
CA GLU B 162 23.31 4.15 -18.09
C GLU B 162 23.60 3.69 -16.68
N ALA B 163 24.80 4.05 -16.22
CA ALA B 163 25.25 3.71 -14.88
C ALA B 163 25.01 4.93 -13.99
N ALA B 164 25.75 5.01 -12.89
CA ALA B 164 25.56 6.09 -11.96
C ALA B 164 26.22 7.38 -12.42
N THR B 165 27.34 7.25 -13.13
CA THR B 165 28.06 8.45 -13.57
C THR B 165 28.28 8.63 -15.05
N ARG B 166 27.89 7.64 -15.86
CA ARG B 166 28.08 7.78 -17.31
C ARG B 166 26.90 7.19 -18.07
N HIS B 167 26.93 7.35 -19.38
CA HIS B 167 25.89 6.83 -20.26
C HIS B 167 26.48 6.88 -21.66
N PRO B 168 27.58 6.13 -21.90
CA PRO B 168 28.26 6.07 -23.18
C PRO B 168 27.41 5.79 -24.40
N LEU B 169 26.43 4.90 -24.30
CA LEU B 169 25.60 4.62 -25.45
C LEU B 169 24.94 5.89 -26.00
N GLN B 170 24.45 6.72 -25.09
CA GLN B 170 23.80 7.97 -25.45
C GLN B 170 24.80 8.95 -26.05
N SER B 171 25.85 9.25 -25.30
CA SER B 171 26.88 10.17 -25.74
C SER B 171 27.46 9.77 -27.09
N PHE B 172 27.61 8.47 -27.32
CA PHE B 172 28.14 7.99 -28.59
C PHE B 172 27.12 8.42 -29.68
N ALA B 173 25.82 8.29 -29.38
CA ALA B 173 24.78 8.68 -30.32
C ALA B 173 24.83 10.17 -30.52
N ASP B 174 25.10 10.89 -29.45
CA ASP B 174 25.21 12.35 -29.52
C ASP B 174 26.36 12.73 -30.47
N LEU B 175 27.51 12.06 -30.33
CA LEU B 175 28.64 12.35 -31.19
C LEU B 175 28.27 12.05 -32.64
N ILE B 176 27.63 10.89 -32.86
CA ILE B 176 27.23 10.52 -34.21
C ILE B 176 26.33 11.60 -34.80
N THR B 177 25.29 11.97 -34.06
CA THR B 177 24.37 12.96 -34.56
C THR B 177 25.02 14.31 -34.85
N ILE B 178 25.88 14.80 -33.95
CA ILE B 178 26.56 16.08 -34.17
C ILE B 178 27.45 16.02 -35.40
N GLU B 179 28.15 14.92 -35.58
CA GLU B 179 29.02 14.73 -36.75
C GLU B 179 28.18 14.65 -38.02
N GLU B 180 26.91 14.30 -37.83
CA GLU B 180 25.97 14.13 -38.92
C GLU B 180 25.34 15.45 -39.36
N TYR B 181 25.16 16.37 -38.44
CA TYR B 181 24.54 17.65 -38.77
C TYR B 181 25.48 18.86 -38.80
N LYS B 182 26.61 18.78 -38.10
CA LYS B 182 27.54 19.90 -38.03
C LYS B 182 27.86 20.47 -39.40
N LYS B 183 27.98 21.80 -39.45
CA LYS B 183 28.28 22.54 -40.68
C LYS B 183 29.77 22.86 -40.81
N THR B 184 30.49 22.77 -39.70
CA THR B 184 31.93 23.02 -39.67
C THR B 184 32.67 21.87 -38.98
N ALA B 185 33.99 21.85 -39.10
CA ALA B 185 34.78 20.78 -38.51
C ALA B 185 34.74 20.82 -37.00
N ARG B 186 34.90 22.01 -36.43
CA ARG B 186 34.91 22.14 -34.98
C ARG B 186 33.85 23.10 -34.46
N PRO B 187 32.58 22.66 -34.47
CA PRO B 187 31.47 23.49 -33.99
C PRO B 187 31.55 23.83 -32.51
N LYS B 188 30.74 24.79 -32.10
CA LYS B 188 30.67 25.21 -30.70
C LYS B 188 29.49 24.45 -30.11
N VAL B 189 29.79 23.51 -29.24
CA VAL B 189 28.76 22.70 -28.61
C VAL B 189 28.62 23.19 -27.17
N VAL B 190 27.44 23.65 -26.82
CA VAL B 190 27.22 24.12 -25.48
C VAL B 190 26.29 23.17 -24.73
N MET B 191 26.73 22.69 -23.57
CA MET B 191 25.84 21.85 -22.79
C MET B 191 25.28 22.77 -21.72
N THR B 192 23.96 22.87 -21.65
CA THR B 192 23.34 23.74 -20.64
C THR B 192 22.47 22.99 -19.66
N TRP B 193 22.52 23.43 -18.41
CA TRP B 193 21.71 22.88 -17.35
C TRP B 193 20.33 23.48 -17.60
N ALA B 194 19.30 22.94 -16.96
CA ALA B 194 17.94 23.43 -17.10
C ALA B 194 17.20 23.01 -15.83
N PRO B 195 16.13 23.71 -15.47
CA PRO B 195 15.36 23.38 -14.26
C PRO B 195 14.57 22.09 -14.38
N HIS B 196 14.43 21.37 -13.28
CA HIS B 196 13.69 20.11 -13.26
C HIS B 196 13.08 19.88 -11.86
N PRO B 197 11.87 19.32 -11.81
CA PRO B 197 11.17 19.05 -10.55
C PRO B 197 11.76 18.00 -9.62
N ARG B 198 12.46 17.02 -10.18
CA ARG B 198 13.06 15.97 -9.35
C ARG B 198 14.58 15.98 -9.46
N PRO B 199 15.26 15.34 -8.51
CA PRO B 199 16.73 15.29 -8.53
C PRO B 199 17.20 14.23 -9.52
N LEU B 200 17.86 14.66 -10.58
CA LEU B 200 18.35 13.74 -11.60
C LEU B 200 19.85 13.52 -11.48
N PRO B 201 20.35 12.35 -11.97
CA PRO B 201 21.76 11.95 -11.94
C PRO B 201 22.59 12.86 -12.83
N GLN B 202 23.89 12.96 -12.57
CA GLN B 202 24.74 13.79 -13.43
C GLN B 202 25.41 12.89 -14.48
N ALA B 203 24.86 11.70 -14.67
CA ALA B 203 25.40 10.73 -15.60
C ALA B 203 25.41 11.20 -17.07
N VAL B 204 24.28 11.66 -17.58
CA VAL B 204 24.25 12.15 -18.97
C VAL B 204 25.22 13.32 -19.16
N PRO B 205 25.16 14.34 -18.28
CA PRO B 205 26.06 15.49 -18.40
C PRO B 205 27.52 15.01 -18.35
N ASN B 206 27.87 14.20 -17.34
CA ASN B 206 29.23 13.68 -17.20
C ASN B 206 29.69 13.05 -18.49
N SER B 207 28.94 12.05 -18.93
CA SER B 207 29.24 11.32 -20.14
C SER B 207 29.27 12.23 -21.37
N PHE B 208 28.47 13.29 -21.39
CA PHE B 208 28.50 14.18 -22.55
C PHE B 208 29.82 14.92 -22.53
N ALA B 209 30.15 15.50 -21.37
CA ALA B 209 31.39 16.24 -21.19
C ALA B 209 32.56 15.36 -21.63
N GLU B 210 32.60 14.14 -21.10
CA GLU B 210 33.65 13.18 -21.42
C GLU B 210 33.81 12.95 -22.93
N TRP B 211 32.73 12.69 -23.62
CA TRP B 211 32.83 12.48 -25.06
C TRP B 211 33.19 13.76 -25.80
N MET B 212 32.53 14.87 -25.49
CA MET B 212 32.87 16.10 -26.21
C MET B 212 34.33 16.46 -25.96
N ASN B 213 34.78 16.32 -24.72
CA ASN B 213 36.17 16.62 -24.37
C ASN B 213 37.15 15.77 -25.15
N ALA B 214 36.66 14.68 -25.74
CA ALA B 214 37.49 13.76 -26.51
C ALA B 214 37.58 14.21 -27.96
N THR B 215 36.76 15.19 -28.33
CA THR B 215 36.74 15.72 -29.70
C THR B 215 37.51 17.04 -29.80
N ASP B 216 37.51 17.60 -31.00
CA ASP B 216 38.20 18.86 -31.28
C ASP B 216 37.15 19.98 -31.35
N TYR B 217 35.99 19.72 -30.76
CA TYR B 217 34.89 20.67 -30.74
C TYR B 217 35.17 21.78 -29.75
N GLU B 218 34.54 22.93 -29.93
CA GLU B 218 34.71 24.02 -28.98
C GLU B 218 33.61 23.73 -27.96
N PHE B 219 34.02 23.13 -26.85
CA PHE B 219 33.07 22.73 -25.82
C PHE B 219 32.96 23.67 -24.63
N VAL B 220 31.71 24.04 -24.33
CA VAL B 220 31.40 24.93 -23.21
C VAL B 220 30.28 24.33 -22.39
N ILE B 221 30.41 24.40 -21.07
CA ILE B 221 29.37 23.92 -20.16
C ILE B 221 28.83 25.13 -19.40
N THR B 222 27.51 25.27 -19.37
CA THR B 222 26.89 26.39 -18.68
C THR B 222 25.83 25.90 -17.72
N HIS B 223 25.95 26.30 -16.46
CA HIS B 223 24.98 25.92 -15.45
C HIS B 223 25.01 26.93 -14.31
N PRO B 224 23.96 26.95 -13.48
CA PRO B 224 23.93 27.90 -12.35
C PRO B 224 25.04 27.58 -11.36
N GLU B 225 25.39 28.57 -10.56
CA GLU B 225 26.38 28.42 -9.51
C GLU B 225 25.95 27.30 -8.57
N GLY B 226 26.86 26.40 -8.25
CA GLY B 226 26.52 25.33 -7.33
C GLY B 226 26.31 23.98 -7.97
N TYR B 227 26.17 23.96 -9.29
CA TYR B 227 25.95 22.73 -10.00
C TYR B 227 27.17 22.20 -10.74
N GLU B 228 28.37 22.60 -10.31
CA GLU B 228 29.55 22.10 -10.99
C GLU B 228 29.64 20.58 -10.91
N LEU B 229 30.06 19.99 -12.03
CA LEU B 229 30.19 18.56 -12.19
C LEU B 229 31.55 18.11 -11.68
N ASP B 230 31.72 16.80 -11.53
CA ASP B 230 32.99 16.26 -11.08
C ASP B 230 34.09 16.73 -12.03
N PRO B 231 35.21 17.19 -11.48
CA PRO B 231 36.34 17.67 -12.28
C PRO B 231 36.84 16.64 -13.29
N LYS B 232 36.81 15.36 -12.94
CA LYS B 232 37.28 14.34 -13.87
C LYS B 232 36.44 14.30 -15.12
N PHE B 233 35.23 14.86 -15.06
CA PHE B 233 34.37 14.87 -16.23
C PHE B 233 34.44 16.22 -16.93
N VAL B 234 34.50 17.28 -16.14
CA VAL B 234 34.56 18.61 -16.70
C VAL B 234 35.81 18.75 -17.56
N GLY B 235 36.91 18.17 -17.10
CA GLY B 235 38.13 18.26 -17.87
C GLY B 235 38.53 19.71 -18.03
N ASN B 236 38.99 20.07 -19.22
CA ASN B 236 39.39 21.46 -19.46
C ASN B 236 38.33 22.14 -20.29
N ALA B 237 37.09 21.77 -20.06
CA ALA B 237 36.00 22.38 -20.79
C ALA B 237 35.72 23.75 -20.16
N ARG B 238 35.48 24.75 -20.99
CA ARG B 238 35.18 26.08 -20.47
C ARG B 238 33.83 26.01 -19.72
N VAL B 239 33.78 26.56 -18.53
CA VAL B 239 32.54 26.57 -17.76
C VAL B 239 32.07 28.01 -17.68
N GLU B 240 30.85 28.28 -18.15
CA GLU B 240 30.28 29.63 -18.15
C GLU B 240 29.01 29.73 -17.32
N TYR B 241 29.04 30.56 -16.28
CA TYR B 241 27.87 30.72 -15.42
C TYR B 241 26.75 31.61 -15.98
N ASP B 242 27.01 32.27 -17.11
CA ASP B 242 26.01 33.15 -17.73
C ASP B 242 25.46 32.41 -18.97
N GLN B 243 24.32 31.76 -18.80
CA GLN B 243 23.73 30.98 -19.87
C GLN B 243 23.68 31.72 -21.20
N MET B 244 23.28 32.99 -21.16
CA MET B 244 23.20 33.79 -22.37
C MET B 244 24.55 34.02 -23.00
N LYS B 245 25.60 34.08 -22.19
CA LYS B 245 26.93 34.27 -22.76
C LYS B 245 27.41 32.99 -23.41
N ALA B 246 27.16 31.88 -22.73
CA ALA B 246 27.54 30.58 -23.23
C ALA B 246 26.88 30.30 -24.58
N PHE B 247 25.58 30.55 -24.67
CA PHE B 247 24.82 30.31 -25.92
C PHE B 247 25.29 31.10 -27.15
N GLU B 248 25.91 32.25 -26.94
CA GLU B 248 26.38 33.07 -28.05
C GLU B 248 27.15 32.31 -29.12
N GLY B 249 26.67 32.42 -30.36
CA GLY B 249 27.34 31.80 -31.49
C GLY B 249 27.46 30.29 -31.47
N ALA B 250 26.71 29.64 -30.59
CA ALA B 250 26.73 28.18 -30.46
C ALA B 250 26.20 27.51 -31.71
N ASP B 251 26.69 26.32 -31.99
CA ASP B 251 26.24 25.59 -33.16
C ASP B 251 25.30 24.48 -32.72
N PHE B 252 25.49 24.02 -31.48
CA PHE B 252 24.68 22.96 -30.91
C PHE B 252 24.38 23.26 -29.47
N ILE B 253 23.15 23.00 -29.07
CA ILE B 253 22.75 23.22 -27.69
C ILE B 253 22.35 21.85 -27.14
N TYR B 254 23.01 21.42 -26.08
CA TYR B 254 22.70 20.12 -25.49
C TYR B 254 22.15 20.43 -24.10
N ALA B 255 20.83 20.46 -23.98
CA ALA B 255 20.24 20.78 -22.69
C ALA B 255 20.00 19.53 -21.87
N LYS B 256 20.25 19.62 -20.58
CA LYS B 256 20.04 18.47 -19.71
C LYS B 256 20.12 18.87 -18.24
N ASN B 257 19.15 18.44 -17.44
CA ASN B 257 19.21 18.76 -16.03
C ASN B 257 19.98 17.72 -15.21
N TRP B 258 20.54 18.15 -14.09
CA TRP B 258 21.25 17.28 -13.19
C TRP B 258 21.25 17.89 -11.80
N ALA B 259 21.03 17.05 -10.79
CA ALA B 259 21.00 17.50 -9.42
C ALA B 259 22.42 17.92 -8.99
N ALA B 260 22.53 18.68 -7.91
CA ALA B 260 23.83 19.14 -7.45
C ALA B 260 24.75 17.95 -7.23
N TYR B 261 26.05 18.24 -7.22
CA TYR B 261 27.07 17.21 -7.04
C TYR B 261 28.04 17.49 -5.89
N LEU B 262 28.50 18.73 -5.76
CA LEU B 262 29.44 19.12 -4.72
C LEU B 262 29.03 18.98 -3.28
N GLY B 263 30.03 18.77 -2.44
CA GLY B 263 29.84 18.65 -1.01
C GLY B 263 28.53 18.11 -0.46
N ASP B 264 27.90 18.93 0.35
CA ASP B 264 26.66 18.56 1.03
C ASP B 264 25.39 18.54 0.19
N ASN B 265 25.50 18.87 -1.09
CA ASN B 265 24.34 18.89 -1.95
C ASN B 265 24.31 17.75 -2.97
N TYR B 266 25.00 16.66 -2.68
CA TYR B 266 25.00 15.55 -3.62
C TYR B 266 23.57 15.01 -3.79
N GLY B 267 23.08 14.99 -5.03
CA GLY B 267 21.75 14.49 -5.31
C GLY B 267 20.62 15.42 -4.86
N GLN B 268 20.92 16.72 -4.76
CA GLN B 268 19.94 17.71 -4.32
C GLN B 268 19.55 18.66 -5.42
N ILE B 269 18.40 19.29 -5.24
CA ILE B 269 17.93 20.29 -6.19
C ILE B 269 18.31 21.60 -5.51
N LEU B 270 19.12 22.41 -6.18
CA LEU B 270 19.55 23.69 -5.60
C LEU B 270 18.54 24.77 -5.98
N SER B 271 17.96 24.64 -7.16
CA SER B 271 16.99 25.59 -7.64
C SER B 271 16.24 25.00 -8.82
N THR B 272 15.18 25.67 -9.24
CA THR B 272 14.39 25.24 -10.38
C THR B 272 14.12 26.53 -11.15
N ASP B 273 15.13 27.40 -11.14
CA ASP B 273 15.09 28.69 -11.81
C ASP B 273 14.68 28.56 -13.28
N ARG B 274 13.46 28.97 -13.61
CA ARG B 274 12.96 28.84 -14.97
C ARG B 274 13.59 29.78 -15.98
N ASN B 275 14.55 30.57 -15.53
CA ASN B 275 15.23 31.47 -16.45
C ASN B 275 16.14 30.66 -17.36
N TRP B 276 16.49 29.46 -16.89
CA TRP B 276 17.37 28.56 -17.63
C TRP B 276 16.62 27.69 -18.61
N THR B 277 15.30 27.62 -18.48
CA THR B 277 14.54 26.82 -19.41
C THR B 277 14.96 27.33 -20.78
N VAL B 278 15.30 26.41 -21.67
CA VAL B 278 15.74 26.80 -23.01
C VAL B 278 14.59 27.28 -23.87
N GLY B 279 14.49 28.59 -24.02
CA GLY B 279 13.42 29.16 -24.82
C GLY B 279 13.99 29.89 -26.03
N ASP B 280 13.11 30.51 -26.80
CA ASP B 280 13.56 31.23 -27.98
C ASP B 280 14.55 32.34 -27.63
N ARG B 281 14.43 32.86 -26.42
CA ARG B 281 15.31 33.91 -25.94
C ARG B 281 16.79 33.53 -26.04
N GLN B 282 17.14 32.37 -25.49
CA GLN B 282 18.52 31.89 -25.53
C GLN B 282 18.88 31.39 -26.92
N MET B 283 17.97 30.67 -27.57
CA MET B 283 18.26 30.17 -28.90
C MET B 283 18.64 31.26 -29.90
N ALA B 284 17.97 32.41 -29.80
CA ALA B 284 18.22 33.55 -30.71
C ALA B 284 19.68 33.95 -30.75
N VAL B 285 20.29 34.06 -29.58
CA VAL B 285 21.68 34.45 -29.43
C VAL B 285 22.65 33.45 -30.05
N THR B 286 22.16 32.27 -30.42
CA THR B 286 23.03 31.25 -30.99
C THR B 286 23.20 31.49 -32.47
N ASN B 287 24.08 30.73 -33.09
CA ASN B 287 24.31 30.84 -34.51
C ASN B 287 23.33 29.89 -35.20
N ASN B 288 22.05 30.06 -34.89
CA ASN B 288 21.02 29.20 -35.46
C ASN B 288 21.33 27.77 -35.03
N ALA B 289 21.76 27.62 -33.79
CA ALA B 289 22.15 26.32 -33.25
C ALA B 289 21.05 25.26 -33.22
N TYR B 290 21.47 24.02 -33.42
CA TYR B 290 20.57 22.89 -33.40
C TYR B 290 20.24 22.59 -31.95
N PHE B 291 19.05 22.09 -31.68
CA PHE B 291 18.71 21.75 -30.31
C PHE B 291 18.74 20.25 -30.09
N MET B 292 19.48 19.82 -29.07
CA MET B 292 19.60 18.42 -28.73
C MET B 292 19.26 18.14 -27.28
N HIS B 293 18.76 16.93 -27.04
CA HIS B 293 18.40 16.45 -25.71
C HIS B 293 18.23 14.95 -25.81
N CYS B 294 18.85 14.23 -24.88
CA CYS B 294 18.81 12.77 -24.86
C CYS B 294 17.43 12.17 -24.67
N LEU B 295 16.48 12.96 -24.14
CA LEU B 295 15.14 12.48 -23.87
C LEU B 295 15.26 11.45 -22.73
N PRO B 296 14.21 11.33 -21.89
CA PRO B 296 12.92 12.02 -21.85
C PRO B 296 13.11 13.50 -21.57
N VAL B 297 12.16 14.32 -22.03
CA VAL B 297 12.24 15.76 -21.80
C VAL B 297 10.95 16.32 -21.26
N ARG B 298 11.07 17.08 -20.18
CA ARG B 298 9.91 17.73 -19.59
C ARG B 298 9.71 19.05 -20.34
N ARG B 299 8.66 19.14 -21.14
CA ARG B 299 8.41 20.36 -21.89
C ARG B 299 8.08 21.55 -20.98
N ASN B 300 8.53 22.73 -21.41
CA ASN B 300 8.32 23.98 -20.71
C ASN B 300 8.91 23.91 -19.31
N MET B 301 9.99 23.15 -19.21
CA MET B 301 10.74 22.99 -17.98
C MET B 301 12.19 23.04 -18.43
N ILE B 302 12.56 22.07 -19.26
CA ILE B 302 13.89 21.94 -19.80
C ILE B 302 13.95 22.77 -21.08
N VAL B 303 12.97 22.55 -21.94
CA VAL B 303 12.90 23.27 -23.19
C VAL B 303 11.46 23.67 -23.54
N THR B 304 11.33 24.83 -24.19
CA THR B 304 10.07 25.41 -24.62
C THR B 304 9.43 24.58 -25.71
N ASP B 305 8.10 24.55 -25.74
CA ASP B 305 7.41 23.81 -26.78
C ASP B 305 7.90 24.31 -28.16
N ASP B 306 8.09 25.63 -28.28
CA ASP B 306 8.53 26.23 -29.55
C ASP B 306 9.89 25.76 -30.01
N VAL B 307 10.85 25.76 -29.11
CA VAL B 307 12.20 25.34 -29.44
C VAL B 307 12.21 23.88 -29.85
N ILE B 308 11.70 23.00 -28.97
CA ILE B 308 11.71 21.57 -29.26
C ILE B 308 10.93 21.23 -30.52
N GLU B 309 9.94 22.03 -30.88
CA GLU B 309 9.17 21.74 -32.09
C GLU B 309 9.78 22.43 -33.29
N SER B 310 10.71 23.36 -33.06
CA SER B 310 11.33 24.12 -34.15
C SER B 310 12.16 23.24 -35.08
N PRO B 311 12.27 23.65 -36.35
CA PRO B 311 13.06 22.81 -37.25
C PRO B 311 14.52 22.61 -36.85
N GLN B 312 15.06 23.45 -35.98
CA GLN B 312 16.45 23.29 -35.59
C GLN B 312 16.59 22.17 -34.57
N SER B 313 15.45 21.69 -34.06
CA SER B 313 15.44 20.62 -33.08
C SER B 313 15.68 19.30 -33.75
N ILE B 314 16.78 18.63 -33.42
CA ILE B 314 17.09 17.34 -34.01
C ILE B 314 16.98 16.27 -32.96
N VAL B 315 16.10 16.50 -32.00
CA VAL B 315 15.87 15.60 -30.89
C VAL B 315 15.58 14.17 -31.37
N ILE B 316 14.80 14.04 -32.43
CA ILE B 316 14.48 12.72 -32.92
C ILE B 316 15.60 12.06 -33.71
N PRO B 317 16.17 12.76 -34.70
CA PRO B 317 17.27 12.11 -35.45
C PRO B 317 18.35 11.70 -34.45
N GLU B 318 18.38 12.39 -33.32
CA GLU B 318 19.34 12.14 -32.25
C GLU B 318 18.99 10.81 -31.63
N ALA B 319 17.74 10.68 -31.22
CA ALA B 319 17.28 9.45 -30.62
C ALA B 319 17.49 8.28 -31.59
N ALA B 320 17.25 8.54 -32.87
CA ALA B 320 17.40 7.51 -33.88
C ALA B 320 18.81 6.92 -33.90
N ASN B 321 19.81 7.74 -33.59
CA ASN B 321 21.19 7.30 -33.60
C ASN B 321 21.52 6.40 -32.40
N ARG B 322 20.60 6.31 -31.46
CA ARG B 322 20.81 5.45 -30.31
C ARG B 322 20.88 4.02 -30.83
N GLU B 323 20.19 3.75 -31.94
CA GLU B 323 20.19 2.42 -32.54
C GLU B 323 21.55 2.12 -33.14
N ILE B 324 22.13 3.16 -33.77
CA ILE B 324 23.44 3.03 -34.40
C ILE B 324 24.55 2.82 -33.36
N SER B 325 24.60 3.69 -32.34
CA SER B 325 25.65 3.56 -31.32
C SER B 325 25.62 2.18 -30.64
N ALA B 326 24.41 1.65 -30.41
CA ALA B 326 24.24 0.34 -29.78
C ALA B 326 24.65 -0.79 -30.75
N THR B 327 24.36 -0.61 -32.04
CA THR B 327 24.73 -1.63 -33.02
C THR B 327 26.26 -1.71 -33.13
N VAL B 328 26.92 -0.56 -33.22
CA VAL B 328 28.38 -0.54 -33.32
C VAL B 328 29.04 -1.15 -32.06
N VAL B 329 28.52 -0.81 -30.87
CA VAL B 329 29.04 -1.34 -29.60
C VAL B 329 28.84 -2.84 -29.48
N LEU B 330 27.61 -3.29 -29.76
CA LEU B 330 27.30 -4.71 -29.71
C LEU B 330 28.17 -5.47 -30.73
N LYS B 331 28.36 -4.87 -31.91
CA LYS B 331 29.18 -5.49 -32.94
C LYS B 331 30.63 -5.64 -32.45
N ARG B 332 31.17 -4.59 -31.85
CA ARG B 332 32.54 -4.64 -31.33
C ARG B 332 32.61 -5.75 -30.30
N LEU B 333 31.63 -5.79 -29.40
CA LEU B 333 31.60 -6.82 -28.35
C LEU B 333 31.52 -8.22 -28.95
N LEU B 334 30.68 -8.41 -29.97
CA LEU B 334 30.57 -9.72 -30.59
C LEU B 334 31.92 -10.12 -31.16
N GLU B 335 32.53 -9.22 -31.93
CA GLU B 335 33.82 -9.47 -32.54
C GLU B 335 34.89 -9.83 -31.53
N ASN B 336 34.70 -9.47 -30.27
CA ASN B 336 35.70 -9.81 -29.26
C ASN B 336 35.26 -10.90 -28.26
N LEU B 337 34.23 -11.66 -28.61
CA LEU B 337 33.79 -12.76 -27.75
C LEU B 337 34.74 -13.93 -27.98
N PRO B 338 34.93 -14.79 -26.97
CA PRO B 338 35.85 -15.94 -27.15
C PRO B 338 35.32 -16.95 -28.13
N SER C 19 11.83 -40.43 -24.82
CA SER C 19 11.40 -40.94 -26.15
C SER C 19 10.03 -40.36 -26.54
N HIS C 20 8.99 -40.79 -25.84
CA HIS C 20 7.64 -40.28 -26.09
C HIS C 20 7.19 -39.36 -24.94
N MET C 21 7.83 -38.20 -24.80
CA MET C 21 7.49 -37.26 -23.75
C MET C 21 6.29 -36.38 -24.12
N LYS C 22 5.26 -36.43 -23.29
CA LYS C 22 4.03 -35.68 -23.53
C LYS C 22 3.93 -34.53 -22.55
N LYS C 23 4.73 -34.58 -21.49
CA LYS C 23 4.72 -33.54 -20.49
C LYS C 23 5.98 -33.66 -19.64
N PHE C 24 6.12 -32.84 -18.63
CA PHE C 24 7.27 -32.90 -17.76
C PHE C 24 6.96 -32.24 -16.44
N THR C 25 6.46 -33.02 -15.49
CA THR C 25 6.13 -32.47 -14.20
C THR C 25 6.80 -33.21 -13.05
N CYS C 26 7.33 -34.40 -13.34
CA CYS C 26 7.98 -35.22 -12.33
C CYS C 26 9.10 -36.08 -12.93
N VAL C 27 9.96 -36.62 -12.08
CA VAL C 27 11.08 -37.43 -12.52
C VAL C 27 10.69 -38.61 -13.41
N GLN C 28 9.45 -39.05 -13.31
CA GLN C 28 9.01 -40.17 -14.15
C GLN C 28 9.06 -39.81 -15.64
N ASP C 29 8.66 -38.58 -15.98
CA ASP C 29 8.64 -38.12 -17.37
C ASP C 29 9.99 -38.18 -18.08
N ILE C 30 11.08 -38.02 -17.33
CA ILE C 30 12.41 -38.06 -17.95
C ILE C 30 12.88 -39.48 -18.25
N GLY C 31 12.24 -40.46 -17.63
CA GLY C 31 12.61 -41.85 -17.86
C GLY C 31 13.95 -42.25 -17.27
N ASP C 32 14.67 -43.13 -17.99
CA ASP C 32 15.97 -43.61 -17.57
C ASP C 32 16.96 -42.48 -17.28
N LEU C 33 17.44 -42.40 -16.05
CA LEU C 33 18.38 -41.35 -15.68
C LEU C 33 19.72 -41.41 -16.40
N LYS C 34 20.08 -42.59 -16.91
CA LYS C 34 21.36 -42.76 -17.58
C LYS C 34 21.42 -42.02 -18.91
N SER C 35 20.43 -42.22 -19.75
CA SER C 35 20.41 -41.55 -21.05
C SER C 35 20.08 -40.06 -20.86
N ALA C 36 19.32 -39.75 -19.82
CA ALA C 36 18.96 -38.36 -19.56
C ALA C 36 20.25 -37.60 -19.27
N LEU C 37 21.09 -38.17 -18.42
CA LEU C 37 22.37 -37.55 -18.10
C LEU C 37 23.30 -37.56 -19.30
N ALA C 38 23.11 -38.49 -20.21
CA ALA C 38 23.94 -38.52 -21.40
C ALA C 38 23.58 -37.32 -22.27
N GLU C 39 22.29 -37.16 -22.54
CA GLU C 39 21.82 -36.04 -23.34
C GLU C 39 22.24 -34.71 -22.74
N SER C 40 22.19 -34.65 -21.42
CA SER C 40 22.58 -33.45 -20.70
C SER C 40 24.01 -33.05 -21.03
N PHE C 41 24.95 -33.92 -20.74
CA PHE C 41 26.36 -33.62 -21.00
C PHE C 41 26.68 -33.45 -22.49
N GLU C 42 25.84 -34.02 -23.35
CA GLU C 42 26.02 -33.88 -24.80
C GLU C 42 25.73 -32.44 -25.18
N ILE C 43 24.70 -31.87 -24.54
CA ILE C 43 24.33 -30.49 -24.80
C ILE C 43 25.28 -29.52 -24.14
N LYS C 44 25.81 -29.88 -22.97
CA LYS C 44 26.75 -28.99 -22.31
C LYS C 44 27.95 -28.86 -23.23
N LYS C 45 28.24 -29.92 -23.97
CA LYS C 45 29.38 -29.95 -24.86
C LYS C 45 29.15 -29.27 -26.22
N ASP C 46 27.92 -29.27 -26.69
CA ASP C 46 27.59 -28.66 -27.97
C ASP C 46 26.22 -28.00 -27.87
N ARG C 47 26.18 -26.88 -27.15
CA ARG C 47 24.94 -26.13 -26.87
C ARG C 47 23.93 -25.95 -27.99
N PHE C 48 24.40 -25.61 -29.18
CA PHE C 48 23.49 -25.38 -30.30
C PHE C 48 23.38 -26.54 -31.28
N LYS C 49 23.83 -27.71 -30.87
CA LYS C 49 23.80 -28.88 -31.71
C LYS C 49 22.43 -29.12 -32.34
N TYR C 50 21.36 -28.82 -31.62
CA TYR C 50 20.02 -29.05 -32.15
C TYR C 50 19.25 -27.79 -32.46
N VAL C 51 19.97 -26.71 -32.75
CA VAL C 51 19.36 -25.42 -33.03
C VAL C 51 18.35 -25.39 -34.18
N GLU C 52 18.33 -26.44 -35.00
CA GLU C 52 17.39 -26.52 -36.12
C GLU C 52 16.15 -27.33 -35.76
N LEU C 53 16.18 -27.98 -34.61
CA LEU C 53 15.07 -28.81 -34.19
C LEU C 53 13.79 -28.02 -33.94
N GLY C 54 13.90 -26.96 -33.14
CA GLY C 54 12.73 -26.15 -32.82
C GLY C 54 12.37 -25.03 -33.77
N ARG C 55 12.97 -25.01 -34.96
CA ARG C 55 12.66 -23.96 -35.93
C ARG C 55 11.15 -23.89 -36.15
N ASN C 56 10.65 -22.67 -36.22
CA ASN C 56 9.23 -22.42 -36.40
C ASN C 56 8.35 -23.06 -35.35
N LYS C 57 8.94 -23.37 -34.20
CA LYS C 57 8.19 -23.94 -33.09
C LYS C 57 8.17 -22.84 -32.04
N THR C 58 7.02 -22.63 -31.43
CA THR C 58 6.85 -21.58 -30.44
C THR C 58 6.61 -22.05 -29.02
N LEU C 59 7.40 -21.54 -28.08
CA LEU C 59 7.26 -21.89 -26.68
C LEU C 59 6.63 -20.74 -25.91
N LEU C 60 5.56 -21.01 -25.18
CA LEU C 60 4.89 -19.99 -24.38
C LEU C 60 5.21 -20.22 -22.91
N MET C 61 5.86 -19.25 -22.27
CA MET C 61 6.21 -19.37 -20.86
C MET C 61 5.26 -18.51 -20.06
N ILE C 62 4.54 -19.13 -19.12
CA ILE C 62 3.56 -18.42 -18.30
C ILE C 62 3.95 -18.38 -16.84
N PHE C 63 3.98 -17.17 -16.28
CA PHE C 63 4.35 -16.98 -14.89
C PHE C 63 3.24 -16.39 -14.04
N PHE C 64 2.93 -17.08 -12.95
CA PHE C 64 1.94 -16.59 -12.01
C PHE C 64 2.78 -16.07 -10.85
N ASN C 65 4.08 -16.37 -10.88
CA ASN C 65 4.99 -15.94 -9.82
C ASN C 65 6.33 -15.40 -10.31
N SER C 66 7.02 -14.71 -9.41
CA SER C 66 8.32 -14.14 -9.71
C SER C 66 9.31 -15.22 -10.13
N SER C 67 10.36 -14.81 -10.81
CA SER C 67 11.37 -15.74 -11.31
C SER C 67 12.53 -15.06 -12.01
N LEU C 68 13.74 -15.47 -11.66
CA LEU C 68 14.96 -14.97 -12.27
C LEU C 68 15.52 -16.13 -13.09
N ARG C 69 15.93 -17.20 -12.38
CA ARG C 69 16.50 -18.40 -12.99
C ARG C 69 15.63 -19.12 -14.02
N THR C 70 14.44 -19.57 -13.62
CA THR C 70 13.57 -20.27 -14.56
C THR C 70 13.30 -19.42 -15.76
N ARG C 71 12.95 -18.16 -15.49
CA ARG C 71 12.64 -17.17 -16.51
C ARG C 71 13.74 -17.01 -17.57
N LEU C 72 14.97 -16.79 -17.11
CA LEU C 72 16.10 -16.60 -18.01
C LEU C 72 16.57 -17.91 -18.68
N SER C 73 16.85 -18.92 -17.87
CA SER C 73 17.35 -20.19 -18.39
C SER C 73 16.41 -20.92 -19.34
N THR C 74 15.09 -20.78 -19.17
CA THR C 74 14.19 -21.49 -20.08
C THR C 74 14.23 -20.85 -21.46
N GLN C 75 14.34 -19.52 -21.50
CA GLN C 75 14.39 -18.78 -22.77
C GLN C 75 15.70 -19.12 -23.47
N LYS C 76 16.79 -19.15 -22.73
CA LYS C 76 18.08 -19.50 -23.33
C LYS C 76 17.98 -20.91 -23.88
N ALA C 77 17.33 -21.78 -23.12
CA ALA C 77 17.14 -23.17 -23.51
C ALA C 77 16.37 -23.27 -24.82
N ALA C 78 15.25 -22.59 -24.91
CA ALA C 78 14.45 -22.60 -26.13
C ALA C 78 15.26 -22.08 -27.34
N LEU C 79 16.11 -21.09 -27.09
CA LEU C 79 16.93 -20.50 -28.15
C LEU C 79 17.99 -21.50 -28.59
N ASN C 80 18.47 -22.32 -27.65
CA ASN C 80 19.46 -23.33 -28.01
C ASN C 80 18.83 -24.31 -29.04
N LEU C 81 17.51 -24.40 -29.04
CA LEU C 81 16.83 -25.30 -29.97
C LEU C 81 16.20 -24.58 -31.15
N GLY C 82 16.57 -23.32 -31.33
CA GLY C 82 16.03 -22.54 -32.43
C GLY C 82 14.55 -22.19 -32.36
N MET C 83 13.95 -22.27 -31.16
CA MET C 83 12.52 -21.97 -30.99
C MET C 83 12.21 -20.50 -30.84
N ASN C 84 10.94 -20.16 -31.05
CA ASN C 84 10.44 -18.80 -30.88
C ASN C 84 10.05 -18.81 -29.41
N VAL C 85 10.21 -17.69 -28.72
CA VAL C 85 9.88 -17.67 -27.31
C VAL C 85 8.94 -16.53 -26.96
N ILE C 86 7.87 -16.83 -26.23
CA ILE C 86 6.92 -15.81 -25.80
C ILE C 86 6.77 -15.93 -24.29
N VAL C 87 7.22 -14.92 -23.56
CA VAL C 87 7.10 -14.94 -22.11
C VAL C 87 5.90 -14.10 -21.70
N LEU C 88 4.95 -14.73 -21.00
CA LEU C 88 3.76 -14.01 -20.59
C LEU C 88 3.62 -13.97 -19.08
N ASP C 89 3.63 -12.78 -18.51
CA ASP C 89 3.46 -12.59 -17.07
C ASP C 89 2.00 -12.26 -16.84
N ILE C 90 1.17 -13.26 -16.55
CA ILE C 90 -0.23 -12.99 -16.29
C ILE C 90 -0.25 -11.99 -15.14
N ASN C 91 -1.38 -11.30 -14.96
CA ASN C 91 -1.49 -10.32 -13.88
C ASN C 91 -0.85 -9.02 -14.30
N GLN C 92 0.42 -9.07 -14.66
CA GLN C 92 1.07 -7.86 -15.09
C GLN C 92 0.49 -7.37 -16.41
N GLY C 93 0.62 -8.18 -17.45
CA GLY C 93 0.13 -7.78 -18.76
C GLY C 93 -1.25 -8.22 -19.20
N ALA C 94 -1.72 -9.36 -18.70
CA ALA C 94 -3.04 -9.86 -19.09
C ALA C 94 -4.11 -9.53 -18.06
N TRP C 95 -5.20 -10.30 -18.07
CA TRP C 95 -6.31 -10.09 -17.12
C TRP C 95 -6.28 -11.12 -15.99
N LYS C 96 -6.58 -10.67 -14.77
CA LYS C 96 -6.59 -11.58 -13.61
C LYS C 96 -7.54 -12.75 -13.88
N LEU C 97 -7.06 -13.95 -13.58
CA LEU C 97 -7.84 -15.17 -13.83
C LEU C 97 -8.71 -15.68 -12.69
N GLU C 98 -9.91 -16.13 -13.03
CA GLU C 98 -10.83 -16.70 -12.06
C GLU C 98 -10.56 -18.21 -12.13
N THR C 99 -10.12 -18.77 -11.01
CA THR C 99 -9.78 -20.17 -10.91
C THR C 99 -10.97 -21.11 -10.63
N GLU C 100 -11.87 -20.68 -9.77
CA GLU C 100 -13.05 -21.47 -9.38
C GLU C 100 -14.18 -21.45 -10.41
N ARG C 101 -14.64 -22.64 -10.82
CA ARG C 101 -15.72 -22.74 -11.78
C ARG C 101 -17.10 -22.57 -11.14
N GLY C 102 -18.07 -22.14 -11.95
CA GLY C 102 -19.42 -21.96 -11.45
C GLY C 102 -19.71 -20.63 -10.76
N VAL C 103 -18.67 -19.94 -10.33
CA VAL C 103 -18.84 -18.65 -9.65
C VAL C 103 -19.36 -17.56 -10.61
N ILE C 104 -19.95 -16.50 -10.05
CA ILE C 104 -20.43 -15.40 -10.88
C ILE C 104 -19.29 -14.38 -10.97
N MET C 105 -18.69 -14.29 -12.15
CA MET C 105 -17.57 -13.39 -12.36
C MET C 105 -17.97 -11.93 -12.40
N ASP C 106 -18.47 -11.44 -11.27
CA ASP C 106 -18.90 -10.05 -11.20
C ASP C 106 -17.99 -9.24 -10.31
N GLY C 107 -16.68 -9.49 -10.41
CA GLY C 107 -15.76 -8.75 -9.58
C GLY C 107 -14.34 -8.62 -10.10
N ASP C 108 -13.42 -8.97 -9.21
CA ASP C 108 -11.98 -8.90 -9.44
C ASP C 108 -11.42 -9.51 -10.73
N LYS C 109 -11.93 -10.66 -11.15
CA LYS C 109 -11.43 -11.35 -12.35
C LYS C 109 -12.20 -11.09 -13.65
N PRO C 110 -11.49 -10.58 -14.67
CA PRO C 110 -12.15 -10.31 -15.96
C PRO C 110 -12.25 -11.56 -16.83
N GLU C 111 -11.36 -12.52 -16.57
CA GLU C 111 -11.31 -13.74 -17.35
C GLU C 111 -11.28 -14.99 -16.49
N HIS C 112 -11.73 -16.11 -17.06
CA HIS C 112 -11.73 -17.36 -16.33
C HIS C 112 -10.65 -18.31 -16.86
N LEU C 113 -9.97 -18.97 -15.94
CA LEU C 113 -8.92 -19.89 -16.34
C LEU C 113 -9.43 -20.85 -17.40
N LEU C 114 -10.73 -21.17 -17.33
CA LEU C 114 -11.34 -22.11 -18.27
C LEU C 114 -11.31 -21.70 -19.74
N GLU C 115 -11.19 -20.40 -20.02
CA GLU C 115 -11.08 -19.92 -21.40
C GLU C 115 -9.60 -19.58 -21.66
N ALA C 116 -8.99 -18.91 -20.69
CA ALA C 116 -7.58 -18.51 -20.81
C ALA C 116 -6.66 -19.66 -21.24
N ILE C 117 -6.71 -20.77 -20.52
CA ILE C 117 -5.86 -21.91 -20.83
C ILE C 117 -5.96 -22.35 -22.30
N PRO C 118 -7.16 -22.71 -22.76
CA PRO C 118 -7.32 -23.16 -24.15
C PRO C 118 -6.78 -22.12 -25.14
N VAL C 119 -7.18 -20.87 -24.91
CA VAL C 119 -6.76 -19.74 -25.75
C VAL C 119 -5.23 -19.69 -25.86
N MET C 120 -4.55 -19.55 -24.72
CA MET C 120 -3.09 -19.50 -24.75
C MET C 120 -2.55 -20.63 -25.59
N GLY C 121 -3.14 -21.81 -25.45
CA GLY C 121 -2.68 -22.96 -26.21
C GLY C 121 -2.86 -22.84 -27.70
N CYS C 122 -3.68 -21.89 -28.13
CA CYS C 122 -3.93 -21.68 -29.55
C CYS C 122 -2.74 -21.09 -30.28
N TYR C 123 -1.92 -20.32 -29.56
CA TYR C 123 -0.80 -19.64 -30.17
C TYR C 123 0.61 -20.19 -29.91
N CYS C 124 0.73 -21.43 -29.46
CA CYS C 124 2.06 -21.99 -29.22
C CYS C 124 2.10 -23.47 -29.53
N ASP C 125 3.27 -24.07 -29.35
CA ASP C 125 3.43 -25.50 -29.60
C ASP C 125 3.76 -26.22 -28.31
N ILE C 126 4.47 -25.53 -27.40
CA ILE C 126 4.83 -26.10 -26.11
C ILE C 126 4.54 -25.06 -25.04
N ILE C 127 4.16 -25.49 -23.84
CA ILE C 127 3.83 -24.56 -22.78
C ILE C 127 4.57 -24.86 -21.48
N GLY C 128 5.06 -23.81 -20.85
CA GLY C 128 5.77 -23.93 -19.58
C GLY C 128 4.96 -23.10 -18.61
N VAL C 129 4.71 -23.61 -17.41
CA VAL C 129 3.91 -22.87 -16.45
C VAL C 129 4.51 -22.86 -15.06
N ARG C 130 4.44 -21.72 -14.39
CA ARG C 130 4.94 -21.65 -13.03
C ARG C 130 3.77 -21.25 -12.16
N SER C 131 3.42 -22.12 -11.22
CA SER C 131 2.30 -21.84 -10.33
C SER C 131 2.60 -22.30 -8.92
N PHE C 132 3.14 -21.41 -8.10
CA PHE C 132 3.45 -21.77 -6.73
C PHE C 132 2.23 -22.26 -5.95
N ALA C 133 2.49 -23.05 -4.92
CA ALA C 133 1.43 -23.56 -4.07
C ALA C 133 0.82 -22.34 -3.42
N ARG C 134 -0.51 -22.27 -3.38
CA ARG C 134 -1.19 -21.13 -2.80
C ARG C 134 -1.38 -21.24 -1.29
N PHE C 135 -1.18 -22.44 -0.75
CA PHE C 135 -1.33 -22.68 0.70
C PHE C 135 -2.73 -22.38 1.25
N GLU C 136 -3.71 -22.24 0.36
CA GLU C 136 -5.08 -21.95 0.79
C GLU C 136 -5.71 -23.28 1.19
N ASN C 137 -5.53 -24.27 0.33
CA ASN C 137 -6.07 -25.61 0.54
C ASN C 137 -5.04 -26.69 0.15
N ARG C 138 -4.49 -27.36 1.16
CA ARG C 138 -3.49 -28.41 0.95
C ARG C 138 -3.86 -29.41 -0.14
N GLU C 139 -5.12 -29.82 -0.19
CA GLU C 139 -5.58 -30.77 -1.19
C GLU C 139 -5.53 -30.15 -2.59
N TYR C 140 -5.95 -28.89 -2.68
CA TYR C 140 -5.95 -28.15 -3.95
C TYR C 140 -4.54 -28.05 -4.50
N ASP C 141 -3.58 -27.79 -3.61
CA ASP C 141 -2.19 -27.70 -4.01
C ASP C 141 -1.64 -29.06 -4.39
N TYR C 142 -1.72 -30.03 -3.48
CA TYR C 142 -1.17 -31.35 -3.77
C TYR C 142 -1.84 -32.12 -4.90
N ASN C 143 -3.01 -31.67 -5.32
CA ASN C 143 -3.66 -32.33 -6.45
C ASN C 143 -3.19 -31.62 -7.70
N GLU C 144 -2.33 -30.62 -7.51
CA GLU C 144 -1.77 -29.84 -8.61
C GLU C 144 -2.88 -29.54 -9.61
N VAL C 145 -3.94 -28.90 -9.11
CA VAL C 145 -5.10 -28.60 -9.93
C VAL C 145 -4.83 -27.70 -11.13
N ILE C 146 -4.08 -26.62 -10.90
CA ILE C 146 -3.75 -25.67 -11.97
C ILE C 146 -2.87 -26.28 -13.05
N ILE C 147 -1.65 -26.67 -12.70
CA ILE C 147 -0.73 -27.28 -13.66
C ILE C 147 -1.40 -28.44 -14.39
N ASN C 148 -2.40 -29.04 -13.76
CA ASN C 148 -3.11 -30.15 -14.37
C ASN C 148 -4.16 -29.68 -15.38
N GLN C 149 -4.78 -28.53 -15.09
CA GLN C 149 -5.77 -27.99 -16.03
C GLN C 149 -5.10 -27.51 -17.29
N PHE C 150 -3.82 -27.13 -17.17
CA PHE C 150 -3.07 -26.70 -18.34
C PHE C 150 -2.77 -27.94 -19.19
N ILE C 151 -2.46 -29.05 -18.53
CA ILE C 151 -2.18 -30.29 -19.22
C ILE C 151 -3.45 -30.83 -19.87
N GLN C 152 -4.58 -30.59 -19.20
CA GLN C 152 -5.88 -31.04 -19.68
C GLN C 152 -6.56 -30.17 -20.75
N HIS C 153 -6.42 -28.86 -20.67
CA HIS C 153 -7.10 -28.01 -21.64
C HIS C 153 -6.32 -27.07 -22.55
N SER C 154 -4.99 -27.06 -22.44
CA SER C 154 -4.17 -26.20 -23.30
C SER C 154 -4.15 -26.80 -24.70
N GLY C 155 -4.14 -28.12 -24.77
CA GLY C 155 -4.09 -28.78 -26.06
C GLY C 155 -2.66 -28.77 -26.55
N ARG C 156 -1.72 -28.59 -25.60
CA ARG C 156 -0.28 -28.55 -25.91
C ARG C 156 0.55 -29.28 -24.85
N PRO C 157 1.76 -29.71 -25.22
CA PRO C 157 2.60 -30.39 -24.25
C PRO C 157 2.91 -29.34 -23.19
N VAL C 158 2.81 -29.68 -21.92
CA VAL C 158 3.06 -28.75 -20.83
C VAL C 158 4.23 -29.24 -19.98
N PHE C 159 5.01 -28.31 -19.44
CA PHE C 159 6.13 -28.68 -18.57
C PHE C 159 6.16 -27.70 -17.41
N SER C 160 6.51 -28.20 -16.22
CA SER C 160 6.53 -27.37 -15.04
C SER C 160 7.77 -26.49 -14.87
N MET C 161 7.53 -25.26 -14.45
CA MET C 161 8.59 -24.28 -14.19
C MET C 161 8.52 -24.04 -12.69
N GLU C 162 7.91 -25.02 -12.04
CA GLU C 162 7.66 -25.15 -10.60
C GLU C 162 6.17 -25.08 -10.38
N ALA C 163 5.61 -26.20 -9.91
CA ALA C 163 4.19 -26.31 -9.62
C ALA C 163 4.01 -26.21 -8.13
N ALA C 164 2.89 -26.70 -7.61
CA ALA C 164 2.62 -26.62 -6.19
C ALA C 164 3.44 -27.61 -5.37
N THR C 165 3.73 -28.78 -5.94
CA THR C 165 4.48 -29.81 -5.19
C THR C 165 5.80 -30.31 -5.79
N ARG C 166 6.12 -29.92 -7.01
CA ARG C 166 7.36 -30.34 -7.65
C ARG C 166 8.05 -29.22 -8.41
N HIS C 167 9.29 -29.47 -8.82
CA HIS C 167 10.08 -28.52 -9.58
C HIS C 167 11.13 -29.36 -10.30
N PRO C 168 10.67 -30.23 -11.20
CA PRO C 168 11.51 -31.12 -11.99
C PRO C 168 12.69 -30.49 -12.73
N LEU C 169 12.45 -29.36 -13.40
CA LEU C 169 13.55 -28.68 -14.12
C LEU C 169 14.71 -28.37 -13.19
N GLN C 170 14.40 -27.95 -11.96
CA GLN C 170 15.43 -27.64 -10.97
C GLN C 170 16.16 -28.90 -10.50
N SER C 171 15.39 -29.91 -10.13
CA SER C 171 15.91 -31.17 -9.64
C SER C 171 16.79 -31.85 -10.68
N PHE C 172 16.29 -31.90 -11.90
CA PHE C 172 17.02 -32.49 -13.01
C PHE C 172 18.38 -31.80 -13.04
N ALA C 173 18.37 -30.48 -12.88
CA ALA C 173 19.58 -29.69 -12.89
C ALA C 173 20.45 -30.05 -11.69
N ASP C 174 19.83 -30.23 -10.53
CA ASP C 174 20.57 -30.60 -9.33
C ASP C 174 21.27 -31.96 -9.54
N LEU C 175 20.61 -32.85 -10.26
CA LEU C 175 21.17 -34.17 -10.55
C LEU C 175 22.40 -33.99 -11.43
N ILE C 176 22.20 -33.34 -12.57
CA ILE C 176 23.28 -33.11 -13.52
C ILE C 176 24.53 -32.54 -12.82
N THR C 177 24.33 -31.52 -11.98
CA THR C 177 25.48 -30.92 -11.31
C THR C 177 26.15 -31.86 -10.32
N ILE C 178 25.38 -32.65 -9.57
CA ILE C 178 25.99 -33.58 -8.60
C ILE C 178 26.77 -34.65 -9.37
N GLU C 179 26.16 -35.21 -10.40
CA GLU C 179 26.85 -36.20 -11.21
C GLU C 179 28.16 -35.59 -11.72
N GLU C 180 28.11 -34.29 -11.98
CA GLU C 180 29.24 -33.53 -12.50
C GLU C 180 30.38 -33.29 -11.51
N TYR C 181 30.07 -33.08 -10.24
CA TYR C 181 31.11 -32.82 -9.24
C TYR C 181 31.42 -33.97 -8.30
N LYS C 182 30.53 -34.96 -8.21
CA LYS C 182 30.77 -36.05 -7.28
C LYS C 182 32.14 -36.69 -7.42
N LYS C 183 32.74 -37.00 -6.27
CA LYS C 183 34.05 -37.63 -6.19
C LYS C 183 33.97 -39.16 -6.05
N THR C 184 32.78 -39.69 -5.75
CA THR C 184 32.56 -41.13 -5.63
C THR C 184 31.32 -41.49 -6.40
N ALA C 185 31.13 -42.78 -6.65
CA ALA C 185 29.98 -43.28 -7.40
C ALA C 185 28.64 -43.10 -6.71
N ARG C 186 28.61 -43.26 -5.40
CA ARG C 186 27.36 -43.11 -4.66
C ARG C 186 27.63 -42.23 -3.44
N PRO C 187 27.69 -40.90 -3.66
CA PRO C 187 27.94 -39.92 -2.59
C PRO C 187 26.83 -39.82 -1.57
N LYS C 188 27.13 -39.21 -0.44
CA LYS C 188 26.14 -39.00 0.59
C LYS C 188 25.60 -37.59 0.34
N VAL C 189 24.34 -37.51 -0.06
CA VAL C 189 23.71 -36.22 -0.33
C VAL C 189 22.70 -35.86 0.76
N VAL C 190 23.03 -34.85 1.57
CA VAL C 190 22.14 -34.44 2.65
C VAL C 190 21.31 -33.18 2.39
N MET C 191 19.99 -33.33 2.23
CA MET C 191 19.10 -32.17 2.05
C MET C 191 18.76 -31.59 3.42
N THR C 192 19.10 -30.34 3.65
CA THR C 192 18.84 -29.73 4.95
C THR C 192 17.92 -28.53 4.92
N TRP C 193 17.03 -28.47 5.91
CA TRP C 193 16.09 -27.38 6.07
C TRP C 193 16.88 -26.22 6.63
N ALA C 194 16.35 -25.01 6.52
CA ALA C 194 17.03 -23.84 7.06
C ALA C 194 15.98 -22.78 7.38
N PRO C 195 16.28 -21.88 8.33
CA PRO C 195 15.32 -20.84 8.70
C PRO C 195 15.02 -19.78 7.63
N HIS C 196 13.76 -19.38 7.53
CA HIS C 196 13.32 -18.40 6.56
C HIS C 196 12.20 -17.54 7.19
N PRO C 197 12.19 -16.24 6.90
CA PRO C 197 11.17 -15.34 7.45
C PRO C 197 9.76 -15.56 6.91
N ARG C 198 9.64 -16.12 5.72
CA ARG C 198 8.33 -16.33 5.12
C ARG C 198 8.04 -17.79 4.84
N PRO C 199 6.75 -18.15 4.70
CA PRO C 199 6.37 -19.54 4.44
C PRO C 199 6.55 -19.94 2.98
N LEU C 200 7.46 -20.87 2.72
CA LEU C 200 7.71 -21.30 1.35
C LEU C 200 7.09 -22.65 1.01
N PRO C 201 6.81 -22.89 -0.27
CA PRO C 201 6.22 -24.17 -0.68
C PRO C 201 7.23 -25.27 -0.35
N GLN C 202 6.84 -26.54 -0.45
CA GLN C 202 7.80 -27.60 -0.20
C GLN C 202 8.05 -28.31 -1.53
N ALA C 203 7.78 -27.58 -2.61
CA ALA C 203 7.93 -28.10 -3.96
C ALA C 203 9.38 -28.42 -4.31
N VAL C 204 10.30 -27.54 -3.90
CA VAL C 204 11.70 -27.80 -4.21
C VAL C 204 12.15 -29.01 -3.42
N PRO C 205 11.86 -29.05 -2.10
CA PRO C 205 12.26 -30.19 -1.27
C PRO C 205 11.66 -31.50 -1.78
N ASN C 206 10.36 -31.50 -2.05
CA ASN C 206 9.69 -32.71 -2.53
C ASN C 206 10.37 -33.25 -3.80
N SER C 207 10.59 -32.35 -4.75
CA SER C 207 11.19 -32.69 -6.03
C SER C 207 12.61 -33.21 -5.89
N PHE C 208 13.36 -32.64 -4.93
CA PHE C 208 14.72 -33.07 -4.73
C PHE C 208 14.72 -34.50 -4.21
N ALA C 209 13.93 -34.71 -3.16
CA ALA C 209 13.80 -36.03 -2.56
C ALA C 209 13.38 -37.00 -3.65
N GLU C 210 12.37 -36.61 -4.41
CA GLU C 210 11.88 -37.45 -5.49
C GLU C 210 12.96 -37.88 -6.47
N TRP C 211 13.89 -36.99 -6.78
CA TRP C 211 14.95 -37.29 -7.72
C TRP C 211 16.13 -38.02 -7.10
N MET C 212 16.52 -37.63 -5.90
CA MET C 212 17.62 -38.32 -5.24
C MET C 212 17.22 -39.78 -4.97
N ASN C 213 15.96 -40.01 -4.65
CA ASN C 213 15.48 -41.36 -4.41
C ASN C 213 15.56 -42.21 -5.68
N ALA C 214 15.46 -41.57 -6.85
CA ALA C 214 15.54 -42.32 -8.09
C ALA C 214 17.00 -42.69 -8.40
N THR C 215 17.92 -42.18 -7.59
CA THR C 215 19.35 -42.45 -7.77
C THR C 215 19.87 -43.43 -6.74
N ASP C 216 21.14 -43.77 -6.87
CA ASP C 216 21.78 -44.71 -5.98
C ASP C 216 22.58 -44.00 -4.92
N TYR C 217 22.32 -42.70 -4.75
CA TYR C 217 23.04 -41.92 -3.75
C TYR C 217 22.59 -42.29 -2.33
N GLU C 218 23.43 -41.95 -1.37
CA GLU C 218 23.12 -42.17 0.03
C GLU C 218 22.41 -40.88 0.42
N PHE C 219 21.10 -40.86 0.16
CA PHE C 219 20.27 -39.70 0.42
C PHE C 219 19.74 -39.60 1.84
N VAL C 220 19.97 -38.45 2.47
CA VAL C 220 19.48 -38.20 3.82
C VAL C 220 18.76 -36.84 3.94
N ILE C 221 17.64 -36.82 4.66
CA ILE C 221 16.85 -35.60 4.88
C ILE C 221 16.87 -35.18 6.34
N THR C 222 17.30 -33.96 6.61
CA THR C 222 17.33 -33.46 7.98
C THR C 222 16.49 -32.17 8.09
N HIS C 223 15.69 -32.07 9.14
CA HIS C 223 14.85 -30.89 9.34
C HIS C 223 14.37 -30.88 10.77
N PRO C 224 13.84 -29.74 11.23
CA PRO C 224 13.37 -29.66 12.61
C PRO C 224 12.09 -30.46 12.79
N GLU C 225 11.80 -30.77 14.04
CA GLU C 225 10.59 -31.50 14.37
C GLU C 225 9.37 -30.73 13.84
N GLY C 226 8.42 -31.45 13.27
CA GLY C 226 7.24 -30.80 12.78
C GLY C 226 7.27 -30.53 11.29
N TYR C 227 8.46 -30.60 10.69
CA TYR C 227 8.59 -30.33 9.27
C TYR C 227 8.65 -31.55 8.33
N GLU C 228 8.01 -32.66 8.72
CA GLU C 228 8.05 -33.83 7.85
C GLU C 228 7.36 -33.54 6.53
N LEU C 229 7.98 -34.01 5.45
CA LEU C 229 7.43 -33.81 4.13
C LEU C 229 6.45 -34.91 3.79
N ASP C 230 5.73 -34.75 2.69
CA ASP C 230 4.77 -35.76 2.27
C ASP C 230 5.54 -37.07 2.08
N PRO C 231 4.97 -38.19 2.57
CA PRO C 231 5.62 -39.49 2.44
C PRO C 231 5.86 -39.91 1.00
N LYS C 232 4.86 -39.70 0.14
CA LYS C 232 5.00 -40.09 -1.26
C LYS C 232 6.24 -39.48 -1.86
N PHE C 233 6.80 -38.47 -1.18
CA PHE C 233 8.00 -37.82 -1.67
C PHE C 233 9.22 -38.29 -0.92
N VAL C 234 9.12 -38.31 0.41
CA VAL C 234 10.25 -38.75 1.25
C VAL C 234 10.69 -40.15 0.85
N GLY C 235 9.72 -41.03 0.58
CA GLY C 235 10.05 -42.39 0.19
C GLY C 235 10.77 -43.11 1.32
N ASN C 236 11.83 -43.83 1.00
CA ASN C 236 12.58 -44.55 2.01
C ASN C 236 13.85 -43.79 2.36
N ALA C 237 13.84 -42.49 2.11
CA ALA C 237 15.00 -41.69 2.43
C ALA C 237 15.12 -41.63 3.94
N ARG C 238 16.34 -41.76 4.44
CA ARG C 238 16.59 -41.69 5.87
C ARG C 238 16.27 -40.29 6.33
N VAL C 239 15.64 -40.14 7.48
CA VAL C 239 15.32 -38.82 7.98
C VAL C 239 16.01 -38.65 9.32
N GLU C 240 16.74 -37.56 9.47
CA GLU C 240 17.48 -37.32 10.71
C GLU C 240 17.12 -35.98 11.33
N TYR C 241 16.62 -36.00 12.57
CA TYR C 241 16.23 -34.77 13.23
C TYR C 241 17.37 -33.99 13.81
N ASP C 242 18.58 -34.55 13.73
CA ASP C 242 19.75 -33.86 14.23
C ASP C 242 20.57 -33.47 13.01
N GLN C 243 20.66 -32.16 12.77
CA GLN C 243 21.38 -31.63 11.61
C GLN C 243 22.86 -32.04 11.62
N MET C 244 23.55 -31.78 12.72
CA MET C 244 24.96 -32.13 12.82
C MET C 244 25.23 -33.61 12.54
N LYS C 245 24.31 -34.48 12.93
CA LYS C 245 24.49 -35.89 12.66
C LYS C 245 24.37 -36.13 11.18
N ALA C 246 23.24 -35.72 10.60
CA ALA C 246 22.98 -35.89 9.19
C ALA C 246 24.14 -35.41 8.32
N PHE C 247 24.68 -34.24 8.67
CA PHE C 247 25.79 -33.65 7.94
C PHE C 247 27.07 -34.47 7.97
N GLU C 248 27.23 -35.30 9.00
CA GLU C 248 28.43 -36.11 9.13
C GLU C 248 28.83 -36.83 7.86
N GLY C 249 30.07 -36.59 7.43
CA GLY C 249 30.61 -37.21 6.24
C GLY C 249 29.81 -37.04 4.97
N ALA C 250 29.01 -35.99 4.88
CA ALA C 250 28.20 -35.74 3.71
C ALA C 250 29.11 -35.31 2.58
N ASP C 251 28.69 -35.57 1.34
CA ASP C 251 29.48 -35.16 0.18
C ASP C 251 28.87 -33.94 -0.49
N PHE C 252 27.55 -33.81 -0.34
CA PHE C 252 26.79 -32.68 -0.89
C PHE C 252 25.72 -32.23 0.09
N ILE C 253 25.64 -30.92 0.30
CA ILE C 253 24.65 -30.35 1.20
C ILE C 253 23.71 -29.52 0.34
N TYR C 254 22.44 -29.92 0.28
CA TYR C 254 21.43 -29.20 -0.50
C TYR C 254 20.49 -28.50 0.45
N ALA C 255 20.80 -27.27 0.85
CA ALA C 255 19.92 -26.54 1.77
C ALA C 255 18.71 -25.92 1.06
N LYS C 256 17.58 -25.90 1.77
CA LYS C 256 16.34 -25.33 1.22
C LYS C 256 15.31 -25.22 2.35
N ASN C 257 14.61 -24.10 2.40
CA ASN C 257 13.60 -23.96 3.44
C ASN C 257 12.24 -24.32 2.90
N TRP C 258 11.35 -24.71 3.79
CA TRP C 258 10.00 -25.06 3.40
C TRP C 258 9.09 -24.93 4.61
N ALA C 259 7.90 -24.38 4.39
CA ALA C 259 6.91 -24.20 5.44
C ALA C 259 6.33 -25.57 5.81
N ALA C 260 5.83 -25.71 7.02
CA ALA C 260 5.28 -26.99 7.48
C ALA C 260 4.39 -27.69 6.44
N TYR C 261 4.12 -28.96 6.67
CA TYR C 261 3.29 -29.73 5.75
C TYR C 261 2.20 -30.55 6.45
N LEU C 262 2.53 -31.10 7.63
CA LEU C 262 1.56 -31.93 8.36
C LEU C 262 0.27 -31.22 8.73
N GLY C 263 -0.84 -31.96 8.59
CA GLY C 263 -2.18 -31.47 8.91
C GLY C 263 -2.41 -30.03 9.34
N ASP C 264 -2.59 -29.83 10.64
CA ASP C 264 -2.88 -28.52 11.23
C ASP C 264 -1.87 -27.39 11.04
N ASN C 265 -0.78 -27.64 10.33
CA ASN C 265 0.20 -26.59 10.14
C ASN C 265 0.54 -26.30 8.68
N TYR C 266 -0.20 -26.91 7.77
CA TYR C 266 0.07 -26.69 6.35
C TYR C 266 0.37 -25.24 6.04
N GLY C 267 1.45 -25.03 5.29
CA GLY C 267 1.86 -23.70 4.90
C GLY C 267 2.25 -22.78 6.03
N GLN C 268 2.61 -23.35 7.17
CA GLN C 268 2.98 -22.52 8.32
C GLN C 268 4.43 -22.54 8.73
N ILE C 269 4.87 -21.45 9.34
CA ILE C 269 6.21 -21.35 9.82
C ILE C 269 6.18 -21.82 11.27
N LEU C 270 6.76 -22.97 11.56
CA LEU C 270 6.77 -23.48 12.91
C LEU C 270 8.03 -23.01 13.63
N SER C 271 9.12 -22.85 12.87
CA SER C 271 10.39 -22.42 13.45
C SER C 271 11.18 -21.44 12.57
N THR C 272 12.06 -20.68 13.20
CA THR C 272 12.95 -19.76 12.52
C THR C 272 14.28 -19.86 13.27
N ASP C 273 14.51 -21.06 13.81
CA ASP C 273 15.73 -21.38 14.57
C ASP C 273 17.00 -21.17 13.75
N ARG C 274 17.78 -20.16 14.09
CA ARG C 274 18.99 -19.87 13.34
C ARG C 274 20.16 -20.81 13.54
N ASN C 275 19.97 -21.87 14.32
CA ASN C 275 21.05 -22.80 14.53
C ASN C 275 21.08 -23.74 13.34
N TRP C 276 20.04 -23.68 12.53
CA TRP C 276 19.98 -24.51 11.34
C TRP C 276 20.57 -23.79 10.14
N THR C 277 20.85 -22.50 10.31
CA THR C 277 21.43 -21.73 9.21
C THR C 277 22.74 -22.41 8.89
N VAL C 278 22.85 -22.95 7.68
CA VAL C 278 24.06 -23.65 7.26
C VAL C 278 25.30 -22.75 7.34
N GLY C 279 26.11 -22.99 8.35
CA GLY C 279 27.31 -22.20 8.53
C GLY C 279 28.53 -23.08 8.52
N ASP C 280 29.69 -22.50 8.80
CA ASP C 280 30.93 -23.28 8.80
C ASP C 280 30.79 -24.47 9.77
N ARG C 281 30.25 -24.19 10.95
CA ARG C 281 30.06 -25.21 11.96
C ARG C 281 29.55 -26.51 11.35
N GLN C 282 28.43 -26.46 10.65
CA GLN C 282 27.88 -27.68 10.04
C GLN C 282 28.69 -28.26 8.89
N MET C 283 29.35 -27.40 8.12
CA MET C 283 30.15 -27.88 6.98
C MET C 283 31.41 -28.63 7.43
N ALA C 284 31.94 -28.26 8.59
CA ALA C 284 33.14 -28.88 9.13
C ALA C 284 32.97 -30.37 9.38
N VAL C 285 31.78 -30.77 9.79
CA VAL C 285 31.52 -32.17 10.10
C VAL C 285 31.26 -32.99 8.84
N THR C 286 31.18 -32.32 7.71
CA THR C 286 30.94 -33.02 6.44
C THR C 286 32.29 -33.46 5.92
N ASN C 287 32.26 -34.24 4.84
CA ASN C 287 33.46 -34.73 4.17
C ASN C 287 33.87 -33.67 3.14
N ASN C 288 34.18 -32.47 3.62
CA ASN C 288 34.54 -31.38 2.73
C ASN C 288 33.48 -31.32 1.63
N ALA C 289 32.21 -31.45 2.03
CA ALA C 289 31.09 -31.45 1.10
C ALA C 289 30.88 -30.14 0.35
N TYR C 290 30.29 -30.27 -0.84
CA TYR C 290 29.97 -29.15 -1.71
C TYR C 290 28.66 -28.55 -1.18
N PHE C 291 28.49 -27.24 -1.28
CA PHE C 291 27.25 -26.63 -0.83
C PHE C 291 26.38 -26.28 -2.03
N MET C 292 25.12 -26.70 -1.99
CA MET C 292 24.18 -26.44 -3.08
C MET C 292 22.91 -25.73 -2.62
N HIS C 293 22.18 -25.18 -3.59
CA HIS C 293 20.94 -24.47 -3.32
C HIS C 293 20.34 -23.96 -4.63
N CYS C 294 19.08 -24.29 -4.87
CA CYS C 294 18.37 -23.90 -6.08
C CYS C 294 18.39 -22.39 -6.37
N LEU C 295 18.43 -21.59 -5.30
CA LEU C 295 18.41 -20.12 -5.42
C LEU C 295 16.96 -19.74 -5.80
N PRO C 296 16.44 -18.58 -5.35
CA PRO C 296 16.98 -17.49 -4.52
C PRO C 296 17.43 -17.98 -3.15
N VAL C 297 18.44 -17.34 -2.58
CA VAL C 297 18.91 -17.74 -1.26
C VAL C 297 19.07 -16.53 -0.37
N ARG C 298 18.54 -16.61 0.84
CA ARG C 298 18.68 -15.51 1.74
C ARG C 298 19.97 -15.72 2.52
N ARG C 299 20.97 -14.90 2.23
CA ARG C 299 22.23 -15.04 2.93
C ARG C 299 22.03 -14.82 4.41
N ASN C 300 22.80 -15.57 5.20
CA ASN C 300 22.77 -15.47 6.65
C ASN C 300 21.43 -15.83 7.26
N MET C 301 20.66 -16.59 6.50
CA MET C 301 19.37 -17.08 6.94
C MET C 301 19.46 -18.56 6.62
N ILE C 302 19.51 -18.87 5.33
CA ILE C 302 19.63 -20.22 4.88
C ILE C 302 21.10 -20.65 5.03
N VAL C 303 22.02 -19.83 4.53
CA VAL C 303 23.43 -20.14 4.59
C VAL C 303 24.33 -18.92 4.85
N THR C 304 25.42 -19.13 5.57
CA THR C 304 26.39 -18.07 5.90
C THR C 304 27.01 -17.51 4.65
N ASP C 305 27.54 -16.30 4.72
CA ASP C 305 28.22 -15.70 3.57
C ASP C 305 29.44 -16.56 3.24
N ASP C 306 30.19 -16.93 4.28
CA ASP C 306 31.39 -17.73 4.10
C ASP C 306 31.18 -19.08 3.41
N VAL C 307 30.12 -19.79 3.77
CA VAL C 307 29.86 -21.09 3.15
C VAL C 307 29.49 -20.92 1.69
N ILE C 308 28.59 -19.99 1.40
CA ILE C 308 28.17 -19.77 0.03
C ILE C 308 29.30 -19.20 -0.82
N GLU C 309 30.13 -18.37 -0.20
CA GLU C 309 31.25 -17.75 -0.93
C GLU C 309 32.49 -18.62 -0.98
N SER C 310 32.46 -19.71 -0.22
CA SER C 310 33.60 -20.63 -0.17
C SER C 310 33.71 -21.45 -1.45
N PRO C 311 34.90 -22.02 -1.70
CA PRO C 311 35.10 -22.83 -2.89
C PRO C 311 34.27 -24.09 -2.96
N GLN C 312 33.74 -24.58 -1.84
CA GLN C 312 32.95 -25.81 -1.90
C GLN C 312 31.54 -25.48 -2.37
N SER C 313 31.28 -24.19 -2.57
CA SER C 313 29.99 -23.73 -3.00
C SER C 313 29.89 -23.79 -4.53
N ILE C 314 29.04 -24.67 -5.04
CA ILE C 314 28.86 -24.81 -6.48
C ILE C 314 27.46 -24.31 -6.86
N VAL C 315 26.99 -23.34 -6.07
CA VAL C 315 25.68 -22.76 -6.29
C VAL C 315 25.51 -22.20 -7.71
N ILE C 316 26.59 -21.66 -8.28
CA ILE C 316 26.49 -21.11 -9.63
C ILE C 316 26.53 -22.19 -10.72
N PRO C 317 27.48 -23.12 -10.64
CA PRO C 317 27.54 -24.17 -11.68
C PRO C 317 26.20 -24.90 -11.65
N GLU C 318 25.60 -24.87 -10.48
CA GLU C 318 24.30 -25.51 -10.27
C GLU C 318 23.26 -24.75 -11.10
N ALA C 319 23.21 -23.42 -10.92
CA ALA C 319 22.28 -22.58 -11.63
C ALA C 319 22.51 -22.74 -13.13
N ALA C 320 23.78 -22.73 -13.52
CA ALA C 320 24.12 -22.86 -14.92
C ALA C 320 23.45 -24.06 -15.58
N ASN C 321 23.43 -25.18 -14.86
CA ASN C 321 22.85 -26.40 -15.39
C ASN C 321 21.34 -26.33 -15.64
N ARG C 322 20.70 -25.30 -15.09
CA ARG C 322 19.28 -25.12 -15.32
C ARG C 322 19.03 -25.04 -16.82
N GLU C 323 19.93 -24.36 -17.52
CA GLU C 323 19.81 -24.22 -18.97
C GLU C 323 19.86 -25.59 -19.64
N ILE C 324 20.67 -26.49 -19.10
CA ILE C 324 20.82 -27.83 -19.65
C ILE C 324 19.58 -28.69 -19.44
N SER C 325 19.13 -28.80 -18.19
CA SER C 325 17.96 -29.60 -17.91
C SER C 325 16.82 -29.13 -18.82
N ALA C 326 16.62 -27.82 -18.90
CA ALA C 326 15.58 -27.22 -19.72
C ALA C 326 15.77 -27.49 -21.21
N THR C 327 17.01 -27.42 -21.67
CA THR C 327 17.28 -27.67 -23.07
C THR C 327 16.92 -29.11 -23.39
N VAL C 328 17.36 -30.05 -22.54
CA VAL C 328 17.08 -31.48 -22.72
C VAL C 328 15.58 -31.79 -22.72
N VAL C 329 14.86 -31.22 -21.74
CA VAL C 329 13.42 -31.41 -21.65
C VAL C 329 12.73 -30.87 -22.89
N LEU C 330 13.08 -29.63 -23.21
CA LEU C 330 12.51 -28.97 -24.37
C LEU C 330 12.76 -29.79 -25.64
N LYS C 331 13.98 -30.32 -25.77
CA LYS C 331 14.32 -31.14 -26.92
C LYS C 331 13.41 -32.37 -27.00
N ARG C 332 13.25 -33.09 -25.89
CA ARG C 332 12.40 -34.27 -25.84
C ARG C 332 10.98 -33.86 -26.23
N LEU C 333 10.48 -32.78 -25.64
CA LEU C 333 9.14 -32.32 -25.95
C LEU C 333 8.97 -32.04 -27.43
N LEU C 334 9.97 -31.41 -28.02
CA LEU C 334 9.92 -31.09 -29.44
C LEU C 334 9.86 -32.38 -30.26
N GLU C 335 10.76 -33.31 -29.96
CA GLU C 335 10.85 -34.57 -30.68
C GLU C 335 9.55 -35.34 -30.69
N ASN C 336 8.74 -35.13 -29.66
CA ASN C 336 7.48 -35.83 -29.58
C ASN C 336 6.32 -35.05 -30.14
N LEU C 337 6.58 -33.86 -30.66
CA LEU C 337 5.50 -33.07 -31.24
C LEU C 337 5.07 -33.76 -32.52
N PRO C 338 3.80 -33.60 -32.89
CA PRO C 338 3.24 -34.21 -34.11
C PRO C 338 4.02 -33.84 -35.37
N GLY D 18 -38.75 -1.08 33.47
CA GLY D 18 -39.06 0.37 33.26
C GLY D 18 -38.17 1.28 34.09
N SER D 19 -38.34 1.21 35.41
CA SER D 19 -37.55 2.02 36.33
C SER D 19 -36.26 1.29 36.68
N HIS D 20 -36.23 0.00 36.34
CA HIS D 20 -35.07 -0.83 36.59
C HIS D 20 -34.39 -1.10 35.25
N MET D 21 -33.53 -0.20 34.82
CA MET D 21 -32.83 -0.39 33.55
C MET D 21 -31.53 -1.14 33.75
N LYS D 22 -31.52 -2.38 33.27
CA LYS D 22 -30.36 -3.27 33.37
C LYS D 22 -29.61 -3.28 32.04
N LYS D 23 -30.29 -2.84 30.98
CA LYS D 23 -29.70 -2.77 29.65
C LYS D 23 -30.54 -1.86 28.75
N PHE D 24 -30.03 -1.58 27.54
CA PHE D 24 -30.74 -0.74 26.58
C PHE D 24 -30.41 -1.18 25.15
N THR D 25 -31.22 -2.08 24.61
CA THR D 25 -31.02 -2.60 23.26
C THR D 25 -32.24 -2.39 22.38
N CYS D 26 -33.42 -2.45 22.99
CA CYS D 26 -34.68 -2.25 22.27
C CYS D 26 -35.58 -1.25 22.98
N VAL D 27 -36.70 -0.91 22.34
CA VAL D 27 -37.66 0.06 22.89
C VAL D 27 -38.25 -0.36 24.23
N GLN D 28 -38.33 -1.67 24.45
CA GLN D 28 -38.86 -2.21 25.70
C GLN D 28 -38.08 -1.76 26.92
N ASP D 29 -36.80 -1.51 26.78
CA ASP D 29 -35.96 -1.11 27.91
C ASP D 29 -36.18 0.29 28.45
N ILE D 30 -36.74 1.17 27.63
CA ILE D 30 -36.98 2.54 28.07
C ILE D 30 -38.24 2.66 28.93
N GLY D 31 -39.13 1.67 28.77
CA GLY D 31 -40.37 1.66 29.53
C GLY D 31 -41.47 2.54 28.98
N ASP D 32 -42.08 3.32 29.85
CA ASP D 32 -43.16 4.22 29.46
C ASP D 32 -42.64 5.39 28.62
N LEU D 33 -43.08 5.44 27.36
CA LEU D 33 -42.65 6.50 26.45
C LEU D 33 -42.96 7.89 26.98
N LYS D 34 -44.07 7.99 27.72
CA LYS D 34 -44.51 9.27 28.27
C LYS D 34 -43.52 9.87 29.27
N SER D 35 -43.12 9.07 30.26
CA SER D 35 -42.19 9.56 31.26
C SER D 35 -40.79 9.66 30.65
N ALA D 36 -40.49 8.76 29.72
CA ALA D 36 -39.18 8.77 29.05
C ALA D 36 -39.03 10.11 28.35
N LEU D 37 -40.05 10.48 27.57
CA LEU D 37 -40.05 11.74 26.86
C LEU D 37 -39.97 12.91 27.83
N ALA D 38 -40.54 12.71 29.02
CA ALA D 38 -40.52 13.75 30.04
C ALA D 38 -39.08 14.05 30.49
N GLU D 39 -38.35 13.01 30.86
CA GLU D 39 -36.96 13.18 31.30
C GLU D 39 -36.16 13.82 30.18
N SER D 40 -36.46 13.41 28.95
CA SER D 40 -35.78 13.93 27.77
C SER D 40 -35.89 15.44 27.73
N PHE D 41 -37.12 15.94 27.74
CA PHE D 41 -37.32 17.38 27.70
C PHE D 41 -36.89 18.07 28.98
N GLU D 42 -36.79 17.30 30.05
CA GLU D 42 -36.36 17.85 31.33
C GLU D 42 -34.87 18.16 31.20
N ILE D 43 -34.14 17.23 30.59
CA ILE D 43 -32.70 17.40 30.41
C ILE D 43 -32.38 18.39 29.28
N LYS D 44 -33.24 18.48 28.26
CA LYS D 44 -32.97 19.44 27.19
C LYS D 44 -32.92 20.79 27.85
N LYS D 45 -33.85 21.02 28.79
CA LYS D 45 -33.96 22.27 29.52
C LYS D 45 -32.80 22.49 30.49
N ASP D 46 -32.51 21.48 31.31
CA ASP D 46 -31.40 21.55 32.27
C ASP D 46 -30.44 20.40 31.96
N ARG D 47 -29.42 20.69 31.15
CA ARG D 47 -28.46 19.68 30.74
C ARG D 47 -27.65 19.03 31.87
N PHE D 48 -27.01 19.85 32.70
CA PHE D 48 -26.19 19.32 33.80
C PHE D 48 -26.92 19.22 35.14
N LYS D 49 -28.22 18.96 35.11
CA LYS D 49 -29.01 18.85 36.32
C LYS D 49 -28.61 17.63 37.15
N TYR D 50 -28.12 16.60 36.48
CA TYR D 50 -27.70 15.37 37.17
C TYR D 50 -26.20 15.11 37.06
N VAL D 51 -25.44 16.18 36.89
CA VAL D 51 -23.99 16.09 36.75
C VAL D 51 -23.30 15.39 37.91
N GLU D 52 -23.97 15.30 39.05
CA GLU D 52 -23.40 14.64 40.22
C GLU D 52 -23.79 13.17 40.31
N LEU D 53 -24.83 12.79 39.56
CA LEU D 53 -25.33 11.43 39.57
C LEU D 53 -24.30 10.35 39.20
N GLY D 54 -23.52 10.59 38.14
CA GLY D 54 -22.54 9.61 37.72
C GLY D 54 -21.13 9.83 38.18
N ARG D 55 -20.94 10.72 39.17
CA ARG D 55 -19.61 11.00 39.68
C ARG D 55 -18.91 9.70 40.09
N ASN D 56 -17.61 9.62 39.78
CA ASN D 56 -16.80 8.46 40.08
C ASN D 56 -17.38 7.18 39.52
N LYS D 57 -18.10 7.33 38.41
CA LYS D 57 -18.71 6.22 37.68
C LYS D 57 -18.05 6.29 36.29
N THR D 58 -17.65 5.14 35.76
CA THR D 58 -16.97 5.11 34.46
C THR D 58 -17.66 4.34 33.35
N LEU D 59 -17.81 5.01 32.21
CA LEU D 59 -18.44 4.46 31.00
C LEU D 59 -17.42 4.05 29.93
N LEU D 60 -17.57 2.86 29.40
CA LEU D 60 -16.68 2.35 28.37
C LEU D 60 -17.40 2.23 27.04
N MET D 61 -16.97 3.03 26.07
CA MET D 61 -17.57 3.00 24.75
C MET D 61 -16.67 2.17 23.85
N ILE D 62 -17.23 1.09 23.31
CA ILE D 62 -16.48 0.20 22.45
C ILE D 62 -16.97 0.25 21.00
N PHE D 63 -16.06 0.56 20.09
CA PHE D 63 -16.42 0.64 18.67
C PHE D 63 -15.76 -0.40 17.77
N PHE D 64 -16.58 -1.22 17.13
CA PHE D 64 -16.06 -2.20 16.19
C PHE D 64 -16.21 -1.61 14.79
N ASN D 65 -16.98 -0.53 14.70
CA ASN D 65 -17.21 0.15 13.42
C ASN D 65 -16.98 1.65 13.57
N SER D 66 -17.10 2.38 12.45
CA SER D 66 -16.91 3.83 12.46
C SER D 66 -18.10 4.57 13.02
N SER D 67 -17.84 5.77 13.54
CA SER D 67 -18.89 6.60 14.14
C SER D 67 -18.51 8.04 14.41
N LEU D 68 -19.43 8.94 14.07
CA LEU D 68 -19.24 10.38 14.30
C LEU D 68 -20.25 10.79 15.38
N ARG D 69 -21.54 10.58 15.08
CA ARG D 69 -22.60 10.95 16.01
C ARG D 69 -22.61 10.17 17.31
N THR D 70 -22.71 8.85 17.24
CA THR D 70 -22.72 8.03 18.46
C THR D 70 -21.45 8.29 19.28
N ARG D 71 -20.31 8.36 18.60
CA ARG D 71 -19.03 8.60 19.27
C ARG D 71 -19.04 9.93 20.04
N LEU D 72 -19.40 11.01 19.35
CA LEU D 72 -19.43 12.33 19.96
C LEU D 72 -20.58 12.61 20.92
N SER D 73 -21.80 12.25 20.53
CA SER D 73 -22.97 12.48 21.36
C SER D 73 -22.97 11.70 22.68
N THR D 74 -22.62 10.43 22.60
CA THR D 74 -22.60 9.60 23.81
C THR D 74 -21.57 10.05 24.85
N GLN D 75 -20.54 10.77 24.43
CA GLN D 75 -19.53 11.24 25.37
C GLN D 75 -20.04 12.47 26.10
N LYS D 76 -20.67 13.36 25.35
CA LYS D 76 -21.23 14.58 25.93
C LYS D 76 -22.30 14.13 26.92
N ALA D 77 -23.09 13.11 26.56
CA ALA D 77 -24.13 12.59 27.44
C ALA D 77 -23.53 12.13 28.77
N ALA D 78 -22.43 11.40 28.70
CA ALA D 78 -21.77 10.90 29.90
C ALA D 78 -21.21 12.06 30.71
N LEU D 79 -20.72 13.09 30.03
CA LEU D 79 -20.16 14.26 30.71
C LEU D 79 -21.26 15.09 31.37
N ASN D 80 -22.49 14.91 30.89
CA ASN D 80 -23.64 15.61 31.44
C ASN D 80 -23.96 15.00 32.80
N LEU D 81 -23.58 13.74 32.96
CA LEU D 81 -23.82 13.02 34.20
C LEU D 81 -22.61 12.99 35.14
N GLY D 82 -21.58 13.76 34.79
CA GLY D 82 -20.37 13.81 35.60
C GLY D 82 -19.61 12.49 35.60
N MET D 83 -19.80 11.71 34.54
CA MET D 83 -19.15 10.43 34.42
C MET D 83 -17.72 10.52 33.93
N ASN D 84 -17.07 9.37 33.95
CA ASN D 84 -15.71 9.22 33.46
C ASN D 84 -15.90 8.51 32.13
N VAL D 85 -15.22 9.00 31.09
CA VAL D 85 -15.35 8.39 29.77
C VAL D 85 -14.08 7.71 29.28
N ILE D 86 -14.26 6.56 28.64
CA ILE D 86 -13.16 5.80 28.06
C ILE D 86 -13.61 5.23 26.73
N VAL D 87 -13.15 5.88 25.66
CA VAL D 87 -13.48 5.47 24.30
C VAL D 87 -12.37 4.56 23.78
N LEU D 88 -12.73 3.31 23.50
CA LEU D 88 -11.77 2.35 23.02
C LEU D 88 -12.19 1.83 21.65
N ASP D 89 -11.29 1.99 20.69
CA ASP D 89 -11.53 1.50 19.34
C ASP D 89 -10.79 0.19 19.20
N ILE D 90 -11.50 -0.93 19.30
CA ILE D 90 -10.82 -2.19 19.15
C ILE D 90 -10.34 -2.19 17.71
N ASN D 91 -9.29 -2.95 17.43
CA ASN D 91 -8.70 -3.03 16.10
C ASN D 91 -7.65 -1.97 15.95
N GLN D 92 -8.00 -0.72 16.21
CA GLN D 92 -7.01 0.34 16.11
C GLN D 92 -5.99 0.29 17.25
N GLY D 93 -6.48 0.45 18.49
CA GLY D 93 -5.59 0.45 19.63
C GLY D 93 -5.31 -0.87 20.33
N ALA D 94 -6.21 -1.84 20.21
CA ALA D 94 -5.99 -3.13 20.88
C ALA D 94 -5.65 -4.27 19.92
N TRP D 95 -5.99 -5.49 20.31
CA TRP D 95 -5.70 -6.67 19.50
C TRP D 95 -6.95 -7.16 18.76
N LYS D 96 -6.78 -7.71 17.55
CA LYS D 96 -7.90 -8.24 16.77
C LYS D 96 -8.52 -9.38 17.56
N LEU D 97 -9.84 -9.46 17.56
CA LEU D 97 -10.51 -10.48 18.35
C LEU D 97 -11.00 -11.68 17.56
N GLU D 98 -10.99 -12.84 18.22
CA GLU D 98 -11.46 -14.08 17.64
C GLU D 98 -12.91 -14.20 18.04
N THR D 99 -13.79 -14.10 17.07
CA THR D 99 -15.21 -14.17 17.36
C THR D 99 -15.67 -15.58 17.73
N GLU D 100 -15.22 -16.57 16.96
CA GLU D 100 -15.60 -17.98 17.14
C GLU D 100 -14.82 -18.74 18.22
N ARG D 101 -15.53 -19.61 18.93
CA ARG D 101 -14.94 -20.42 20.00
C ARG D 101 -14.58 -21.84 19.52
N GLY D 102 -13.54 -22.41 20.13
CA GLY D 102 -13.11 -23.74 19.79
C GLY D 102 -11.99 -23.81 18.76
N VAL D 103 -11.93 -22.81 17.88
CA VAL D 103 -10.92 -22.73 16.83
C VAL D 103 -9.52 -22.61 17.43
N ILE D 104 -8.50 -22.94 16.63
CA ILE D 104 -7.12 -22.84 17.07
C ILE D 104 -6.62 -21.43 16.72
N MET D 105 -6.34 -20.64 17.74
CA MET D 105 -5.89 -19.26 17.54
C MET D 105 -4.44 -19.12 17.10
N ASP D 106 -4.11 -19.77 15.99
CA ASP D 106 -2.75 -19.72 15.46
C ASP D 106 -2.62 -18.79 14.27
N GLY D 107 -3.31 -17.66 14.29
CA GLY D 107 -3.21 -16.77 13.15
C GLY D 107 -3.37 -15.29 13.41
N ASP D 108 -4.33 -14.74 12.66
CA ASP D 108 -4.71 -13.34 12.65
C ASP D 108 -5.04 -12.67 13.99
N LYS D 109 -5.88 -13.32 14.79
CA LYS D 109 -6.29 -12.78 16.07
C LYS D 109 -5.51 -13.31 17.27
N PRO D 110 -4.98 -12.40 18.10
CA PRO D 110 -4.19 -12.68 19.32
C PRO D 110 -5.06 -12.85 20.58
N GLU D 111 -6.29 -12.37 20.52
CA GLU D 111 -7.19 -12.43 21.66
C GLU D 111 -8.57 -12.92 21.31
N HIS D 112 -9.20 -13.65 22.24
CA HIS D 112 -10.54 -14.16 21.99
C HIS D 112 -11.57 -13.28 22.70
N LEU D 113 -12.72 -13.12 22.04
CA LEU D 113 -13.82 -12.32 22.57
C LEU D 113 -14.11 -12.77 23.99
N LEU D 114 -14.21 -14.08 24.16
CA LEU D 114 -14.50 -14.68 25.45
C LEU D 114 -13.63 -14.14 26.57
N GLU D 115 -12.45 -13.62 26.24
CA GLU D 115 -11.57 -13.07 27.26
C GLU D 115 -11.71 -11.55 27.34
N ALA D 116 -11.73 -10.90 26.19
CA ALA D 116 -11.82 -9.44 26.12
C ALA D 116 -13.05 -8.84 26.79
N ILE D 117 -14.23 -9.37 26.45
CA ILE D 117 -15.49 -8.89 27.05
C ILE D 117 -15.35 -8.81 28.58
N PRO D 118 -15.14 -9.95 29.25
CA PRO D 118 -15.00 -9.95 30.72
C PRO D 118 -13.91 -8.99 31.20
N VAL D 119 -12.80 -8.93 30.47
CA VAL D 119 -11.70 -8.06 30.86
C VAL D 119 -12.05 -6.58 30.73
N MET D 120 -12.91 -6.26 29.76
CA MET D 120 -13.31 -4.87 29.53
C MET D 120 -14.22 -4.42 30.67
N GLY D 121 -15.09 -5.33 31.10
CA GLY D 121 -16.00 -5.03 32.19
C GLY D 121 -15.25 -4.72 33.47
N CYS D 122 -14.15 -5.41 33.71
CA CYS D 122 -13.38 -5.19 34.92
C CYS D 122 -13.04 -3.73 35.21
N TYR D 123 -12.87 -2.89 34.19
CA TYR D 123 -12.47 -1.50 34.45
C TYR D 123 -13.52 -0.41 34.26
N CYS D 124 -14.78 -0.79 34.17
CA CYS D 124 -15.84 0.19 33.98
C CYS D 124 -17.07 -0.12 34.84
N ASP D 125 -18.08 0.73 34.71
CA ASP D 125 -19.35 0.59 35.42
C ASP D 125 -20.44 0.27 34.40
N ILE D 126 -20.46 1.01 33.30
CA ILE D 126 -21.43 0.83 32.23
C ILE D 126 -20.71 0.74 30.90
N ILE D 127 -21.15 -0.17 30.04
CA ILE D 127 -20.55 -0.37 28.72
C ILE D 127 -21.44 -0.07 27.51
N GLY D 128 -20.87 0.67 26.56
CA GLY D 128 -21.58 0.98 25.34
C GLY D 128 -20.89 0.21 24.22
N VAL D 129 -21.66 -0.47 23.37
CA VAL D 129 -21.08 -1.27 22.29
C VAL D 129 -21.68 -1.05 20.89
N ARG D 130 -20.83 -0.79 19.91
CA ARG D 130 -21.31 -0.62 18.53
C ARG D 130 -20.76 -1.78 17.71
N SER D 131 -21.67 -2.62 17.18
CA SER D 131 -21.26 -3.76 16.38
C SER D 131 -22.21 -4.01 15.22
N PHE D 132 -21.96 -3.34 14.09
CA PHE D 132 -22.79 -3.47 12.90
C PHE D 132 -22.98 -4.93 12.52
N ALA D 133 -24.02 -5.18 11.73
CA ALA D 133 -24.29 -6.54 11.24
C ALA D 133 -23.11 -6.87 10.34
N ARG D 134 -22.71 -8.13 10.30
CA ARG D 134 -21.57 -8.53 9.47
C ARG D 134 -22.00 -9.09 8.12
N PHE D 135 -23.31 -9.33 7.98
CA PHE D 135 -23.84 -9.86 6.74
C PHE D 135 -23.21 -11.18 6.32
N GLU D 136 -22.60 -11.86 7.27
CA GLU D 136 -21.96 -13.14 6.99
C GLU D 136 -23.05 -14.20 7.13
N ASN D 137 -23.72 -14.18 8.27
CA ASN D 137 -24.79 -15.13 8.55
C ASN D 137 -26.00 -14.39 9.13
N ARG D 138 -27.10 -14.38 8.38
CA ARG D 138 -28.32 -13.69 8.80
C ARG D 138 -28.68 -14.00 10.25
N GLU D 139 -28.71 -15.29 10.60
CA GLU D 139 -29.05 -15.74 11.94
C GLU D 139 -28.06 -15.23 13.00
N TYR D 140 -26.78 -15.23 12.66
CA TYR D 140 -25.75 -14.75 13.57
C TYR D 140 -26.02 -13.30 13.96
N ASP D 141 -26.41 -12.50 12.97
CA ASP D 141 -26.71 -11.08 13.19
C ASP D 141 -28.02 -10.86 13.91
N TYR D 142 -29.10 -11.45 13.39
CA TYR D 142 -30.39 -11.27 14.01
C TYR D 142 -30.52 -11.85 15.39
N ASN D 143 -29.61 -12.74 15.76
CA ASN D 143 -29.66 -13.30 17.11
C ASN D 143 -28.80 -12.37 17.94
N GLU D 144 -28.31 -11.31 17.30
CA GLU D 144 -27.49 -10.31 17.96
C GLU D 144 -26.51 -10.98 18.91
N VAL D 145 -25.72 -11.88 18.35
CA VAL D 145 -24.74 -12.64 19.13
C VAL D 145 -23.73 -11.79 19.88
N ILE D 146 -23.00 -10.95 19.16
CA ILE D 146 -21.98 -10.12 19.77
C ILE D 146 -22.50 -9.20 20.87
N ILE D 147 -23.53 -8.42 20.58
CA ILE D 147 -24.09 -7.50 21.58
C ILE D 147 -24.53 -8.30 22.80
N ASN D 148 -25.14 -9.46 22.57
CA ASN D 148 -25.61 -10.32 23.65
C ASN D 148 -24.49 -10.87 24.52
N GLN D 149 -23.35 -11.20 23.92
CA GLN D 149 -22.23 -11.73 24.66
C GLN D 149 -21.66 -10.71 25.64
N PHE D 150 -21.76 -9.43 25.28
CA PHE D 150 -21.27 -8.40 26.18
C PHE D 150 -22.22 -8.41 27.35
N ILE D 151 -23.51 -8.49 27.04
CA ILE D 151 -24.55 -8.52 28.06
C ILE D 151 -24.29 -9.69 29.02
N GLN D 152 -24.08 -10.87 28.46
CA GLN D 152 -23.85 -12.07 29.25
C GLN D 152 -22.54 -12.17 30.04
N HIS D 153 -21.43 -11.77 29.43
CA HIS D 153 -20.14 -11.90 30.11
C HIS D 153 -19.42 -10.64 30.58
N SER D 154 -19.86 -9.47 30.14
CA SER D 154 -19.18 -8.24 30.55
C SER D 154 -19.28 -7.99 32.05
N GLY D 155 -20.38 -8.43 32.66
CA GLY D 155 -20.57 -8.22 34.08
C GLY D 155 -20.85 -6.76 34.35
N ARG D 156 -21.49 -6.11 33.38
CA ARG D 156 -21.83 -4.70 33.47
C ARG D 156 -23.10 -4.43 32.67
N PRO D 157 -23.72 -3.27 32.89
CA PRO D 157 -24.93 -2.94 32.15
C PRO D 157 -24.49 -2.60 30.73
N VAL D 158 -25.18 -3.15 29.73
CA VAL D 158 -24.82 -2.89 28.35
C VAL D 158 -25.89 -2.13 27.57
N PHE D 159 -25.49 -1.07 26.88
CA PHE D 159 -26.44 -0.30 26.07
C PHE D 159 -25.90 -0.25 24.64
N SER D 160 -26.79 -0.43 23.69
CA SER D 160 -26.43 -0.46 22.28
C SER D 160 -26.13 0.90 21.64
N MET D 161 -25.03 0.94 20.89
CA MET D 161 -24.58 2.14 20.16
C MET D 161 -24.82 1.80 18.68
N GLU D 162 -25.60 0.73 18.49
CA GLU D 162 -26.04 0.15 17.23
C GLU D 162 -25.53 -1.27 17.11
N ALA D 163 -26.46 -2.21 17.00
CA ALA D 163 -26.11 -3.61 16.87
C ALA D 163 -26.47 -4.05 15.47
N ALA D 164 -26.63 -5.36 15.29
CA ALA D 164 -26.95 -5.90 13.98
C ALA D 164 -28.37 -5.62 13.51
N THR D 165 -29.32 -5.61 14.44
CA THR D 165 -30.72 -5.37 14.07
C THR D 165 -31.45 -4.18 14.70
N ARG D 166 -30.79 -3.49 15.63
CA ARG D 166 -31.40 -2.33 16.31
C ARG D 166 -30.42 -1.16 16.48
N HIS D 167 -30.92 -0.06 17.02
CA HIS D 167 -30.12 1.14 17.27
C HIS D 167 -31.03 2.06 18.07
N PRO D 168 -31.40 1.65 19.29
CA PRO D 168 -32.26 2.38 20.22
C PRO D 168 -31.93 3.86 20.45
N LEU D 169 -30.66 4.14 20.72
CA LEU D 169 -30.24 5.52 20.96
C LEU D 169 -30.64 6.47 19.84
N GLN D 170 -30.74 5.95 18.63
CA GLN D 170 -31.11 6.76 17.46
C GLN D 170 -32.63 6.96 17.42
N SER D 171 -33.37 5.86 17.45
CA SER D 171 -34.83 5.91 17.43
C SER D 171 -35.39 6.74 18.59
N PHE D 172 -34.89 6.50 19.80
CA PHE D 172 -35.34 7.26 20.96
C PHE D 172 -35.18 8.75 20.65
N ALA D 173 -34.04 9.11 20.05
CA ALA D 173 -33.79 10.49 19.69
C ALA D 173 -34.80 10.90 18.62
N ASP D 174 -35.05 10.00 17.67
CA ASP D 174 -36.00 10.28 16.59
C ASP D 174 -37.40 10.56 17.15
N LEU D 175 -37.76 9.84 18.21
CA LEU D 175 -39.04 10.01 18.85
C LEU D 175 -39.11 11.41 19.45
N ILE D 176 -38.14 11.71 20.31
CA ILE D 176 -38.08 13.00 20.97
C ILE D 176 -38.24 14.16 19.97
N THR D 177 -37.57 14.06 18.84
CA THR D 177 -37.63 15.10 17.81
C THR D 177 -38.98 15.16 17.07
N ILE D 178 -39.61 14.02 16.81
CA ILE D 178 -40.91 14.03 16.13
C ILE D 178 -41.95 14.63 17.10
N GLU D 179 -41.87 14.21 18.35
CA GLU D 179 -42.77 14.72 19.38
C GLU D 179 -42.55 16.23 19.52
N GLU D 180 -41.28 16.61 19.46
CA GLU D 180 -40.85 17.98 19.57
C GLU D 180 -41.36 18.86 18.44
N TYR D 181 -41.49 18.31 17.23
CA TYR D 181 -41.96 19.12 16.09
C TYR D 181 -43.39 18.89 15.60
N LYS D 182 -43.94 17.69 15.84
CA LYS D 182 -45.29 17.38 15.36
C LYS D 182 -46.33 18.46 15.54
N LYS D 183 -47.14 18.66 14.49
CA LYS D 183 -48.20 19.67 14.48
C LYS D 183 -49.54 19.10 14.94
N THR D 184 -49.59 17.80 15.17
CA THR D 184 -50.82 17.12 15.63
C THR D 184 -50.48 15.96 16.54
N ALA D 185 -51.48 15.44 17.23
CA ALA D 185 -51.30 14.35 18.19
C ALA D 185 -50.73 13.07 17.59
N ARG D 186 -51.22 12.71 16.41
CA ARG D 186 -50.77 11.49 15.74
C ARG D 186 -50.45 11.75 14.28
N PRO D 187 -49.27 12.31 14.01
CA PRO D 187 -48.84 12.61 12.63
C PRO D 187 -48.60 11.37 11.78
N LYS D 188 -48.61 11.54 10.47
CA LYS D 188 -48.35 10.44 9.56
C LYS D 188 -46.86 10.44 9.29
N VAL D 189 -46.17 9.46 9.85
CA VAL D 189 -44.72 9.32 9.70
C VAL D 189 -44.41 8.25 8.64
N VAL D 190 -43.73 8.66 7.58
CA VAL D 190 -43.37 7.76 6.48
C VAL D 190 -41.87 7.48 6.41
N MET D 191 -41.49 6.23 6.64
CA MET D 191 -40.08 5.86 6.56
C MET D 191 -39.90 5.32 5.15
N THR D 192 -39.04 5.98 4.38
CA THR D 192 -38.79 5.56 3.01
C THR D 192 -37.41 4.97 2.80
N TRP D 193 -37.29 4.17 1.75
CA TRP D 193 -36.02 3.57 1.38
C TRP D 193 -35.44 4.54 0.36
N ALA D 194 -34.16 4.40 0.07
CA ALA D 194 -33.48 5.24 -0.90
C ALA D 194 -32.28 4.46 -1.44
N PRO D 195 -31.81 4.83 -2.63
CA PRO D 195 -30.66 4.18 -3.27
C PRO D 195 -29.31 4.47 -2.59
N HIS D 196 -28.48 3.43 -2.49
CA HIS D 196 -27.17 3.57 -1.85
C HIS D 196 -26.16 2.70 -2.61
N PRO D 197 -24.90 3.16 -2.72
CA PRO D 197 -23.83 2.44 -3.41
C PRO D 197 -23.33 1.18 -2.71
N ARG D 198 -23.44 1.15 -1.39
CA ARG D 198 -22.97 -0.02 -0.63
C ARG D 198 -24.09 -0.66 0.18
N PRO D 199 -23.93 -1.93 0.56
CA PRO D 199 -24.96 -2.64 1.33
C PRO D 199 -24.96 -2.22 2.82
N LEU D 200 -26.06 -1.65 3.27
CA LEU D 200 -26.18 -1.20 4.66
C LEU D 200 -27.10 -2.09 5.48
N PRO D 201 -26.85 -2.17 6.80
CA PRO D 201 -27.66 -2.99 7.70
C PRO D 201 -29.07 -2.42 7.82
N GLN D 202 -30.05 -3.27 8.09
CA GLN D 202 -31.41 -2.80 8.27
C GLN D 202 -31.65 -2.45 9.74
N ALA D 203 -30.56 -2.21 10.47
CA ALA D 203 -30.62 -1.89 11.89
C ALA D 203 -31.40 -0.61 12.21
N VAL D 204 -31.04 0.50 11.56
CA VAL D 204 -31.72 1.76 11.79
C VAL D 204 -33.21 1.68 11.40
N PRO D 205 -33.51 1.05 10.26
CA PRO D 205 -34.91 0.91 9.82
C PRO D 205 -35.76 0.08 10.78
N ASN D 206 -35.20 -1.03 11.28
CA ASN D 206 -35.93 -1.88 12.21
C ASN D 206 -36.18 -1.11 13.49
N SER D 207 -35.14 -0.46 13.97
CA SER D 207 -35.22 0.29 15.21
C SER D 207 -36.27 1.38 15.10
N PHE D 208 -36.30 2.07 13.96
CA PHE D 208 -37.28 3.11 13.78
C PHE D 208 -38.67 2.47 13.79
N ALA D 209 -38.86 1.46 12.94
CA ALA D 209 -40.15 0.78 12.87
C ALA D 209 -40.56 0.35 14.28
N GLU D 210 -39.64 -0.32 14.98
CA GLU D 210 -39.90 -0.80 16.33
C GLU D 210 -40.42 0.32 17.24
N TRP D 211 -39.80 1.48 17.18
CA TRP D 211 -40.26 2.56 18.03
C TRP D 211 -41.54 3.20 17.55
N MET D 212 -41.66 3.43 16.24
CA MET D 212 -42.88 4.03 15.72
C MET D 212 -44.10 3.17 16.06
N ASN D 213 -43.97 1.86 15.90
CA ASN D 213 -45.08 0.98 16.22
C ASN D 213 -45.51 1.14 17.67
N ALA D 214 -44.59 1.58 18.52
CA ALA D 214 -44.88 1.76 19.93
C ALA D 214 -45.64 3.07 20.19
N THR D 215 -45.89 3.83 19.13
CA THR D 215 -46.61 5.08 19.27
C THR D 215 -48.01 5.00 18.68
N ASP D 216 -48.74 6.08 18.85
CA ASP D 216 -50.10 6.23 18.35
C ASP D 216 -50.09 6.92 16.99
N TYR D 217 -48.88 7.08 16.43
CA TYR D 217 -48.69 7.73 15.14
C TYR D 217 -49.24 6.88 14.01
N GLU D 218 -49.31 7.47 12.81
CA GLU D 218 -49.76 6.77 11.62
C GLU D 218 -48.49 6.39 10.88
N PHE D 219 -47.94 5.22 11.22
CA PHE D 219 -46.69 4.75 10.64
C PHE D 219 -46.83 4.03 9.29
N VAL D 220 -46.09 4.52 8.30
CA VAL D 220 -46.09 3.95 6.95
C VAL D 220 -44.67 3.68 6.44
N ILE D 221 -44.44 2.44 6.03
CA ILE D 221 -43.14 2.03 5.48
C ILE D 221 -43.24 1.89 3.96
N THR D 222 -42.30 2.49 3.25
CA THR D 222 -42.30 2.42 1.79
C THR D 222 -40.91 2.03 1.28
N HIS D 223 -40.87 1.03 0.41
CA HIS D 223 -39.62 0.56 -0.15
C HIS D 223 -39.89 -0.22 -1.42
N PRO D 224 -38.85 -0.40 -2.26
CA PRO D 224 -38.99 -1.13 -3.52
C PRO D 224 -39.28 -2.60 -3.25
N GLU D 225 -39.82 -3.28 -4.25
CA GLU D 225 -40.10 -4.70 -4.12
C GLU D 225 -38.79 -5.40 -3.80
N GLY D 226 -38.84 -6.39 -2.91
CA GLY D 226 -37.64 -7.12 -2.57
C GLY D 226 -37.04 -6.72 -1.24
N TYR D 227 -37.24 -5.47 -0.84
CA TYR D 227 -36.66 -4.99 0.42
C TYR D 227 -37.54 -5.08 1.66
N GLU D 228 -38.34 -6.13 1.79
CA GLU D 228 -39.18 -6.26 2.98
C GLU D 228 -38.30 -6.50 4.19
N LEU D 229 -38.63 -5.84 5.30
CA LEU D 229 -37.88 -5.97 6.55
C LEU D 229 -38.47 -7.09 7.39
N ASP D 230 -37.73 -7.47 8.43
CA ASP D 230 -38.17 -8.54 9.32
C ASP D 230 -39.55 -8.21 9.86
N PRO D 231 -40.49 -9.18 9.78
CA PRO D 231 -41.85 -8.98 10.27
C PRO D 231 -41.91 -8.58 11.75
N LYS D 232 -41.07 -9.19 12.58
CA LYS D 232 -41.09 -8.88 14.00
C LYS D 232 -40.81 -7.39 14.20
N PHE D 233 -40.30 -6.74 13.17
CA PHE D 233 -39.99 -5.32 13.22
C PHE D 233 -41.05 -4.51 12.47
N VAL D 234 -41.51 -5.03 11.33
CA VAL D 234 -42.52 -4.32 10.56
C VAL D 234 -43.78 -4.18 11.37
N GLY D 235 -44.11 -5.20 12.15
CA GLY D 235 -45.31 -5.17 12.97
C GLY D 235 -46.54 -5.03 12.11
N ASN D 236 -47.45 -4.15 12.52
CA ASN D 236 -48.68 -3.92 11.78
C ASN D 236 -48.60 -2.71 10.86
N ALA D 237 -47.46 -2.03 10.89
CA ALA D 237 -47.26 -0.83 10.08
C ALA D 237 -47.73 -1.06 8.65
N ARG D 238 -48.24 0.01 8.03
CA ARG D 238 -48.72 -0.06 6.66
C ARG D 238 -47.53 -0.04 5.72
N VAL D 239 -47.45 -1.01 4.82
CA VAL D 239 -46.35 -1.07 3.88
C VAL D 239 -46.83 -0.72 2.48
N GLU D 240 -46.32 0.40 1.95
CA GLU D 240 -46.69 0.85 0.63
C GLU D 240 -45.54 0.72 -0.37
N TYR D 241 -45.76 -0.01 -1.46
CA TYR D 241 -44.71 -0.21 -2.47
C TYR D 241 -44.62 0.95 -3.44
N ASP D 242 -45.55 1.89 -3.32
CA ASP D 242 -45.55 3.09 -4.16
C ASP D 242 -45.06 4.23 -3.28
N GLN D 243 -43.86 4.75 -3.57
CA GLN D 243 -43.30 5.83 -2.77
C GLN D 243 -44.17 7.08 -2.79
N MET D 244 -44.55 7.56 -3.98
CA MET D 244 -45.37 8.76 -4.11
C MET D 244 -46.70 8.65 -3.35
N LYS D 245 -47.25 7.45 -3.23
CA LYS D 245 -48.50 7.26 -2.51
C LYS D 245 -48.29 7.39 -1.01
N ALA D 246 -47.21 6.77 -0.52
CA ALA D 246 -46.90 6.81 0.90
C ALA D 246 -46.69 8.26 1.36
N PHE D 247 -45.94 9.03 0.57
CA PHE D 247 -45.64 10.43 0.88
C PHE D 247 -46.84 11.36 0.97
N GLU D 248 -47.95 10.99 0.33
CA GLU D 248 -49.16 11.81 0.35
C GLU D 248 -49.64 12.14 1.76
N GLY D 249 -49.76 13.43 2.04
CA GLY D 249 -50.23 13.88 3.35
C GLY D 249 -49.35 13.50 4.53
N ALA D 250 -48.10 13.19 4.26
CA ALA D 250 -47.18 12.82 5.33
C ALA D 250 -46.76 14.09 6.08
N ASP D 251 -46.49 13.93 7.37
CA ASP D 251 -46.05 15.05 8.19
C ASP D 251 -44.55 14.92 8.45
N PHE D 252 -44.07 13.68 8.42
CA PHE D 252 -42.65 13.41 8.63
C PHE D 252 -42.17 12.38 7.59
N ILE D 253 -40.97 12.60 7.08
CA ILE D 253 -40.36 11.68 6.12
C ILE D 253 -39.02 11.23 6.67
N TYR D 254 -38.94 9.97 7.08
CA TYR D 254 -37.72 9.41 7.63
C TYR D 254 -37.07 8.49 6.60
N ALA D 255 -36.20 9.09 5.78
CA ALA D 255 -35.51 8.37 4.75
C ALA D 255 -34.30 7.63 5.32
N LYS D 256 -34.08 6.41 4.85
CA LYS D 256 -32.95 5.59 5.28
C LYS D 256 -32.84 4.40 4.34
N ASN D 257 -31.62 4.09 3.93
CA ASN D 257 -31.38 2.97 3.04
C ASN D 257 -30.99 1.72 3.83
N TRP D 258 -31.29 0.57 3.25
CA TRP D 258 -30.94 -0.70 3.88
C TRP D 258 -30.85 -1.78 2.80
N ALA D 259 -29.93 -2.71 3.00
CA ALA D 259 -29.73 -3.81 2.06
C ALA D 259 -30.82 -4.85 2.24
N ALA D 260 -31.07 -5.65 1.21
CA ALA D 260 -32.10 -6.69 1.27
C ALA D 260 -32.06 -7.48 2.58
N TYR D 261 -33.18 -8.11 2.90
CA TYR D 261 -33.28 -8.90 4.12
C TYR D 261 -33.80 -10.32 3.90
N LEU D 262 -34.69 -10.48 2.93
CA LEU D 262 -35.28 -11.78 2.64
C LEU D 262 -34.33 -12.87 2.16
N GLY D 263 -34.53 -14.07 2.72
CA GLY D 263 -33.73 -15.24 2.39
C GLY D 263 -32.44 -15.07 1.59
N ASP D 264 -32.51 -15.51 0.34
CA ASP D 264 -31.37 -15.49 -0.58
C ASP D 264 -30.68 -14.17 -0.89
N ASN D 265 -31.22 -13.05 -0.43
CA ASN D 265 -30.59 -11.76 -0.72
C ASN D 265 -30.12 -11.01 0.51
N TYR D 266 -30.08 -11.69 1.66
CA TYR D 266 -29.65 -11.05 2.89
C TYR D 266 -28.34 -10.28 2.69
N GLY D 267 -28.34 -9.03 3.10
CA GLY D 267 -27.15 -8.19 2.99
C GLY D 267 -26.73 -7.84 1.58
N GLN D 268 -27.68 -7.83 0.65
CA GLN D 268 -27.36 -7.52 -0.73
C GLN D 268 -28.07 -6.29 -1.30
N ILE D 269 -27.45 -5.69 -2.31
CA ILE D 269 -28.01 -4.52 -2.97
C ILE D 269 -28.85 -4.97 -4.14
N LEU D 270 -30.17 -4.94 -3.97
CA LEU D 270 -31.07 -5.36 -5.04
C LEU D 270 -31.27 -4.25 -6.07
N SER D 271 -31.15 -3.00 -5.62
CA SER D 271 -31.34 -1.86 -6.52
C SER D 271 -30.72 -0.55 -6.05
N THR D 272 -30.49 0.34 -7.01
CA THR D 272 -29.94 1.67 -6.75
C THR D 272 -30.74 2.65 -7.59
N ASP D 273 -32.02 2.32 -7.75
CA ASP D 273 -32.98 3.13 -8.51
C ASP D 273 -33.03 4.54 -7.92
N ARG D 274 -32.57 5.53 -8.67
CA ARG D 274 -32.56 6.90 -8.17
C ARG D 274 -33.88 7.64 -8.27
N ASN D 275 -34.96 6.90 -8.50
CA ASN D 275 -36.29 7.51 -8.56
C ASN D 275 -36.80 7.54 -7.13
N TRP D 276 -36.08 6.86 -6.25
CA TRP D 276 -36.44 6.83 -4.84
C TRP D 276 -35.69 7.91 -4.07
N THR D 277 -34.63 8.43 -4.66
CA THR D 277 -33.87 9.48 -4.02
C THR D 277 -34.88 10.55 -3.63
N VAL D 278 -34.98 10.81 -2.33
CA VAL D 278 -35.91 11.81 -1.79
C VAL D 278 -35.54 13.22 -2.25
N GLY D 279 -36.31 13.73 -3.22
CA GLY D 279 -36.08 15.06 -3.76
C GLY D 279 -37.32 15.91 -3.61
N ASP D 280 -37.32 17.08 -4.22
CA ASP D 280 -38.46 17.98 -4.11
C ASP D 280 -39.73 17.34 -4.68
N ARG D 281 -39.56 16.48 -5.68
CA ARG D 281 -40.70 15.82 -6.31
C ARG D 281 -41.60 15.09 -5.29
N GLN D 282 -41.02 14.26 -4.43
CA GLN D 282 -41.82 13.52 -3.46
C GLN D 282 -42.27 14.35 -2.27
N MET D 283 -41.42 15.29 -1.85
CA MET D 283 -41.76 16.14 -0.70
C MET D 283 -42.99 16.99 -0.97
N ALA D 284 -43.16 17.44 -2.21
CA ALA D 284 -44.30 18.28 -2.57
C ALA D 284 -45.66 17.61 -2.30
N VAL D 285 -45.72 16.29 -2.47
CA VAL D 285 -46.96 15.54 -2.24
C VAL D 285 -47.28 15.36 -0.76
N THR D 286 -46.32 15.70 0.09
CA THR D 286 -46.51 15.58 1.54
C THR D 286 -47.19 16.85 2.06
N ASN D 287 -47.72 16.75 3.28
CA ASN D 287 -48.39 17.87 3.94
C ASN D 287 -47.31 18.78 4.52
N ASN D 288 -46.42 19.26 3.64
CA ASN D 288 -45.30 20.09 4.03
C ASN D 288 -44.54 19.34 5.12
N ALA D 289 -44.36 18.04 4.89
CA ALA D 289 -43.67 17.16 5.83
C ALA D 289 -42.24 17.58 6.09
N TYR D 290 -41.77 17.26 7.30
CA TYR D 290 -40.42 17.56 7.72
C TYR D 290 -39.51 16.46 7.16
N PHE D 291 -38.24 16.78 6.95
CA PHE D 291 -37.32 15.76 6.46
C PHE D 291 -36.37 15.33 7.56
N MET D 292 -36.32 14.02 7.78
CA MET D 292 -35.46 13.43 8.80
C MET D 292 -34.54 12.36 8.22
N HIS D 293 -33.48 12.04 8.95
CA HIS D 293 -32.50 11.03 8.56
C HIS D 293 -31.48 10.91 9.70
N CYS D 294 -31.18 9.68 10.09
CA CYS D 294 -30.25 9.42 11.19
C CYS D 294 -28.81 9.91 11.00
N LEU D 295 -28.38 10.07 9.74
CA LEU D 295 -27.00 10.50 9.43
C LEU D 295 -26.01 9.38 9.78
N PRO D 296 -24.93 9.20 8.99
CA PRO D 296 -24.46 9.91 7.79
C PRO D 296 -25.42 9.81 6.61
N VAL D 297 -25.46 10.87 5.79
CA VAL D 297 -26.32 10.87 4.61
C VAL D 297 -25.49 11.13 3.36
N ARG D 298 -25.74 10.34 2.32
CA ARG D 298 -25.06 10.52 1.05
C ARG D 298 -25.95 11.39 0.19
N ARG D 299 -25.57 12.65 0.04
CA ARG D 299 -26.33 13.61 -0.75
C ARG D 299 -26.52 13.20 -2.21
N ASN D 300 -27.72 13.46 -2.71
CA ASN D 300 -28.10 13.15 -4.08
C ASN D 300 -28.13 11.66 -4.36
N MET D 301 -28.26 10.89 -3.29
CA MET D 301 -28.36 9.44 -3.36
C MET D 301 -29.57 9.12 -2.50
N ILE D 302 -29.51 9.56 -1.24
CA ILE D 302 -30.59 9.35 -0.29
C ILE D 302 -31.57 10.52 -0.36
N VAL D 303 -31.02 11.73 -0.45
CA VAL D 303 -31.87 12.92 -0.51
C VAL D 303 -31.20 14.06 -1.27
N THR D 304 -32.01 14.85 -1.97
CA THR D 304 -31.54 15.99 -2.75
C THR D 304 -30.82 17.00 -1.89
N ASP D 305 -29.94 17.79 -2.50
CA ASP D 305 -29.22 18.84 -1.78
C ASP D 305 -30.25 19.84 -1.29
N ASP D 306 -31.23 20.15 -2.15
CA ASP D 306 -32.28 21.11 -1.80
C ASP D 306 -33.13 20.64 -0.64
N VAL D 307 -33.56 19.38 -0.67
CA VAL D 307 -34.40 18.88 0.40
C VAL D 307 -33.70 18.88 1.76
N ILE D 308 -32.45 18.44 1.81
CA ILE D 308 -31.74 18.42 3.08
C ILE D 308 -31.37 19.83 3.55
N GLU D 309 -31.27 20.76 2.61
CA GLU D 309 -30.94 22.15 2.94
C GLU D 309 -32.20 22.99 3.06
N SER D 310 -33.35 22.35 2.92
CA SER D 310 -34.65 23.04 2.99
C SER D 310 -35.10 23.24 4.42
N PRO D 311 -35.85 24.32 4.68
CA PRO D 311 -36.35 24.60 6.03
C PRO D 311 -37.09 23.42 6.66
N GLN D 312 -37.73 22.59 5.84
CA GLN D 312 -38.46 21.43 6.36
C GLN D 312 -37.49 20.39 6.92
N SER D 313 -36.22 20.51 6.57
CA SER D 313 -35.20 19.58 7.03
C SER D 313 -34.84 19.88 8.47
N ILE D 314 -34.99 18.89 9.33
CA ILE D 314 -34.68 19.07 10.74
C ILE D 314 -33.64 18.04 11.15
N VAL D 315 -32.81 17.68 10.17
CA VAL D 315 -31.76 16.69 10.35
C VAL D 315 -30.81 17.03 11.50
N ILE D 316 -30.48 18.31 11.64
CA ILE D 316 -29.57 18.76 12.70
C ILE D 316 -30.23 18.72 14.09
N PRO D 317 -31.44 19.29 14.23
CA PRO D 317 -32.12 19.27 15.53
C PRO D 317 -32.30 17.84 16.00
N GLU D 318 -32.54 16.95 15.02
CA GLU D 318 -32.73 15.53 15.26
C GLU D 318 -31.43 14.89 15.76
N ALA D 319 -30.33 15.24 15.11
CA ALA D 319 -29.03 14.71 15.48
C ALA D 319 -28.69 15.21 16.88
N ALA D 320 -29.06 16.46 17.16
CA ALA D 320 -28.81 17.08 18.45
C ALA D 320 -29.48 16.31 19.59
N ASN D 321 -30.65 15.76 19.30
CA ASN D 321 -31.40 14.99 20.29
C ASN D 321 -30.74 13.66 20.64
N ARG D 322 -29.65 13.34 19.96
CA ARG D 322 -28.92 12.11 20.24
C ARG D 322 -28.29 12.28 21.63
N GLU D 323 -27.92 13.52 21.97
CA GLU D 323 -27.30 13.84 23.25
C GLU D 323 -28.29 13.57 24.38
N ILE D 324 -29.52 13.99 24.16
CA ILE D 324 -30.57 13.81 25.15
C ILE D 324 -30.89 12.33 25.37
N SER D 325 -31.25 11.61 24.32
CA SER D 325 -31.58 10.19 24.45
C SER D 325 -30.45 9.43 25.14
N ALA D 326 -29.21 9.82 24.84
CA ALA D 326 -28.06 9.17 25.45
C ALA D 326 -27.99 9.53 26.93
N THR D 327 -28.22 10.81 27.24
CA THR D 327 -28.18 11.27 28.63
C THR D 327 -29.28 10.62 29.46
N VAL D 328 -30.47 10.49 28.86
CA VAL D 328 -31.57 9.86 29.53
C VAL D 328 -31.21 8.40 29.81
N VAL D 329 -30.88 7.66 28.75
CA VAL D 329 -30.53 6.25 28.89
C VAL D 329 -29.37 5.99 29.83
N LEU D 330 -28.36 6.85 29.77
CA LEU D 330 -27.20 6.73 30.63
C LEU D 330 -27.64 6.98 32.08
N LYS D 331 -28.56 7.93 32.23
CA LYS D 331 -29.11 8.28 33.54
C LYS D 331 -29.84 7.09 34.15
N ARG D 332 -30.77 6.50 33.39
CA ARG D 332 -31.53 5.34 33.85
C ARG D 332 -30.59 4.23 34.33
N LEU D 333 -29.51 3.99 33.59
CA LEU D 333 -28.55 2.94 33.93
C LEU D 333 -27.77 3.26 35.20
N LEU D 334 -27.37 4.51 35.36
CA LEU D 334 -26.64 4.95 36.55
C LEU D 334 -27.49 4.72 37.79
N GLU D 335 -28.75 5.17 37.72
CA GLU D 335 -29.68 5.06 38.82
C GLU D 335 -29.91 3.61 39.21
N ASN D 336 -29.82 2.70 38.24
CA ASN D 336 -30.05 1.29 38.52
C ASN D 336 -28.78 0.52 38.81
N LEU D 337 -27.68 1.23 38.99
CA LEU D 337 -26.43 0.58 39.31
C LEU D 337 -26.47 0.16 40.77
N PRO D 338 -25.81 -0.96 41.12
CA PRO D 338 -25.81 -1.40 42.51
C PRO D 338 -25.13 -0.37 43.41
N ARG E 17 14.62 0.38 53.02
CA ARG E 17 13.85 0.97 51.89
C ARG E 17 12.96 2.11 52.38
N GLY E 18 12.62 3.03 51.48
CA GLY E 18 11.77 4.14 51.86
C GLY E 18 10.54 4.28 50.98
N SER E 19 10.03 5.50 50.89
CA SER E 19 8.84 5.78 50.09
C SER E 19 8.99 7.00 49.17
N HIS E 20 10.06 7.01 48.39
CA HIS E 20 10.33 8.08 47.43
C HIS E 20 10.33 7.51 46.00
N MET E 21 9.14 7.20 45.48
CA MET E 21 9.04 6.63 44.13
C MET E 21 9.25 7.67 43.03
N LYS E 22 10.34 7.52 42.31
CA LYS E 22 10.70 8.43 41.21
C LYS E 22 10.39 7.80 39.85
N LYS E 23 10.13 6.49 39.86
CA LYS E 23 9.82 5.75 38.64
C LYS E 23 9.27 4.39 39.01
N PHE E 24 8.90 3.60 38.01
CA PHE E 24 8.40 2.27 38.27
C PHE E 24 8.62 1.37 37.07
N THR E 25 9.82 0.79 36.99
CA THR E 25 10.17 -0.08 35.88
C THR E 25 10.42 -1.52 36.32
N CYS E 26 11.02 -1.67 37.52
CA CYS E 26 11.35 -2.99 38.08
C CYS E 26 10.86 -3.12 39.52
N VAL E 27 10.77 -4.35 40.01
CA VAL E 27 10.32 -4.63 41.37
C VAL E 27 10.99 -3.81 42.48
N GLN E 28 12.23 -3.39 42.25
CA GLN E 28 12.96 -2.59 43.25
C GLN E 28 12.22 -1.32 43.61
N ASP E 29 11.57 -0.71 42.62
CA ASP E 29 10.84 0.53 42.82
C ASP E 29 9.64 0.46 43.77
N ILE E 30 9.01 -0.71 43.87
CA ILE E 30 7.84 -0.87 44.75
C ILE E 30 8.28 -0.96 46.20
N GLY E 31 9.54 -1.29 46.43
CA GLY E 31 10.06 -1.41 47.78
C GLY E 31 9.49 -2.63 48.51
N ASP E 32 9.30 -2.47 49.82
CA ASP E 32 8.77 -3.54 50.66
C ASP E 32 7.48 -4.13 50.10
N LEU E 33 7.53 -5.42 49.75
CA LEU E 33 6.37 -6.09 49.20
C LEU E 33 5.20 -6.26 50.16
N LYS E 34 5.48 -6.21 51.46
CA LYS E 34 4.44 -6.38 52.48
C LYS E 34 3.49 -5.18 52.56
N SER E 35 4.06 -3.97 52.59
CA SER E 35 3.27 -2.75 52.67
C SER E 35 2.63 -2.41 51.32
N ALA E 36 3.29 -2.80 50.24
CA ALA E 36 2.78 -2.58 48.90
C ALA E 36 1.53 -3.42 48.71
N LEU E 37 1.55 -4.65 49.24
CA LEU E 37 0.42 -5.55 49.17
C LEU E 37 -0.70 -5.04 50.07
N ALA E 38 -0.32 -4.28 51.09
CA ALA E 38 -1.28 -3.71 52.02
C ALA E 38 -2.12 -2.66 51.28
N GLU E 39 -1.44 -1.65 50.73
CA GLU E 39 -2.13 -0.59 49.99
C GLU E 39 -3.00 -1.21 48.90
N SER E 40 -2.48 -2.26 48.29
CA SER E 40 -3.19 -2.95 47.21
C SER E 40 -4.58 -3.37 47.67
N PHE E 41 -4.65 -4.22 48.68
CA PHE E 41 -5.93 -4.69 49.19
C PHE E 41 -6.72 -3.56 49.84
N GLU E 42 -6.01 -2.53 50.27
CA GLU E 42 -6.65 -1.37 50.89
C GLU E 42 -7.52 -0.75 49.80
N ILE E 43 -6.90 -0.45 48.66
CA ILE E 43 -7.58 0.15 47.53
C ILE E 43 -8.57 -0.81 46.89
N LYS E 44 -8.36 -2.12 47.05
CA LYS E 44 -9.29 -3.07 46.48
C LYS E 44 -10.62 -2.88 47.20
N LYS E 45 -10.53 -2.59 48.50
CA LYS E 45 -11.70 -2.37 49.34
C LYS E 45 -12.36 -1.01 49.09
N ASP E 46 -11.56 0.05 49.23
CA ASP E 46 -12.05 1.41 49.03
C ASP E 46 -11.40 1.98 47.74
N ARG E 47 -12.02 1.69 46.60
CA ARG E 47 -11.47 2.11 45.32
C ARG E 47 -11.15 3.59 45.14
N PHE E 48 -12.11 4.46 45.45
CA PHE E 48 -11.88 5.89 45.28
C PHE E 48 -11.39 6.62 46.52
N LYS E 49 -10.88 5.86 47.47
CA LYS E 49 -10.38 6.43 48.71
C LYS E 49 -9.39 7.59 48.51
N TYR E 50 -8.69 7.63 47.38
CA TYR E 50 -7.72 8.71 47.15
C TYR E 50 -8.02 9.56 45.92
N VAL E 51 -9.28 9.50 45.49
CA VAL E 51 -9.76 10.23 44.33
C VAL E 51 -9.46 11.73 44.34
N GLU E 52 -8.87 12.22 45.42
CA GLU E 52 -8.56 13.64 45.53
C GLU E 52 -7.08 13.92 45.39
N LEU E 53 -6.28 12.89 45.62
CA LEU E 53 -4.84 13.01 45.55
C LEU E 53 -4.33 13.54 44.21
N GLY E 54 -4.84 12.97 43.12
CA GLY E 54 -4.42 13.38 41.79
C GLY E 54 -5.18 14.52 41.15
N ARG E 55 -5.95 15.25 41.94
CA ARG E 55 -6.71 16.37 41.45
C ARG E 55 -5.76 17.34 40.76
N ASN E 56 -6.10 17.73 39.54
CA ASN E 56 -5.30 18.66 38.75
C ASN E 56 -3.90 18.15 38.42
N LYS E 57 -3.79 16.82 38.38
CA LYS E 57 -2.55 16.15 38.03
C LYS E 57 -2.88 15.39 36.76
N THR E 58 -2.01 15.52 35.75
CA THR E 58 -2.23 14.89 34.45
C THR E 58 -1.31 13.70 34.08
N LEU E 59 -1.93 12.58 33.76
CA LEU E 59 -1.19 11.37 33.38
C LEU E 59 -1.17 11.17 31.86
N LEU E 60 0.03 11.08 31.30
CA LEU E 60 0.18 10.89 29.87
C LEU E 60 0.51 9.45 29.54
N MET E 61 -0.43 8.75 28.92
CA MET E 61 -0.21 7.37 28.53
C MET E 61 0.26 7.34 27.07
N ILE E 62 1.48 6.84 26.85
CA ILE E 62 2.05 6.78 25.50
C ILE E 62 2.20 5.33 25.04
N PHE E 63 1.63 5.03 23.88
CA PHE E 63 1.70 3.67 23.34
C PHE E 63 2.42 3.49 22.02
N PHE E 64 3.48 2.69 22.03
CA PHE E 64 4.20 2.42 20.81
C PHE E 64 3.65 1.12 20.25
N ASN E 65 2.98 0.36 21.12
CA ASN E 65 2.39 -0.91 20.71
C ASN E 65 0.93 -1.01 21.08
N SER E 66 0.28 -2.07 20.61
CA SER E 66 -1.13 -2.31 20.89
C SER E 66 -1.33 -2.60 22.39
N SER E 67 -2.57 -2.46 22.86
CA SER E 67 -2.92 -2.70 24.26
C SER E 67 -4.41 -2.62 24.55
N LEU E 68 -4.86 -3.55 25.38
CA LEU E 68 -6.26 -3.59 25.81
C LEU E 68 -6.21 -3.38 27.32
N ARG E 69 -5.70 -4.38 28.05
CA ARG E 69 -5.58 -4.32 29.51
C ARG E 69 -4.82 -3.06 29.99
N THR E 70 -3.54 -2.95 29.65
CA THR E 70 -2.75 -1.81 30.10
C THR E 70 -3.41 -0.50 29.73
N ARG E 71 -4.12 -0.49 28.61
CA ARG E 71 -4.80 0.71 28.10
C ARG E 71 -6.00 1.12 28.97
N LEU E 72 -6.91 0.16 29.18
CA LEU E 72 -8.11 0.40 29.97
C LEU E 72 -7.84 0.51 31.49
N SER E 73 -7.01 -0.39 32.00
CA SER E 73 -6.67 -0.41 33.43
C SER E 73 -5.93 0.81 33.94
N THR E 74 -4.95 1.29 33.18
CA THR E 74 -4.17 2.44 33.60
C THR E 74 -4.99 3.73 33.64
N GLN E 75 -6.06 3.78 32.85
CA GLN E 75 -6.93 4.95 32.80
C GLN E 75 -7.83 4.90 34.03
N LYS E 76 -8.52 3.78 34.20
CA LYS E 76 -9.40 3.59 35.33
C LYS E 76 -8.62 3.90 36.60
N ALA E 77 -7.37 3.43 36.66
CA ALA E 77 -6.49 3.64 37.80
C ALA E 77 -6.19 5.12 38.05
N ALA E 78 -6.00 5.87 36.97
CA ALA E 78 -5.70 7.30 37.08
C ALA E 78 -6.95 8.06 37.50
N LEU E 79 -8.11 7.49 37.14
CA LEU E 79 -9.38 8.10 37.49
C LEU E 79 -9.63 7.89 38.99
N ASN E 80 -9.27 6.70 39.46
CA ASN E 80 -9.42 6.38 40.88
C ASN E 80 -8.74 7.41 41.75
N LEU E 81 -7.73 8.07 41.21
CA LEU E 81 -6.97 9.07 41.94
C LEU E 81 -7.37 10.47 41.49
N GLY E 82 -8.48 10.54 40.75
CA GLY E 82 -9.00 11.81 40.26
C GLY E 82 -8.08 12.60 39.35
N MET E 83 -7.25 11.89 38.59
CA MET E 83 -6.31 12.53 37.67
C MET E 83 -6.90 12.79 36.30
N ASN E 84 -6.20 13.63 35.54
CA ASN E 84 -6.58 13.95 34.18
C ASN E 84 -5.82 12.92 33.36
N VAL E 85 -6.48 12.34 32.36
CA VAL E 85 -5.86 11.30 31.54
C VAL E 85 -5.77 11.60 30.05
N ILE E 86 -4.54 11.63 29.53
CA ILE E 86 -4.32 11.85 28.11
C ILE E 86 -3.68 10.61 27.52
N VAL E 87 -4.43 9.89 26.70
CA VAL E 87 -3.91 8.69 26.05
C VAL E 87 -3.39 9.04 24.65
N LEU E 88 -2.12 8.72 24.40
CA LEU E 88 -1.52 9.02 23.12
C LEU E 88 -0.97 7.80 22.41
N ASP E 89 -1.40 7.60 21.17
CA ASP E 89 -0.93 6.50 20.36
C ASP E 89 -0.06 7.08 19.28
N ILE E 90 1.24 7.09 19.51
CA ILE E 90 2.14 7.62 18.51
C ILE E 90 1.89 6.78 17.27
N ASN E 91 2.34 7.29 16.13
CA ASN E 91 2.16 6.58 14.86
C ASN E 91 0.77 6.84 14.32
N GLN E 92 -0.25 6.58 15.13
CA GLN E 92 -1.61 6.84 14.68
C GLN E 92 -1.89 8.34 14.63
N GLY E 93 -1.89 8.98 15.80
CA GLY E 93 -2.18 10.40 15.85
C GLY E 93 -1.03 11.34 15.65
N ALA E 94 0.17 10.90 16.02
CA ALA E 94 1.32 11.77 15.89
C ALA E 94 2.18 11.44 14.68
N TRP E 95 3.40 11.99 14.68
CA TRP E 95 4.36 11.76 13.62
C TRP E 95 5.28 10.62 14.03
N LYS E 96 5.74 9.85 13.04
CA LYS E 96 6.64 8.73 13.30
C LYS E 96 7.96 9.26 13.89
N LEU E 97 8.50 8.56 14.87
CA LEU E 97 9.72 9.02 15.49
C LEU E 97 11.02 8.36 15.02
N GLU E 98 12.08 9.18 14.97
CA GLU E 98 13.41 8.75 14.58
C GLU E 98 14.12 8.45 15.91
N THR E 99 14.38 7.17 16.12
CA THR E 99 15.03 6.70 17.34
C THR E 99 16.56 6.85 17.37
N GLU E 100 17.20 6.79 16.21
CA GLU E 100 18.65 6.90 16.13
C GLU E 100 19.14 8.36 16.01
N ARG E 101 20.17 8.71 16.77
CA ARG E 101 20.71 10.08 16.75
C ARG E 101 21.83 10.25 15.73
N GLY E 102 22.01 11.48 15.25
CA GLY E 102 23.05 11.76 14.29
C GLY E 102 22.68 11.51 12.84
N VAL E 103 21.60 10.77 12.61
CA VAL E 103 21.13 10.46 11.26
C VAL E 103 20.55 11.71 10.56
N ILE E 104 20.51 11.69 9.23
CA ILE E 104 19.92 12.79 8.49
C ILE E 104 18.46 12.39 8.35
N MET E 105 17.55 13.18 8.91
CA MET E 105 16.13 12.84 8.82
C MET E 105 15.50 13.26 7.50
N ASP E 106 15.96 12.66 6.41
CA ASP E 106 15.41 13.00 5.11
C ASP E 106 14.55 11.87 4.59
N GLY E 107 13.79 11.27 5.49
CA GLY E 107 12.95 10.19 5.05
C GLY E 107 11.57 10.04 5.66
N ASP E 108 11.39 8.85 6.19
CA ASP E 108 10.18 8.35 6.81
C ASP E 108 9.75 9.01 8.12
N LYS E 109 10.72 9.55 8.87
CA LYS E 109 10.43 10.18 10.16
C LYS E 109 10.46 11.71 10.18
N PRO E 110 9.34 12.34 10.56
CA PRO E 110 9.29 13.80 10.59
C PRO E 110 9.83 14.32 11.91
N GLU E 111 9.70 13.52 12.96
CA GLU E 111 10.16 13.94 14.29
C GLU E 111 11.15 12.97 14.92
N HIS E 112 12.04 13.53 15.76
CA HIS E 112 13.04 12.75 16.47
C HIS E 112 12.66 12.51 17.92
N LEU E 113 12.92 11.31 18.41
CA LEU E 113 12.60 10.94 19.79
C LEU E 113 13.26 11.89 20.79
N LEU E 114 14.38 12.49 20.39
CA LEU E 114 15.08 13.43 21.26
C LEU E 114 14.26 14.69 21.53
N GLU E 115 13.34 15.01 20.63
CA GLU E 115 12.48 16.18 20.77
C GLU E 115 11.19 15.71 21.42
N ALA E 116 10.57 14.72 20.78
CA ALA E 116 9.32 14.17 21.25
C ALA E 116 9.25 13.99 22.77
N ILE E 117 10.16 13.20 23.32
CA ILE E 117 10.21 12.92 24.75
C ILE E 117 10.12 14.18 25.62
N PRO E 118 11.07 15.12 25.47
CA PRO E 118 11.00 16.32 26.29
C PRO E 118 9.66 17.06 26.11
N VAL E 119 9.23 17.16 24.85
CA VAL E 119 7.98 17.83 24.54
C VAL E 119 6.78 17.18 25.21
N MET E 120 6.69 15.85 25.15
CA MET E 120 5.57 15.14 25.77
C MET E 120 5.54 15.40 27.27
N GLY E 121 6.70 15.72 27.84
CA GLY E 121 6.76 15.98 29.26
C GLY E 121 6.15 17.32 29.62
N CYS E 122 6.39 18.34 28.79
CA CYS E 122 5.85 19.68 29.01
C CYS E 122 4.36 19.75 29.33
N TYR E 123 3.60 18.73 28.96
CA TYR E 123 2.17 18.78 29.18
C TYR E 123 1.58 17.79 30.18
N CYS E 124 2.40 17.24 31.06
CA CYS E 124 1.88 16.30 32.07
C CYS E 124 2.67 16.34 33.36
N ASP E 125 2.33 15.45 34.28
CA ASP E 125 3.01 15.37 35.57
C ASP E 125 3.66 14.00 35.73
N ILE E 126 2.97 12.98 35.21
CA ILE E 126 3.43 11.59 35.25
C ILE E 126 3.27 10.93 33.88
N ILE E 127 4.29 10.22 33.42
CA ILE E 127 4.25 9.55 32.12
C ILE E 127 4.23 8.04 32.20
N GLY E 128 3.47 7.43 31.29
CA GLY E 128 3.39 5.98 31.22
C GLY E 128 3.79 5.61 29.80
N VAL E 129 4.75 4.69 29.65
CA VAL E 129 5.22 4.32 28.31
C VAL E 129 5.19 2.84 28.02
N ARG E 130 4.65 2.47 26.86
CA ARG E 130 4.67 1.07 26.47
C ARG E 130 5.56 1.04 25.24
N SER E 131 6.65 0.27 25.33
CA SER E 131 7.59 0.16 24.24
C SER E 131 8.14 -1.25 24.17
N PHE E 132 7.46 -2.11 23.42
CA PHE E 132 7.87 -3.51 23.23
C PHE E 132 9.32 -3.66 22.74
N ALA E 133 9.88 -4.85 22.93
CA ALA E 133 11.23 -5.13 22.47
C ALA E 133 11.18 -5.14 20.95
N ARG E 134 12.17 -4.54 20.32
CA ARG E 134 12.19 -4.49 18.86
C ARG E 134 12.87 -5.69 18.21
N PHE E 135 13.60 -6.48 19.00
CA PHE E 135 14.26 -7.67 18.49
C PHE E 135 15.22 -7.35 17.36
N GLU E 136 15.68 -6.11 17.31
CA GLU E 136 16.60 -5.69 16.26
C GLU E 136 18.03 -5.83 16.77
N ASN E 137 18.23 -5.45 18.02
CA ASN E 137 19.54 -5.49 18.65
C ASN E 137 19.34 -5.85 20.12
N ARG E 138 19.69 -7.08 20.50
CA ARG E 138 19.49 -7.52 21.88
C ARG E 138 20.02 -6.54 22.94
N GLU E 139 21.17 -5.94 22.68
CA GLU E 139 21.76 -5.01 23.63
C GLU E 139 20.88 -3.76 23.76
N TYR E 140 20.32 -3.32 22.65
CA TYR E 140 19.46 -2.14 22.62
C TYR E 140 18.21 -2.43 23.45
N ASP E 141 17.65 -3.62 23.27
CA ASP E 141 16.47 -4.01 24.01
C ASP E 141 16.75 -4.18 25.49
N TYR E 142 17.81 -4.91 25.82
CA TYR E 142 18.12 -5.15 27.23
C TYR E 142 18.68 -3.96 28.01
N ASN E 143 19.20 -2.97 27.30
CA ASN E 143 19.69 -1.79 27.98
C ASN E 143 18.50 -0.85 28.16
N GLU E 144 17.34 -1.27 27.64
CA GLU E 144 16.10 -0.50 27.71
C GLU E 144 16.41 0.96 27.32
N VAL E 145 17.02 1.13 26.15
CA VAL E 145 17.40 2.45 25.67
C VAL E 145 16.24 3.44 25.57
N ILE E 146 15.11 2.98 25.02
CA ILE E 146 13.95 3.84 24.86
C ILE E 146 13.34 4.23 26.22
N ILE E 147 12.81 3.25 26.94
CA ILE E 147 12.22 3.55 28.24
C ILE E 147 13.14 4.42 29.09
N ASN E 148 14.43 4.14 29.06
CA ASN E 148 15.36 4.93 29.85
C ASN E 148 15.50 6.35 29.31
N GLN E 149 15.30 6.51 28.00
CA GLN E 149 15.41 7.85 27.42
C GLN E 149 14.25 8.71 27.89
N PHE E 150 13.09 8.09 28.10
CA PHE E 150 11.94 8.84 28.61
C PHE E 150 12.25 9.28 30.04
N ILE E 151 12.87 8.39 30.80
CA ILE E 151 13.23 8.68 32.18
C ILE E 151 14.27 9.80 32.26
N GLN E 152 15.23 9.78 31.33
CA GLN E 152 16.30 10.77 31.31
C GLN E 152 15.96 12.16 30.79
N HIS E 153 15.06 12.27 29.81
CA HIS E 153 14.73 13.58 29.25
C HIS E 153 13.28 14.07 29.30
N SER E 154 12.33 13.22 29.69
CA SER E 154 10.96 13.67 29.73
C SER E 154 10.83 14.80 30.75
N GLY E 155 11.46 14.64 31.90
CA GLY E 155 11.39 15.65 32.94
C GLY E 155 10.19 15.37 33.80
N ARG E 156 9.80 14.10 33.85
CA ARG E 156 8.65 13.67 34.63
C ARG E 156 8.86 12.24 35.09
N PRO E 157 8.15 11.82 36.13
CA PRO E 157 8.31 10.45 36.61
C PRO E 157 7.72 9.51 35.54
N VAL E 158 8.46 8.47 35.19
CA VAL E 158 7.98 7.53 34.17
C VAL E 158 7.73 6.13 34.72
N PHE E 159 6.64 5.50 34.31
CA PHE E 159 6.36 4.15 34.75
C PHE E 159 6.16 3.26 33.51
N SER E 160 6.59 2.02 33.63
CA SER E 160 6.51 1.09 32.52
C SER E 160 5.14 0.45 32.31
N MET E 161 4.66 0.53 31.07
CA MET E 161 3.39 -0.05 30.67
C MET E 161 3.75 -1.32 29.89
N GLU E 162 5.03 -1.67 30.05
CA GLU E 162 5.73 -2.83 29.47
C GLU E 162 6.87 -2.32 28.61
N ALA E 163 8.09 -2.57 29.04
CA ALA E 163 9.25 -2.16 28.28
C ALA E 163 9.77 -3.34 27.45
N ALA E 164 11.05 -3.31 27.13
CA ALA E 164 11.64 -4.37 26.33
C ALA E 164 11.86 -5.61 27.16
N THR E 165 12.34 -5.43 28.39
CA THR E 165 12.64 -6.56 29.25
C THR E 165 11.79 -6.80 30.51
N ARG E 166 10.96 -5.83 30.89
CA ARG E 166 10.11 -6.00 32.08
C ARG E 166 8.69 -5.48 31.86
N HIS E 167 7.81 -5.79 32.81
CA HIS E 167 6.40 -5.36 32.77
C HIS E 167 5.89 -5.37 34.22
N PRO E 168 6.50 -4.56 35.08
CA PRO E 168 6.14 -4.46 36.49
C PRO E 168 4.64 -4.45 36.80
N LEU E 169 3.91 -3.51 36.20
CA LEU E 169 2.48 -3.40 36.43
C LEU E 169 1.77 -4.74 36.34
N GLN E 170 2.21 -5.58 35.42
CA GLN E 170 1.59 -6.91 35.25
C GLN E 170 2.00 -7.85 36.37
N SER E 171 3.31 -7.94 36.61
CA SER E 171 3.82 -8.82 37.66
C SER E 171 3.23 -8.41 39.01
N PHE E 172 3.27 -7.11 39.31
CA PHE E 172 2.73 -6.58 40.57
C PHE E 172 1.32 -7.16 40.75
N ALA E 173 0.49 -6.99 39.73
CA ALA E 173 -0.87 -7.49 39.75
C ALA E 173 -0.85 -9.01 39.93
N ASP E 174 0.18 -9.65 39.39
CA ASP E 174 0.30 -11.10 39.49
C ASP E 174 0.59 -11.50 40.94
N LEU E 175 1.44 -10.71 41.60
CA LEU E 175 1.77 -10.97 42.99
C LEU E 175 0.50 -10.82 43.81
N ILE E 176 -0.17 -9.68 43.62
CA ILE E 176 -1.42 -9.38 44.31
C ILE E 176 -2.46 -10.49 44.15
N THR E 177 -2.64 -10.99 42.93
CA THR E 177 -3.62 -12.05 42.69
C THR E 177 -3.25 -13.42 43.25
N ILE E 178 -1.96 -13.72 43.38
CA ILE E 178 -1.55 -15.01 43.94
C ILE E 178 -1.71 -14.94 45.45
N GLU E 179 -1.20 -13.86 46.06
CA GLU E 179 -1.33 -13.67 47.50
C GLU E 179 -2.81 -13.77 47.83
N GLU E 180 -3.62 -13.21 46.94
CA GLU E 180 -5.07 -13.19 47.07
C GLU E 180 -5.76 -14.55 47.03
N TYR E 181 -5.19 -15.52 46.30
CA TYR E 181 -5.81 -16.83 46.19
C TYR E 181 -5.05 -17.99 46.84
N LYS E 182 -3.79 -17.76 47.19
CA LYS E 182 -2.97 -18.82 47.76
C LYS E 182 -3.55 -19.54 48.98
N LYS E 183 -3.38 -20.87 49.00
CA LYS E 183 -3.84 -21.72 50.09
C LYS E 183 -2.79 -21.90 51.20
N THR E 184 -1.56 -21.47 50.92
CA THR E 184 -0.48 -21.60 51.90
C THR E 184 0.42 -20.37 51.89
N ALA E 185 1.35 -20.31 52.83
CA ALA E 185 2.25 -19.15 52.95
C ALA E 185 3.30 -19.04 51.85
N ARG E 186 3.73 -20.19 51.34
CA ARG E 186 4.74 -20.22 50.29
C ARG E 186 4.37 -21.31 49.29
N PRO E 187 3.46 -20.97 48.35
CA PRO E 187 3.01 -21.94 47.33
C PRO E 187 4.05 -22.21 46.25
N LYS E 188 3.83 -23.30 45.51
CA LYS E 188 4.73 -23.66 44.43
C LYS E 188 4.16 -23.04 43.16
N VAL E 189 4.83 -21.99 42.69
CA VAL E 189 4.41 -21.30 41.48
C VAL E 189 5.34 -21.70 40.33
N VAL E 190 4.74 -22.25 39.28
CA VAL E 190 5.49 -22.69 38.10
C VAL E 190 5.14 -21.85 36.87
N MET E 191 6.13 -21.13 36.36
CA MET E 191 5.96 -20.31 35.16
C MET E 191 6.36 -21.15 33.94
N THR E 192 5.37 -21.66 33.20
CA THR E 192 5.65 -22.52 32.05
C THR E 192 5.65 -21.79 30.72
N TRP E 193 6.34 -22.36 29.74
CA TRP E 193 6.43 -21.82 28.39
C TRP E 193 5.29 -22.46 27.60
N ALA E 194 4.99 -21.92 26.42
CA ALA E 194 3.93 -22.47 25.59
C ALA E 194 4.12 -22.02 24.14
N PRO E 195 3.77 -22.88 23.17
CA PRO E 195 3.90 -22.58 21.74
C PRO E 195 3.09 -21.37 21.24
N HIS E 196 3.74 -20.54 20.44
CA HIS E 196 3.09 -19.35 19.88
C HIS E 196 3.52 -19.23 18.42
N PRO E 197 2.62 -18.76 17.55
CA PRO E 197 2.95 -18.62 16.13
C PRO E 197 3.84 -17.44 15.75
N ARG E 198 4.03 -16.49 16.67
CA ARG E 198 4.87 -15.33 16.39
C ARG E 198 5.86 -15.14 17.52
N PRO E 199 6.97 -14.41 17.27
CA PRO E 199 7.99 -14.17 18.31
C PRO E 199 7.65 -13.07 19.30
N LEU E 200 7.40 -13.43 20.56
CA LEU E 200 7.05 -12.42 21.57
C LEU E 200 8.22 -12.08 22.47
N PRO E 201 8.17 -10.92 23.14
CA PRO E 201 9.23 -10.48 24.05
C PRO E 201 9.35 -11.44 25.22
N GLN E 202 10.41 -11.30 26.01
CA GLN E 202 10.57 -12.15 27.18
C GLN E 202 10.43 -11.23 28.39
N ALA E 203 9.80 -10.09 28.16
CA ALA E 203 9.57 -9.07 29.20
C ALA E 203 8.56 -9.55 30.25
N VAL E 204 7.55 -10.28 29.81
CA VAL E 204 6.54 -10.79 30.74
C VAL E 204 7.20 -11.83 31.65
N PRO E 205 7.92 -12.80 31.07
CA PRO E 205 8.58 -13.84 31.87
C PRO E 205 9.67 -13.20 32.73
N ASN E 206 10.52 -12.40 32.11
CA ASN E 206 11.60 -11.71 32.82
C ASN E 206 11.10 -11.01 34.07
N SER E 207 9.97 -10.31 33.94
CA SER E 207 9.37 -9.58 35.05
C SER E 207 8.72 -10.49 36.08
N PHE E 208 8.01 -11.52 35.62
CA PHE E 208 7.37 -12.44 36.55
C PHE E 208 8.43 -13.08 37.43
N ALA E 209 9.47 -13.61 36.80
CA ALA E 209 10.57 -14.24 37.51
C ALA E 209 11.15 -13.24 38.51
N GLU E 210 11.42 -12.03 38.04
CA GLU E 210 11.98 -10.99 38.91
C GLU E 210 11.13 -10.80 40.17
N TRP E 211 9.82 -10.69 40.01
CA TRP E 211 8.94 -10.51 41.16
C TRP E 211 8.84 -11.77 42.01
N MET E 212 8.67 -12.92 41.37
CA MET E 212 8.57 -14.17 42.11
C MET E 212 9.85 -14.47 42.91
N ASN E 213 10.99 -13.94 42.47
CA ASN E 213 12.25 -14.15 43.17
C ASN E 213 12.34 -13.22 44.38
N ALA E 214 11.43 -12.25 44.46
CA ALA E 214 11.41 -11.32 45.59
C ALA E 214 10.51 -11.86 46.69
N THR E 215 9.77 -12.92 46.37
CA THR E 215 8.86 -13.53 47.33
C THR E 215 9.47 -14.77 47.96
N ASP E 216 8.73 -15.36 48.89
CA ASP E 216 9.15 -16.56 49.60
C ASP E 216 8.51 -17.82 49.01
N TYR E 217 7.94 -17.70 47.82
CA TYR E 217 7.29 -18.84 47.16
C TYR E 217 8.35 -19.81 46.64
N GLU E 218 7.90 -21.00 46.23
CA GLU E 218 8.80 -22.00 45.64
C GLU E 218 8.64 -21.74 44.14
N PHE E 219 9.56 -20.94 43.59
CA PHE E 219 9.50 -20.59 42.19
C PHE E 219 10.23 -21.51 41.20
N VAL E 220 9.49 -22.03 40.24
CA VAL E 220 10.04 -22.93 39.23
C VAL E 220 9.75 -22.42 37.82
N ILE E 221 10.73 -22.55 36.93
CA ILE E 221 10.59 -22.13 35.55
C ILE E 221 10.75 -23.37 34.67
N THR E 222 9.79 -23.61 33.80
CA THR E 222 9.86 -24.77 32.93
C THR E 222 9.70 -24.37 31.47
N HIS E 223 10.72 -24.63 30.66
CA HIS E 223 10.68 -24.27 29.25
C HIS E 223 11.51 -25.23 28.42
N PRO E 224 11.20 -25.35 27.12
CA PRO E 224 11.95 -26.25 26.26
C PRO E 224 13.41 -25.83 26.18
N GLU E 225 14.28 -26.78 25.89
CA GLU E 225 15.70 -26.52 25.76
C GLU E 225 15.92 -25.43 24.71
N GLY E 226 16.78 -24.47 25.03
CA GLY E 226 17.07 -23.40 24.09
C GLY E 226 16.39 -22.09 24.42
N TYR E 227 15.39 -22.12 25.29
CA TYR E 227 14.67 -20.92 25.67
C TYR E 227 15.11 -20.30 26.99
N GLU E 228 16.37 -20.47 27.36
CA GLU E 228 16.83 -19.91 28.62
C GLU E 228 16.70 -18.39 28.63
N LEU E 229 16.18 -17.84 29.74
CA LEU E 229 16.00 -16.40 29.87
C LEU E 229 17.27 -15.78 30.43
N ASP E 230 17.36 -14.46 30.40
CA ASP E 230 18.55 -13.78 30.89
C ASP E 230 18.76 -14.15 32.36
N PRO E 231 19.98 -14.59 32.71
CA PRO E 231 20.29 -14.97 34.09
C PRO E 231 19.96 -13.92 35.16
N LYS E 232 20.12 -12.64 34.83
CA LYS E 232 19.82 -11.58 35.80
C LYS E 232 18.34 -11.60 36.19
N PHE E 233 17.52 -12.29 35.40
CA PHE E 233 16.10 -12.41 35.69
C PHE E 233 15.77 -13.78 36.25
N VAL E 234 16.49 -14.80 35.79
CA VAL E 234 16.26 -16.16 36.25
C VAL E 234 16.66 -16.32 37.71
N GLY E 235 17.63 -15.52 38.14
CA GLY E 235 18.09 -15.60 39.52
C GLY E 235 18.36 -17.04 39.94
N ASN E 236 18.01 -17.38 41.17
CA ASN E 236 18.24 -18.73 41.67
C ASN E 236 16.99 -19.59 41.54
N ALA E 237 16.14 -19.26 40.58
CA ALA E 237 14.92 -20.02 40.37
C ALA E 237 15.22 -21.38 39.76
N ARG E 238 14.48 -22.38 40.19
CA ARG E 238 14.64 -23.74 39.69
C ARG E 238 14.16 -23.82 38.25
N VAL E 239 15.05 -24.20 37.34
CA VAL E 239 14.70 -24.33 35.92
C VAL E 239 14.58 -25.81 35.56
N GLU E 240 13.38 -26.24 35.21
CA GLU E 240 13.12 -27.62 34.86
C GLU E 240 12.76 -27.78 33.39
N TYR E 241 13.54 -28.58 32.66
CA TYR E 241 13.26 -28.79 31.24
C TYR E 241 12.16 -29.79 30.97
N ASP E 242 11.66 -30.43 32.03
CA ASP E 242 10.58 -31.38 31.90
C ASP E 242 9.34 -30.64 32.40
N GLN E 243 8.38 -30.41 31.50
CA GLN E 243 7.17 -29.71 31.90
C GLN E 243 6.42 -30.51 32.97
N MET E 244 5.99 -31.72 32.61
CA MET E 244 5.25 -32.59 33.52
C MET E 244 5.85 -32.71 34.92
N LYS E 245 7.17 -32.60 35.04
CA LYS E 245 7.81 -32.68 36.35
C LYS E 245 7.63 -31.39 37.12
N ALA E 246 7.83 -30.26 36.44
CA ALA E 246 7.69 -28.95 37.07
C ALA E 246 6.26 -28.73 37.57
N PHE E 247 5.29 -29.24 36.82
CA PHE E 247 3.88 -29.11 37.16
C PHE E 247 3.44 -29.94 38.37
N GLU E 248 4.25 -30.91 38.75
CA GLU E 248 3.94 -31.76 39.90
C GLU E 248 3.71 -30.98 41.19
N GLY E 249 2.52 -31.17 41.76
CA GLY E 249 2.17 -30.51 43.00
C GLY E 249 2.31 -29.00 43.01
N ALA E 250 2.05 -28.37 41.86
CA ALA E 250 2.15 -26.93 41.79
C ALA E 250 0.87 -26.32 42.33
N ASP E 251 0.97 -25.09 42.83
CA ASP E 251 -0.21 -24.40 43.36
C ASP E 251 -0.68 -23.36 42.34
N PHE E 252 0.28 -22.80 41.61
CA PHE E 252 -0.02 -21.81 40.58
C PHE E 252 0.74 -22.09 39.29
N ILE E 253 0.04 -22.05 38.17
CA ILE E 253 0.62 -22.27 36.85
C ILE E 253 0.53 -20.96 36.08
N TYR E 254 1.67 -20.32 35.86
CA TYR E 254 1.74 -19.05 35.14
C TYR E 254 2.29 -19.29 33.73
N ALA E 255 1.39 -19.57 32.78
CA ALA E 255 1.81 -19.81 31.40
C ALA E 255 2.09 -18.51 30.65
N LYS E 256 3.08 -18.56 29.77
CA LYS E 256 3.47 -17.41 28.96
C LYS E 256 4.52 -17.80 27.91
N ASN E 257 4.30 -17.39 26.67
CA ASN E 257 5.26 -17.70 25.62
C ASN E 257 6.28 -16.60 25.47
N TRP E 258 7.44 -16.93 24.89
CA TRP E 258 8.48 -15.95 24.65
C TRP E 258 9.44 -16.47 23.61
N ALA E 259 9.99 -15.54 22.82
CA ALA E 259 10.93 -15.91 21.78
C ALA E 259 12.28 -16.16 22.42
N ALA E 260 13.09 -16.99 21.76
CA ALA E 260 14.41 -17.31 22.25
C ALA E 260 15.16 -16.06 22.70
N TYR E 261 16.22 -16.27 23.49
CA TYR E 261 17.02 -15.17 24.02
C TYR E 261 18.52 -15.36 23.80
N LEU E 262 18.98 -16.61 23.83
CA LEU E 262 20.40 -16.94 23.68
C LEU E 262 21.10 -16.66 22.37
N GLY E 263 22.28 -16.05 22.50
CA GLY E 263 23.11 -15.71 21.36
C GLY E 263 22.46 -15.49 20.02
N ASP E 264 22.74 -16.39 19.08
CA ASP E 264 22.23 -16.31 17.71
C ASP E 264 20.71 -16.38 17.47
N ASN E 265 19.94 -16.82 18.47
CA ASN E 265 18.50 -16.93 18.31
C ASN E 265 17.67 -15.83 18.99
N TYR E 266 18.30 -14.72 19.37
CA TYR E 266 17.55 -13.65 20.02
C TYR E 266 16.32 -13.23 19.22
N GLY E 267 15.15 -13.26 19.87
CA GLY E 267 13.92 -12.90 19.21
C GLY E 267 13.53 -13.90 18.13
N GLN E 268 13.87 -15.17 18.36
CA GLN E 268 13.59 -16.22 17.40
C GLN E 268 12.61 -17.29 17.91
N ILE E 269 11.96 -17.99 16.99
CA ILE E 269 11.03 -19.05 17.38
C ILE E 269 11.76 -20.37 17.17
N LEU E 270 12.23 -20.98 18.27
CA LEU E 270 12.92 -22.25 18.16
C LEU E 270 11.96 -23.36 17.76
N SER E 271 10.73 -23.30 18.28
CA SER E 271 9.71 -24.29 17.94
C SER E 271 8.34 -23.86 18.41
N THR E 272 7.33 -24.58 17.95
CA THR E 272 5.97 -24.31 18.36
C THR E 272 5.41 -25.69 18.73
N ASP E 273 6.12 -26.33 19.65
CA ASP E 273 5.79 -27.65 20.17
C ASP E 273 4.49 -27.59 20.97
N ARG E 274 3.42 -28.15 20.40
CA ARG E 274 2.12 -28.14 21.06
C ARG E 274 2.06 -29.00 22.31
N ASN E 275 3.06 -29.85 22.53
CA ASN E 275 3.05 -30.68 23.72
C ASN E 275 3.22 -29.83 24.96
N TRP E 276 3.57 -28.56 24.77
CA TRP E 276 3.72 -27.64 25.89
C TRP E 276 2.45 -26.83 26.08
N THR E 277 1.50 -26.99 25.16
CA THR E 277 0.22 -26.29 25.26
C THR E 277 -0.43 -26.79 26.55
N VAL E 278 -0.55 -25.89 27.54
CA VAL E 278 -1.14 -26.23 28.82
C VAL E 278 -2.58 -26.74 28.71
N GLY E 279 -2.73 -28.07 28.75
CA GLY E 279 -4.04 -28.68 28.65
C GLY E 279 -4.39 -29.36 29.96
N ASP E 280 -5.40 -30.23 29.96
CA ASP E 280 -5.76 -30.92 31.19
C ASP E 280 -4.63 -31.84 31.66
N ARG E 281 -4.03 -32.53 30.70
CA ARG E 281 -2.93 -33.45 30.97
C ARG E 281 -1.89 -32.92 31.96
N GLN E 282 -1.43 -31.70 31.75
CA GLN E 282 -0.41 -31.11 32.62
C GLN E 282 -0.98 -30.59 33.93
N MET E 283 -2.21 -30.08 33.89
CA MET E 283 -2.85 -29.54 35.10
C MET E 283 -3.16 -30.67 36.10
N ALA E 284 -3.54 -31.83 35.57
CA ALA E 284 -3.86 -32.98 36.41
C ALA E 284 -2.76 -33.30 37.42
N VAL E 285 -1.52 -33.25 36.95
CA VAL E 285 -0.36 -33.53 37.77
C VAL E 285 -0.08 -32.44 38.81
N THR E 286 -0.85 -31.37 38.77
CA THR E 286 -0.63 -30.28 39.71
C THR E 286 -1.52 -30.48 40.94
N ASN E 287 -1.18 -29.74 42.00
CA ASN E 287 -1.94 -29.80 43.24
C ASN E 287 -3.20 -28.96 42.98
N ASN E 288 -4.02 -29.41 42.03
CA ASN E 288 -5.23 -28.67 41.64
C ASN E 288 -4.86 -27.19 41.65
N ALA E 289 -3.82 -26.87 40.89
CA ALA E 289 -3.31 -25.51 40.81
C ALA E 289 -4.17 -24.53 40.03
N TYR E 290 -4.01 -23.25 40.36
CA TYR E 290 -4.73 -22.17 39.71
C TYR E 290 -4.02 -21.86 38.39
N PHE E 291 -4.79 -21.56 37.35
CA PHE E 291 -4.18 -21.21 36.08
C PHE E 291 -4.16 -19.70 35.94
N MET E 292 -3.03 -19.16 35.51
CA MET E 292 -2.90 -17.72 35.33
C MET E 292 -2.37 -17.40 33.94
N HIS E 293 -2.33 -16.11 33.62
CA HIS E 293 -1.84 -15.62 32.34
C HIS E 293 -2.11 -14.12 32.29
N CYS E 294 -1.16 -13.35 31.79
CA CYS E 294 -1.31 -11.91 31.71
C CYS E 294 -2.24 -11.42 30.59
N LEU E 295 -2.52 -12.28 29.62
CA LEU E 295 -3.37 -11.92 28.49
C LEU E 295 -2.68 -10.83 27.64
N PRO E 296 -2.91 -10.82 26.30
CA PRO E 296 -3.74 -11.70 25.47
C PRO E 296 -3.31 -13.16 25.55
N VAL E 297 -4.21 -14.06 25.18
CA VAL E 297 -3.89 -15.48 25.21
C VAL E 297 -4.45 -16.18 23.99
N ARG E 298 -3.59 -16.90 23.29
CA ARG E 298 -4.06 -17.64 22.12
C ARG E 298 -4.51 -19.01 22.58
N ARG E 299 -5.81 -19.25 22.46
CA ARG E 299 -6.42 -20.53 22.86
C ARG E 299 -6.00 -21.68 21.97
N ASN E 300 -5.74 -22.83 22.59
CA ASN E 300 -5.33 -24.02 21.87
C ASN E 300 -3.94 -23.85 21.26
N MET E 301 -3.16 -23.03 21.94
CA MET E 301 -1.78 -22.72 21.59
C MET E 301 -1.09 -22.62 22.93
N ILE E 302 -1.38 -21.55 23.65
CA ILE E 302 -0.80 -21.35 24.97
C ILE E 302 -1.48 -22.30 25.95
N VAL E 303 -2.80 -22.22 26.03
CA VAL E 303 -3.59 -23.05 26.94
C VAL E 303 -4.86 -23.55 26.28
N THR E 304 -5.34 -24.70 26.73
CA THR E 304 -6.55 -25.33 26.20
C THR E 304 -7.81 -24.53 26.54
N ASP E 305 -8.85 -24.71 25.73
CA ASP E 305 -10.12 -24.03 25.99
C ASP E 305 -10.56 -24.46 27.38
N ASP E 306 -10.66 -25.78 27.58
CA ASP E 306 -11.07 -26.35 28.86
C ASP E 306 -10.35 -25.77 30.06
N VAL E 307 -9.02 -25.74 30.01
CA VAL E 307 -8.24 -25.22 31.14
C VAL E 307 -8.42 -23.74 31.45
N ILE E 308 -8.66 -22.93 30.43
CA ILE E 308 -8.83 -21.50 30.67
C ILE E 308 -10.25 -21.22 31.14
N GLU E 309 -11.18 -22.08 30.74
CA GLU E 309 -12.58 -21.93 31.13
C GLU E 309 -12.84 -22.55 32.51
N SER E 310 -12.00 -23.52 32.88
CA SER E 310 -12.13 -24.22 34.16
C SER E 310 -12.16 -23.27 35.36
N PRO E 311 -12.72 -23.75 36.48
CA PRO E 311 -12.82 -22.97 37.71
C PRO E 311 -11.47 -22.61 38.34
N GLN E 312 -10.42 -23.37 38.03
CA GLN E 312 -9.10 -23.08 38.59
C GLN E 312 -8.46 -21.92 37.85
N SER E 313 -8.99 -21.61 36.67
CA SER E 313 -8.49 -20.52 35.84
C SER E 313 -8.90 -19.16 36.41
N ILE E 314 -7.96 -18.49 37.07
CA ILE E 314 -8.25 -17.18 37.65
C ILE E 314 -7.66 -16.03 36.80
N VAL E 315 -7.79 -16.19 35.49
CA VAL E 315 -7.27 -15.21 34.53
C VAL E 315 -7.92 -13.84 34.68
N ILE E 316 -9.25 -13.82 34.75
CA ILE E 316 -10.00 -12.59 34.88
C ILE E 316 -9.77 -11.85 36.21
N PRO E 317 -9.77 -12.58 37.34
CA PRO E 317 -9.53 -11.91 38.62
C PRO E 317 -8.14 -11.30 38.56
N GLU E 318 -7.24 -12.02 37.89
CA GLU E 318 -5.85 -11.60 37.72
C GLU E 318 -5.86 -10.32 36.90
N ALA E 319 -6.60 -10.36 35.80
CA ALA E 319 -6.72 -9.22 34.90
C ALA E 319 -7.23 -8.01 35.66
N ALA E 320 -8.24 -8.25 36.51
CA ALA E 320 -8.84 -7.20 37.31
C ALA E 320 -7.84 -6.49 38.22
N ASN E 321 -6.91 -7.25 38.79
CA ASN E 321 -5.91 -6.67 39.68
C ASN E 321 -4.98 -5.69 38.98
N ARG E 322 -5.05 -5.66 37.66
CA ARG E 322 -4.22 -4.74 36.90
C ARG E 322 -4.58 -3.31 37.28
N GLU E 323 -5.84 -3.11 37.68
CA GLU E 323 -6.33 -1.78 38.07
C GLU E 323 -5.74 -1.37 39.41
N ILE E 324 -5.65 -2.34 40.30
CA ILE E 324 -5.13 -2.14 41.65
C ILE E 324 -3.64 -1.76 41.64
N SER E 325 -2.81 -2.59 41.00
CA SER E 325 -1.37 -2.34 40.92
C SER E 325 -1.10 -0.98 40.31
N ALA E 326 -1.87 -0.65 39.27
CA ALA E 326 -1.74 0.61 38.57
C ALA E 326 -2.10 1.74 39.51
N THR E 327 -3.18 1.56 40.26
CA THR E 327 -3.62 2.60 41.18
C THR E 327 -2.57 2.84 42.25
N VAL E 328 -2.07 1.76 42.85
CA VAL E 328 -1.05 1.86 43.89
C VAL E 328 0.18 2.60 43.38
N VAL E 329 0.65 2.22 42.21
CA VAL E 329 1.83 2.83 41.60
C VAL E 329 1.60 4.30 41.27
N LEU E 330 0.47 4.59 40.67
CA LEU E 330 0.11 5.95 40.30
C LEU E 330 0.04 6.78 41.58
N LYS E 331 -0.53 6.17 42.62
CA LYS E 331 -0.65 6.81 43.93
C LYS E 331 0.74 7.18 44.46
N ARG E 332 1.61 6.17 44.59
CA ARG E 332 2.97 6.37 45.09
C ARG E 332 3.66 7.47 44.30
N LEU E 333 3.52 7.44 42.98
CA LEU E 333 4.17 8.44 42.14
C LEU E 333 3.63 9.84 42.45
N LEU E 334 2.32 9.93 42.69
CA LEU E 334 1.69 11.20 43.01
C LEU E 334 2.23 11.74 44.33
N GLU E 335 2.19 10.91 45.37
CA GLU E 335 2.66 11.30 46.68
C GLU E 335 4.09 11.82 46.63
N ASN E 336 4.85 11.39 45.63
CA ASN E 336 6.24 11.83 45.54
C ASN E 336 6.45 13.03 44.63
N LEU E 337 5.40 13.44 43.92
CA LEU E 337 5.51 14.58 43.03
C LEU E 337 5.89 15.83 43.83
N PRO E 338 6.72 16.69 43.24
CA PRO E 338 7.16 17.94 43.90
C PRO E 338 6.00 18.88 44.22
N ARG F 17 -12.53 42.87 21.20
CA ARG F 17 -11.41 42.02 20.69
C ARG F 17 -10.52 41.48 21.81
N GLY F 18 -10.30 40.17 21.79
CA GLY F 18 -9.48 39.53 22.81
C GLY F 18 -10.35 39.13 23.98
N SER F 19 -11.04 40.13 24.53
CA SER F 19 -11.95 39.95 25.65
C SER F 19 -13.36 39.90 25.06
N HIS F 20 -13.42 39.90 23.73
CA HIS F 20 -14.66 39.83 22.98
C HIS F 20 -14.36 38.81 21.87
N MET F 21 -13.62 37.77 22.26
CA MET F 21 -13.18 36.72 21.33
C MET F 21 -14.24 35.68 20.94
N LYS F 22 -14.55 35.69 19.64
CA LYS F 22 -15.55 34.80 19.07
C LYS F 22 -14.89 33.65 18.30
N LYS F 23 -13.64 33.86 17.90
CA LYS F 23 -12.88 32.87 17.15
C LYS F 23 -11.40 33.21 17.25
N PHE F 24 -10.53 32.22 17.01
CA PHE F 24 -9.11 32.46 17.05
C PHE F 24 -8.47 31.82 15.83
N THR F 25 -8.13 32.65 14.84
CA THR F 25 -7.50 32.14 13.62
C THR F 25 -6.29 32.98 13.24
N CYS F 26 -6.36 34.28 13.48
CA CYS F 26 -5.23 35.16 13.16
C CYS F 26 -4.75 35.95 14.37
N VAL F 27 -3.82 36.86 14.16
CA VAL F 27 -3.29 37.65 15.27
C VAL F 27 -4.29 38.69 15.79
N GLN F 28 -5.11 39.23 14.88
CA GLN F 28 -6.12 40.23 15.24
C GLN F 28 -7.06 39.74 16.35
N ASP F 29 -7.47 38.47 16.28
CA ASP F 29 -8.36 37.91 17.28
C ASP F 29 -7.89 38.02 18.74
N ILE F 30 -6.57 38.15 18.96
CA ILE F 30 -6.06 38.23 20.33
C ILE F 30 -6.13 39.65 20.90
N GLY F 31 -6.16 40.63 20.00
CA GLY F 31 -6.25 42.01 20.42
C GLY F 31 -4.92 42.56 20.91
N ASP F 32 -4.99 43.43 21.91
CA ASP F 32 -3.82 44.05 22.52
C ASP F 32 -2.77 43.01 22.92
N LEU F 33 -1.61 43.03 22.26
CA LEU F 33 -0.56 42.05 22.57
C LEU F 33 -0.08 42.16 24.00
N LYS F 34 0.09 43.39 24.48
CA LYS F 34 0.56 43.65 25.85
C LYS F 34 -0.22 42.86 26.91
N SER F 35 -1.54 43.03 26.91
CA SER F 35 -2.41 42.34 27.85
C SER F 35 -2.45 40.84 27.55
N ALA F 36 -2.24 40.49 26.28
CA ALA F 36 -2.23 39.11 25.86
C ALA F 36 -1.05 38.43 26.54
N LEU F 37 0.12 39.04 26.43
CA LEU F 37 1.32 38.52 27.06
C LEU F 37 1.11 38.45 28.57
N ALA F 38 0.47 39.48 29.11
CA ALA F 38 0.19 39.55 30.55
C ALA F 38 -0.54 38.31 31.07
N GLU F 39 -1.66 37.96 30.42
CA GLU F 39 -2.42 36.79 30.84
C GLU F 39 -1.60 35.54 30.67
N SER F 40 -0.71 35.58 29.69
CA SER F 40 0.15 34.44 29.40
C SER F 40 1.07 34.18 30.58
N PHE F 41 1.87 35.18 30.94
CA PHE F 41 2.79 35.05 32.06
C PHE F 41 2.04 34.82 33.36
N GLU F 42 0.84 35.38 33.44
CA GLU F 42 -0.01 35.22 34.62
C GLU F 42 -0.33 33.74 34.78
N ILE F 43 -0.69 33.08 33.68
CA ILE F 43 -1.05 31.67 33.72
C ILE F 43 0.20 30.77 33.81
N LYS F 44 1.34 31.27 33.36
CA LYS F 44 2.57 30.50 33.46
C LYS F 44 2.85 30.35 34.95
N LYS F 45 2.68 31.45 35.69
CA LYS F 45 2.92 31.46 37.13
C LYS F 45 1.88 30.65 37.90
N ASP F 46 0.61 30.82 37.56
CA ASP F 46 -0.47 30.09 38.22
C ASP F 46 -1.26 29.31 37.17
N ARG F 47 -0.86 28.07 36.93
CA ARG F 47 -1.51 27.24 35.92
C ARG F 47 -3.01 27.01 36.06
N PHE F 48 -3.45 26.45 37.18
CA PHE F 48 -4.87 26.18 37.37
C PHE F 48 -5.65 27.28 38.06
N LYS F 49 -5.22 28.52 37.87
CA LYS F 49 -5.88 29.66 38.48
C LYS F 49 -7.35 29.74 38.08
N TYR F 50 -7.67 29.34 36.86
CA TYR F 50 -9.04 29.40 36.37
C TYR F 50 -9.69 28.05 36.13
N VAL F 51 -9.23 27.03 36.85
CA VAL F 51 -9.73 25.67 36.70
C VAL F 51 -11.25 25.55 36.89
N GLU F 52 -11.88 26.67 37.18
CA GLU F 52 -13.33 26.68 37.37
C GLU F 52 -14.04 27.28 36.18
N LEU F 53 -13.44 28.33 35.63
CA LEU F 53 -13.98 29.05 34.48
C LEU F 53 -14.60 28.20 33.38
N GLY F 54 -14.06 27.01 33.15
CA GLY F 54 -14.59 26.16 32.11
C GLY F 54 -15.38 24.97 32.60
N ARG F 55 -15.66 24.94 33.91
CA ARG F 55 -16.41 23.84 34.46
C ARG F 55 -17.65 23.55 33.62
N ASN F 56 -17.88 22.27 33.35
CA ASN F 56 -19.02 21.83 32.57
C ASN F 56 -19.16 22.41 31.17
N LYS F 57 -18.03 22.83 30.62
CA LYS F 57 -17.97 23.34 29.25
C LYS F 57 -17.17 22.27 28.50
N THR F 58 -17.55 21.97 27.26
CA THR F 58 -16.88 20.94 26.48
C THR F 58 -16.19 21.38 25.21
N LEU F 59 -14.90 21.02 25.11
CA LEU F 59 -14.06 21.36 23.96
C LEU F 59 -13.90 20.18 23.02
N LEU F 60 -14.12 20.44 21.73
CA LEU F 60 -13.97 19.42 20.70
C LEU F 60 -12.81 19.77 19.80
N MET F 61 -11.80 18.89 19.81
CA MET F 61 -10.61 19.04 18.99
C MET F 61 -10.77 18.12 17.78
N ILE F 62 -10.70 18.72 16.59
CA ILE F 62 -10.87 17.94 15.37
C ILE F 62 -9.60 17.93 14.57
N PHE F 63 -9.14 16.72 14.26
CA PHE F 63 -7.91 16.56 13.48
C PHE F 63 -8.06 15.95 12.11
N PHE F 64 -7.64 16.71 11.10
CA PHE F 64 -7.65 16.25 9.71
C PHE F 64 -6.21 15.83 9.35
N ASN F 65 -5.26 16.21 10.20
CA ASN F 65 -3.86 15.87 10.00
C ASN F 65 -3.25 15.35 11.29
N SER F 66 -2.05 14.80 11.19
CA SER F 66 -1.36 14.28 12.38
C SER F 66 -1.00 15.42 13.33
N SER F 67 -0.65 15.06 14.56
CA SER F 67 -0.27 16.05 15.56
C SER F 67 0.24 15.43 16.86
N LEU F 68 1.19 16.11 17.48
CA LEU F 68 1.78 15.70 18.75
C LEU F 68 1.66 16.91 19.70
N ARG F 69 2.38 17.98 19.40
CA ARG F 69 2.33 19.18 20.23
C ARG F 69 0.90 19.65 20.40
N THR F 70 0.31 20.17 19.32
CA THR F 70 -1.07 20.67 19.35
C THR F 70 -2.05 19.68 19.99
N ARG F 71 -1.89 18.39 19.69
CA ARG F 71 -2.79 17.39 20.25
C ARG F 71 -2.74 17.40 21.79
N LEU F 72 -1.53 17.28 22.30
CA LEU F 72 -1.27 17.24 23.73
C LEU F 72 -1.42 18.58 24.46
N SER F 73 -0.74 19.61 23.97
CA SER F 73 -0.78 20.92 24.62
C SER F 73 -2.19 21.50 24.70
N THR F 74 -3.02 21.22 23.71
CA THR F 74 -4.38 21.75 23.72
C THR F 74 -5.30 21.06 24.73
N GLN F 75 -5.11 19.77 24.94
CA GLN F 75 -5.94 19.06 25.92
C GLN F 75 -5.55 19.57 27.32
N LYS F 76 -4.25 19.72 27.56
CA LYS F 76 -3.77 20.21 28.84
C LYS F 76 -4.37 21.58 29.14
N ALA F 77 -4.28 22.50 28.17
CA ALA F 77 -4.81 23.85 28.33
C ALA F 77 -6.30 23.83 28.66
N ALA F 78 -7.03 22.87 28.09
CA ALA F 78 -8.44 22.75 28.36
C ALA F 78 -8.64 22.28 29.79
N LEU F 79 -7.79 21.36 30.23
CA LEU F 79 -7.89 20.85 31.59
C LEU F 79 -7.49 21.94 32.60
N ASN F 80 -6.61 22.86 32.19
CA ASN F 80 -6.20 23.95 33.07
C ASN F 80 -7.41 24.83 33.37
N LEU F 81 -8.43 24.73 32.52
CA LEU F 81 -9.64 25.51 32.64
C LEU F 81 -10.81 24.63 33.07
N GLY F 82 -10.49 23.44 33.59
CA GLY F 82 -11.52 22.52 34.05
C GLY F 82 -12.60 22.18 33.03
N MET F 83 -12.24 22.20 31.75
CA MET F 83 -13.17 21.87 30.68
C MET F 83 -13.27 20.38 30.47
N ASN F 84 -14.17 20.01 29.57
CA ASN F 84 -14.34 18.62 29.18
C ASN F 84 -13.70 18.56 27.81
N VAL F 85 -12.90 17.52 27.55
CA VAL F 85 -12.23 17.41 26.27
C VAL F 85 -12.62 16.18 25.47
N ILE F 86 -12.87 16.40 24.19
CA ILE F 86 -13.20 15.31 23.28
C ILE F 86 -12.32 15.49 22.06
N VAL F 87 -11.39 14.55 21.86
CA VAL F 87 -10.48 14.58 20.73
C VAL F 87 -11.00 13.64 19.66
N LEU F 88 -11.30 14.19 18.50
CA LEU F 88 -11.80 13.37 17.41
C LEU F 88 -10.84 13.38 16.24
N ASP F 89 -10.51 12.18 15.78
CA ASP F 89 -9.63 11.99 14.64
C ASP F 89 -10.49 11.51 13.50
N ILE F 90 -11.00 12.44 12.69
CA ILE F 90 -11.82 12.05 11.56
C ILE F 90 -10.96 11.08 10.76
N ASN F 91 -11.60 10.37 9.84
CA ASN F 91 -10.87 9.42 9.01
C ASN F 91 -10.60 8.14 9.78
N GLN F 92 -10.06 8.27 10.99
CA GLN F 92 -9.79 7.09 11.80
C GLN F 92 -11.05 6.51 12.45
N GLY F 93 -11.72 7.29 13.28
CA GLY F 93 -12.92 6.83 13.95
C GLY F 93 -14.23 7.27 13.30
N ALA F 94 -14.19 8.35 12.52
CA ALA F 94 -15.40 8.85 11.88
C ALA F 94 -15.57 8.34 10.45
N TRP F 95 -16.40 9.02 9.66
CA TRP F 95 -16.63 8.64 8.27
C TRP F 95 -15.88 9.64 7.39
N LYS F 96 -15.47 9.22 6.19
CA LYS F 96 -14.74 10.13 5.29
C LYS F 96 -15.68 11.22 4.81
N LEU F 97 -15.23 12.46 4.92
CA LEU F 97 -16.04 13.61 4.55
C LEU F 97 -15.91 14.12 3.13
N GLU F 98 -17.05 14.32 2.49
CA GLU F 98 -17.10 14.87 1.13
C GLU F 98 -17.00 16.37 1.35
N THR F 99 -16.00 16.98 0.73
CA THR F 99 -15.77 18.40 0.89
C THR F 99 -16.52 19.29 -0.11
N GLU F 100 -16.75 18.77 -1.30
CA GLU F 100 -17.41 19.53 -2.36
C GLU F 100 -18.93 19.41 -2.42
N ARG F 101 -19.59 20.55 -2.61
CA ARG F 101 -21.04 20.58 -2.65
C ARG F 101 -21.61 20.43 -4.07
N GLY F 102 -22.68 19.64 -4.19
CA GLY F 102 -23.30 19.45 -5.49
C GLY F 102 -23.02 18.09 -6.09
N VAL F 103 -21.92 17.48 -5.67
CA VAL F 103 -21.51 16.16 -6.14
C VAL F 103 -22.50 15.07 -5.72
N ILE F 104 -22.51 13.94 -6.43
CA ILE F 104 -23.37 12.81 -6.07
C ILE F 104 -22.49 11.97 -5.15
N MET F 105 -22.93 11.71 -3.93
CA MET F 105 -22.10 10.93 -3.02
C MET F 105 -22.25 9.42 -3.18
N ASP F 106 -21.85 8.92 -4.34
CA ASP F 106 -21.93 7.50 -4.66
C ASP F 106 -20.55 6.85 -4.64
N GLY F 107 -19.66 7.36 -3.79
CA GLY F 107 -18.33 6.78 -3.75
C GLY F 107 -17.66 6.74 -2.39
N ASP F 108 -16.43 7.21 -2.41
CA ASP F 108 -15.53 7.24 -1.26
C ASP F 108 -16.09 7.77 0.06
N LYS F 109 -16.73 8.94 0.02
CA LYS F 109 -17.27 9.58 1.23
C LYS F 109 -18.70 9.22 1.61
N PRO F 110 -18.90 8.80 2.88
CA PRO F 110 -20.23 8.42 3.36
C PRO F 110 -21.00 9.62 3.91
N GLU F 111 -20.25 10.65 4.31
CA GLU F 111 -20.86 11.84 4.89
C GLU F 111 -20.34 13.14 4.27
N HIS F 112 -21.17 14.17 4.28
CA HIS F 112 -20.76 15.44 3.73
C HIS F 112 -20.42 16.43 4.82
N LEU F 113 -19.42 17.25 4.54
CA LEU F 113 -18.93 18.26 5.47
C LEU F 113 -20.07 19.17 5.92
N LEU F 114 -21.10 19.31 5.07
CA LEU F 114 -22.24 20.17 5.38
C LEU F 114 -23.17 19.63 6.47
N GLU F 115 -23.08 18.34 6.78
CA GLU F 115 -23.89 17.78 7.85
C GLU F 115 -22.96 17.64 9.06
N ALA F 116 -21.77 17.12 8.81
CA ALA F 116 -20.78 16.89 9.86
C ALA F 116 -20.44 18.10 10.72
N ILE F 117 -20.13 19.23 10.09
CA ILE F 117 -19.78 20.42 10.85
C ILE F 117 -20.88 20.81 11.85
N PRO F 118 -22.13 20.90 11.38
CA PRO F 118 -23.22 21.27 12.29
C PRO F 118 -23.44 20.16 13.34
N VAL F 119 -23.37 18.91 12.90
CA VAL F 119 -23.56 17.80 13.82
C VAL F 119 -22.53 17.87 14.94
N MET F 120 -21.28 18.18 14.59
CA MET F 120 -20.23 18.26 15.59
C MET F 120 -20.52 19.38 16.57
N GLY F 121 -20.97 20.52 16.05
CA GLY F 121 -21.28 21.66 16.91
C GLY F 121 -22.34 21.37 17.98
N CYS F 122 -23.22 20.42 17.69
CA CYS F 122 -24.29 20.04 18.60
C CYS F 122 -23.81 19.51 19.95
N TYR F 123 -22.66 18.87 19.98
CA TYR F 123 -22.17 18.27 21.22
C TYR F 123 -21.01 18.94 21.97
N CYS F 124 -20.70 20.19 21.63
CA CYS F 124 -19.62 20.89 22.32
C CYS F 124 -19.96 22.37 22.56
N ASP F 125 -18.99 23.12 23.07
CA ASP F 125 -19.17 24.54 23.34
C ASP F 125 -18.18 25.30 22.49
N ILE F 126 -16.96 24.78 22.44
CA ILE F 126 -15.88 25.40 21.68
C ILE F 126 -15.25 24.32 20.79
N ILE F 127 -14.84 24.71 19.59
CA ILE F 127 -14.23 23.79 18.64
C ILE F 127 -12.84 24.22 18.17
N GLY F 128 -11.95 23.23 18.13
CA GLY F 128 -10.59 23.42 17.66
C GLY F 128 -10.45 22.54 16.43
N VAL F 129 -9.95 23.10 15.33
CA VAL F 129 -9.79 22.35 14.09
C VAL F 129 -8.40 22.45 13.49
N ARG F 130 -7.94 21.35 12.91
CA ARG F 130 -6.65 21.32 12.23
C ARG F 130 -6.88 20.80 10.81
N SER F 131 -6.58 21.65 9.83
CA SER F 131 -6.74 21.28 8.44
C SER F 131 -5.60 21.94 7.68
N PHE F 132 -4.59 21.12 7.37
CA PHE F 132 -3.42 21.60 6.64
C PHE F 132 -3.84 21.98 5.23
N ALA F 133 -3.06 22.85 4.62
CA ALA F 133 -3.32 23.23 3.24
C ALA F 133 -3.29 21.90 2.46
N ARG F 134 -4.20 21.74 1.50
CA ARG F 134 -4.24 20.50 0.74
C ARG F 134 -3.40 20.59 -0.55
N PHE F 135 -2.98 21.80 -0.88
CA PHE F 135 -2.18 22.05 -2.07
C PHE F 135 -2.84 21.72 -3.41
N GLU F 136 -4.12 21.39 -3.40
CA GLU F 136 -4.80 21.09 -4.66
C GLU F 136 -5.20 22.38 -5.38
N ASN F 137 -5.60 23.38 -4.62
CA ASN F 137 -6.03 24.65 -5.21
C ASN F 137 -5.61 25.78 -4.30
N ARG F 138 -4.71 26.62 -4.78
CA ARG F 138 -4.21 27.73 -3.99
C ARG F 138 -5.31 28.65 -3.46
N GLU F 139 -6.31 28.93 -4.29
CA GLU F 139 -7.40 29.80 -3.85
C GLU F 139 -8.12 29.12 -2.70
N TYR F 140 -8.51 27.88 -2.90
CA TYR F 140 -9.21 27.11 -1.87
C TYR F 140 -8.45 27.18 -0.55
N ASP F 141 -7.16 26.93 -0.61
CA ASP F 141 -6.36 26.96 0.60
C ASP F 141 -6.28 28.34 1.21
N TYR F 142 -5.97 29.33 0.38
CA TYR F 142 -5.84 30.68 0.91
C TYR F 142 -7.14 31.40 1.29
N ASN F 143 -8.28 30.88 0.83
CA ASN F 143 -9.56 31.48 1.23
C ASN F 143 -9.98 30.77 2.52
N GLU F 144 -9.20 29.78 2.92
CA GLU F 144 -9.46 29.01 4.13
C GLU F 144 -10.87 28.42 4.16
N VAL F 145 -11.32 27.98 3.00
CA VAL F 145 -12.64 27.39 2.85
C VAL F 145 -13.07 26.44 3.97
N ILE F 146 -12.19 25.52 4.36
CA ILE F 146 -12.54 24.56 5.42
C ILE F 146 -12.68 25.16 6.81
N ILE F 147 -11.62 25.80 7.30
CA ILE F 147 -11.63 26.42 8.62
C ILE F 147 -12.84 27.36 8.69
N ASN F 148 -13.10 28.08 7.60
CA ASN F 148 -14.22 29.01 7.53
C ASN F 148 -15.59 28.33 7.56
N GLN F 149 -15.66 27.09 7.12
CA GLN F 149 -16.94 26.41 7.14
C GLN F 149 -17.26 25.96 8.55
N PHE F 150 -16.26 25.85 9.41
CA PHE F 150 -16.53 25.46 10.79
C PHE F 150 -17.04 26.73 11.48
N ILE F 151 -16.38 27.85 11.19
CA ILE F 151 -16.76 29.12 11.74
C ILE F 151 -18.19 29.44 11.29
N GLN F 152 -18.53 28.99 10.09
CA GLN F 152 -19.85 29.24 9.51
C GLN F 152 -20.99 28.25 9.78
N HIS F 153 -20.69 26.98 9.98
CA HIS F 153 -21.76 25.99 10.18
C HIS F 153 -21.73 25.15 11.46
N SER F 154 -20.79 25.40 12.35
CA SER F 154 -20.71 24.62 13.58
C SER F 154 -21.56 25.24 14.71
N GLY F 155 -21.76 26.54 14.63
CA GLY F 155 -22.54 27.22 15.65
C GLY F 155 -21.83 27.16 16.98
N ARG F 156 -20.51 27.24 16.92
CA ARG F 156 -19.66 27.20 18.11
C ARG F 156 -18.45 28.08 17.82
N PRO F 157 -17.82 28.62 18.88
CA PRO F 157 -16.64 29.46 18.64
C PRO F 157 -15.55 28.51 18.11
N VAL F 158 -14.78 28.97 17.13
CA VAL F 158 -13.75 28.13 16.52
C VAL F 158 -12.33 28.71 16.60
N PHE F 159 -11.37 27.88 17.01
CA PHE F 159 -9.98 28.31 17.05
C PHE F 159 -9.14 27.35 16.19
N SER F 160 -8.12 27.92 15.55
CA SER F 160 -7.24 27.18 14.66
C SER F 160 -6.12 26.36 15.31
N MET F 161 -6.08 25.08 14.96
CA MET F 161 -5.02 24.18 15.45
C MET F 161 -4.06 23.99 14.26
N GLU F 162 -4.13 24.96 13.36
CA GLU F 162 -3.35 25.09 12.13
C GLU F 162 -4.25 24.91 10.93
N ALA F 163 -4.42 26.00 10.18
CA ALA F 163 -5.23 25.99 8.97
C ALA F 163 -4.33 26.02 7.74
N ALA F 164 -4.93 26.19 6.57
CA ALA F 164 -4.16 26.22 5.34
C ALA F 164 -3.08 27.30 5.31
N THR F 165 -3.34 28.45 5.91
CA THR F 165 -2.37 29.55 5.86
C THR F 165 -1.89 30.16 7.17
N ARG F 166 -2.40 29.68 8.30
CA ARG F 166 -1.98 30.23 9.58
C ARG F 166 -1.91 29.18 10.68
N HIS F 167 -1.40 29.59 11.82
CA HIS F 167 -1.26 28.70 12.98
C HIS F 167 -1.06 29.63 14.19
N PRO F 168 -2.06 30.47 14.47
CA PRO F 168 -2.01 31.42 15.59
C PRO F 168 -1.56 30.85 16.94
N LEU F 169 -2.07 29.69 17.33
CA LEU F 169 -1.68 29.10 18.61
C LEU F 169 -0.15 28.97 18.72
N GLN F 170 0.50 28.61 17.62
CA GLN F 170 1.94 28.47 17.61
C GLN F 170 2.59 29.84 17.69
N SER F 171 2.36 30.67 16.68
CA SER F 171 2.95 32.01 16.65
C SER F 171 2.80 32.75 17.98
N PHE F 172 1.63 32.64 18.60
CA PHE F 172 1.35 33.29 19.89
C PHE F 172 2.42 32.80 20.86
N ALA F 173 2.54 31.48 20.99
CA ALA F 173 3.55 30.87 21.86
C ALA F 173 4.94 31.35 21.48
N ASP F 174 5.19 31.52 20.19
CA ASP F 174 6.51 31.97 19.75
C ASP F 174 6.74 33.39 20.27
N LEU F 175 5.67 34.18 20.33
CA LEU F 175 5.76 35.56 20.82
C LEU F 175 6.09 35.51 22.31
N ILE F 176 5.28 34.77 23.06
CA ILE F 176 5.49 34.63 24.50
C ILE F 176 6.92 34.23 24.81
N THR F 177 7.41 33.18 24.12
CA THR F 177 8.77 32.68 24.32
C THR F 177 9.86 33.67 23.89
N ILE F 178 9.60 34.50 22.89
CA ILE F 178 10.60 35.47 22.48
C ILE F 178 10.70 36.56 23.53
N GLU F 179 9.56 37.14 23.90
CA GLU F 179 9.53 38.19 24.93
C GLU F 179 10.22 37.62 26.17
N GLU F 180 9.91 36.36 26.45
CA GLU F 180 10.45 35.63 27.59
C GLU F 180 11.99 35.58 27.63
N TYR F 181 12.63 35.25 26.51
CA TYR F 181 14.09 35.16 26.47
C TYR F 181 14.85 36.36 25.90
N LYS F 182 14.15 37.25 25.19
CA LYS F 182 14.83 38.41 24.60
C LYS F 182 15.72 39.17 25.57
N LYS F 183 16.87 39.63 25.07
CA LYS F 183 17.84 40.38 25.86
C LYS F 183 17.67 41.89 25.71
N THR F 184 16.89 42.31 24.72
CA THR F 184 16.64 43.74 24.49
C THR F 184 15.16 43.97 24.20
N ALA F 185 14.77 45.24 24.08
CA ALA F 185 13.38 45.59 23.83
C ALA F 185 12.86 45.24 22.44
N ARG F 186 13.71 45.44 21.43
CA ARG F 186 13.30 45.16 20.06
C ARG F 186 14.35 44.33 19.33
N PRO F 187 14.49 43.05 19.73
CA PRO F 187 15.47 42.15 19.13
C PRO F 187 15.32 41.97 17.63
N LYS F 188 16.38 41.45 17.01
CA LYS F 188 16.37 41.19 15.57
C LYS F 188 16.00 39.71 15.44
N VAL F 189 14.84 39.46 14.87
CA VAL F 189 14.34 38.10 14.68
C VAL F 189 14.33 37.74 13.20
N VAL F 190 15.07 36.69 12.86
CA VAL F 190 15.15 36.24 11.48
C VAL F 190 14.44 34.92 11.28
N MET F 191 13.48 34.91 10.36
CA MET F 191 12.77 33.68 10.03
C MET F 191 13.43 33.16 8.78
N THR F 192 14.08 32.02 8.92
CA THR F 192 14.80 31.40 7.81
C THR F 192 14.15 30.14 7.29
N TRP F 193 14.29 29.97 5.98
CA TRP F 193 13.79 28.80 5.28
C TRP F 193 14.89 27.73 5.53
N ALA F 194 14.59 26.48 5.20
CA ALA F 194 15.52 25.37 5.35
C ALA F 194 15.03 24.27 4.42
N PRO F 195 15.94 23.42 3.93
CA PRO F 195 15.54 22.33 3.01
C PRO F 195 14.68 21.25 3.67
N HIS F 196 13.77 20.67 2.89
CA HIS F 196 12.90 19.63 3.40
C HIS F 196 12.51 18.66 2.27
N PRO F 197 12.50 17.34 2.56
CA PRO F 197 12.16 16.31 1.58
C PRO F 197 10.75 16.35 1.00
N ARG F 198 9.79 16.82 1.80
CA ARG F 198 8.40 16.88 1.36
C ARG F 198 7.89 18.32 1.25
N PRO F 199 6.82 18.54 0.48
CA PRO F 199 6.26 19.89 0.33
C PRO F 199 5.36 20.26 1.53
N LEU F 200 5.77 21.27 2.28
CA LEU F 200 5.05 21.72 3.46
C LEU F 200 4.24 23.00 3.20
N PRO F 201 3.19 23.24 4.01
CA PRO F 201 2.33 24.42 3.88
C PRO F 201 3.11 25.62 4.37
N GLN F 202 2.77 26.80 3.88
CA GLN F 202 3.45 28.00 4.34
C GLN F 202 2.65 28.61 5.49
N ALA F 203 1.91 27.76 6.20
CA ALA F 203 1.07 28.19 7.32
C ALA F 203 1.87 28.72 8.50
N VAL F 204 2.84 27.93 8.99
CA VAL F 204 3.66 28.39 10.11
C VAL F 204 4.46 29.65 9.77
N PRO F 205 5.00 29.75 8.54
CA PRO F 205 5.77 30.95 8.17
C PRO F 205 4.84 32.16 8.05
N ASN F 206 3.70 31.96 7.40
CA ASN F 206 2.71 33.04 7.23
C ASN F 206 2.34 33.59 8.61
N SER F 207 1.92 32.67 9.48
CA SER F 207 1.50 32.96 10.85
C SER F 207 2.59 33.67 11.65
N PHE F 208 3.81 33.13 11.65
CA PHE F 208 4.91 33.75 12.39
C PHE F 208 5.20 35.16 11.87
N ALA F 209 5.23 35.33 10.55
CA ALA F 209 5.51 36.65 10.00
C ALA F 209 4.43 37.63 10.46
N GLU F 210 3.19 37.18 10.38
CA GLU F 210 2.03 37.98 10.77
C GLU F 210 2.19 38.54 12.17
N TRP F 211 2.44 37.66 13.13
CA TRP F 211 2.62 38.09 14.50
C TRP F 211 3.84 38.97 14.68
N MET F 212 4.95 38.59 14.07
CA MET F 212 6.16 39.38 14.20
C MET F 212 5.98 40.78 13.68
N ASN F 213 5.22 40.94 12.60
CA ASN F 213 4.98 42.26 12.04
C ASN F 213 4.15 43.08 13.04
N ALA F 214 3.43 42.36 13.90
CA ALA F 214 2.57 42.96 14.91
C ALA F 214 3.37 43.44 16.11
N THR F 215 4.67 43.21 16.08
CA THR F 215 5.50 43.63 17.20
C THR F 215 6.42 44.76 16.78
N ASP F 216 7.22 45.22 17.74
CA ASP F 216 8.18 46.28 17.55
C ASP F 216 9.55 45.70 17.20
N TYR F 217 9.60 44.39 17.03
CA TYR F 217 10.83 43.66 16.72
C TYR F 217 11.41 44.02 15.34
N GLU F 218 12.70 43.75 15.17
CA GLU F 218 13.37 43.98 13.89
C GLU F 218 13.26 42.65 13.17
N PHE F 219 12.16 42.47 12.46
CA PHE F 219 11.87 41.22 11.75
C PHE F 219 12.44 41.12 10.34
N VAL F 220 13.18 40.04 10.09
CA VAL F 220 13.78 39.78 8.79
C VAL F 220 13.45 38.38 8.29
N ILE F 221 13.07 38.28 7.02
CA ILE F 221 12.74 36.99 6.41
C ILE F 221 13.77 36.63 5.34
N THR F 222 14.35 35.44 5.48
CA THR F 222 15.34 34.98 4.53
C THR F 222 14.98 33.63 3.92
N HIS F 223 15.00 33.56 2.59
CA HIS F 223 14.67 32.32 1.87
C HIS F 223 15.23 32.33 0.44
N PRO F 224 15.32 31.13 -0.19
CA PRO F 224 15.84 31.07 -1.55
C PRO F 224 14.90 31.75 -2.54
N GLU F 225 15.44 32.20 -3.67
CA GLU F 225 14.61 32.83 -4.68
C GLU F 225 13.51 31.84 -5.05
N GLY F 226 12.35 32.36 -5.43
CA GLY F 226 11.24 31.50 -5.81
C GLY F 226 10.29 31.19 -4.66
N TYR F 227 10.82 31.28 -3.44
CA TYR F 227 10.04 30.98 -2.24
C TYR F 227 9.40 32.18 -1.53
N GLU F 228 9.04 33.23 -2.27
CA GLU F 228 8.42 34.38 -1.60
C GLU F 228 7.05 34.01 -1.08
N LEU F 229 6.73 34.52 0.10
CA LEU F 229 5.45 34.27 0.76
C LEU F 229 4.40 35.30 0.32
N ASP F 230 3.14 35.04 0.64
CA ASP F 230 2.05 35.95 0.31
C ASP F 230 2.34 37.34 0.88
N PRO F 231 2.28 38.39 0.04
CA PRO F 231 2.55 39.76 0.48
C PRO F 231 1.75 40.11 1.74
N LYS F 232 0.46 39.77 1.73
CA LYS F 232 -0.38 40.06 2.87
C LYS F 232 0.23 39.53 4.17
N PHE F 233 1.13 38.55 4.08
CA PHE F 233 1.76 38.03 5.29
C PHE F 233 3.15 38.62 5.44
N VAL F 234 3.87 38.72 4.33
CA VAL F 234 5.21 39.28 4.36
C VAL F 234 5.17 40.65 5.02
N GLY F 235 4.10 41.40 4.73
CA GLY F 235 3.99 42.73 5.27
C GLY F 235 5.15 43.58 4.81
N ASN F 236 5.64 44.45 5.69
CA ASN F 236 6.77 45.29 5.34
C ASN F 236 8.06 44.69 5.89
N ALA F 237 8.02 43.39 6.19
CA ALA F 237 9.19 42.69 6.72
C ALA F 237 10.31 42.65 5.67
N ARG F 238 11.54 42.88 6.11
CA ARG F 238 12.71 42.88 5.23
C ARG F 238 12.96 41.46 4.71
N VAL F 239 13.07 41.32 3.40
CA VAL F 239 13.30 40.02 2.79
C VAL F 239 14.73 39.93 2.23
N GLU F 240 15.53 39.07 2.85
CA GLU F 240 16.92 38.87 2.46
C GLU F 240 17.16 37.50 1.81
N TYR F 241 17.61 37.51 0.57
CA TYR F 241 17.87 36.26 -0.14
C TYR F 241 19.20 35.64 0.27
N ASP F 242 20.02 36.39 0.99
CA ASP F 242 21.32 35.90 1.45
C ASP F 242 21.18 35.47 2.91
N GLN F 243 21.12 34.16 3.14
CA GLN F 243 20.97 33.65 4.49
C GLN F 243 22.04 34.15 5.44
N MET F 244 23.29 34.16 5.00
CA MET F 244 24.38 34.62 5.86
C MET F 244 24.23 36.09 6.25
N LYS F 245 23.79 36.93 5.32
CA LYS F 245 23.60 38.35 5.61
C LYS F 245 22.47 38.57 6.59
N ALA F 246 21.37 37.85 6.35
CA ALA F 246 20.19 37.94 7.17
C ALA F 246 20.47 37.55 8.61
N PHE F 247 21.31 36.53 8.80
CA PHE F 247 21.65 36.03 10.14
C PHE F 247 22.54 36.95 10.97
N GLU F 248 23.17 37.92 10.31
CA GLU F 248 24.07 38.83 11.01
C GLU F 248 23.43 39.59 12.16
N GLY F 249 24.06 39.46 13.32
CA GLY F 249 23.57 40.14 14.51
C GLY F 249 22.15 39.80 14.89
N ALA F 250 21.71 38.60 14.53
CA ALA F 250 20.36 38.19 14.88
C ALA F 250 20.32 37.83 16.35
N ASP F 251 19.18 38.04 16.99
CA ASP F 251 19.02 37.70 18.40
C ASP F 251 18.22 36.41 18.49
N PHE F 252 17.41 36.18 17.46
CA PHE F 252 16.58 34.99 17.36
C PHE F 252 16.54 34.46 15.93
N ILE F 253 16.57 33.15 15.81
CA ILE F 253 16.51 32.49 14.51
C ILE F 253 15.30 31.56 14.52
N TYR F 254 14.36 31.85 13.63
CA TYR F 254 13.15 31.04 13.50
C TYR F 254 13.28 30.28 12.19
N ALA F 255 13.61 28.98 12.28
CA ALA F 255 13.79 28.15 11.09
C ALA F 255 12.55 27.33 10.78
N LYS F 256 12.11 27.39 9.52
CA LYS F 256 10.93 26.64 9.10
C LYS F 256 10.92 26.48 7.59
N ASN F 257 10.57 25.29 7.11
CA ASN F 257 10.51 25.06 5.67
C ASN F 257 9.10 25.32 5.19
N TRP F 258 8.95 25.50 3.88
CA TRP F 258 7.64 25.74 3.30
C TRP F 258 7.72 25.61 1.80
N ALA F 259 6.81 24.84 1.21
CA ALA F 259 6.78 24.65 -0.22
C ALA F 259 6.53 25.98 -0.94
N ALA F 260 6.88 26.05 -2.21
CA ALA F 260 6.71 27.28 -2.98
C ALA F 260 5.30 27.82 -2.87
N TYR F 261 5.18 29.14 -3.09
CA TYR F 261 3.89 29.82 -3.01
C TYR F 261 3.47 30.51 -4.30
N LEU F 262 4.40 31.21 -4.95
CA LEU F 262 4.09 31.93 -6.18
C LEU F 262 3.39 31.14 -7.29
N GLY F 263 2.61 31.88 -8.08
CA GLY F 263 1.86 31.34 -9.20
C GLY F 263 1.93 29.85 -9.54
N ASP F 264 2.67 29.55 -10.61
CA ASP F 264 2.80 28.19 -11.11
C ASP F 264 3.48 27.15 -10.24
N ASN F 265 4.07 27.55 -9.13
CA ASN F 265 4.75 26.60 -8.27
C ASN F 265 4.06 26.29 -6.95
N TYR F 266 2.79 26.66 -6.84
CA TYR F 266 2.08 26.42 -5.59
C TYR F 266 2.22 25.00 -5.06
N GLY F 267 2.63 24.89 -3.79
CA GLY F 267 2.79 23.60 -3.15
C GLY F 267 3.92 22.74 -3.67
N GLN F 268 4.87 23.33 -4.38
CA GLN F 268 5.97 22.55 -4.92
C GLN F 268 7.33 22.80 -4.28
N ILE F 269 8.17 21.77 -4.30
CA ILE F 269 9.53 21.86 -3.76
C ILE F 269 10.34 22.44 -4.92
N LEU F 270 11.02 23.56 -4.69
CA LEU F 270 11.81 24.18 -5.74
C LEU F 270 13.28 23.97 -5.48
N SER F 271 13.60 23.56 -4.26
CA SER F 271 14.97 23.34 -3.86
C SER F 271 15.07 22.55 -2.56
N THR F 272 16.18 21.84 -2.39
CA THR F 272 16.42 21.07 -1.18
C THR F 272 17.86 21.36 -0.83
N ASP F 273 18.32 22.52 -1.30
CA ASP F 273 19.65 23.01 -1.06
C ASP F 273 20.02 22.87 0.43
N ARG F 274 21.04 22.07 0.73
CA ARG F 274 21.45 21.84 2.11
C ARG F 274 22.37 22.90 2.70
N ASN F 275 22.67 23.94 1.94
CA ASN F 275 23.50 25.04 2.43
C ASN F 275 22.64 25.92 3.32
N TRP F 276 21.33 25.72 3.25
CA TRP F 276 20.41 26.50 4.05
C TRP F 276 20.15 25.81 5.38
N THR F 277 20.57 24.56 5.52
CA THR F 277 20.35 23.88 6.78
C THR F 277 21.03 24.74 7.84
N VAL F 278 20.25 25.14 8.84
CA VAL F 278 20.77 25.97 9.92
C VAL F 278 21.75 25.18 10.73
N GLY F 279 23.03 25.55 10.61
CA GLY F 279 24.07 24.89 11.34
C GLY F 279 24.95 25.89 12.06
N ASP F 280 25.97 25.38 12.75
CA ASP F 280 26.88 26.24 13.48
C ASP F 280 27.42 27.38 12.60
N ARG F 281 27.70 27.08 11.34
CA ARG F 281 28.23 28.10 10.43
C ARG F 281 27.42 29.40 10.46
N GLN F 282 26.11 29.30 10.22
CA GLN F 282 25.24 30.47 10.18
C GLN F 282 24.99 31.06 11.57
N MET F 283 24.79 30.20 12.57
CA MET F 283 24.56 30.65 13.93
C MET F 283 25.70 31.51 14.44
N ALA F 284 26.91 31.21 13.97
CA ALA F 284 28.09 31.94 14.38
C ALA F 284 27.99 33.41 14.03
N VAL F 285 27.49 33.71 12.83
CA VAL F 285 27.38 35.09 12.37
C VAL F 285 26.32 35.92 13.11
N THR F 286 25.52 35.28 13.95
CA THR F 286 24.50 36.01 14.69
C THR F 286 25.10 36.59 15.95
N ASN F 287 24.26 37.20 16.76
CA ASN F 287 24.68 37.80 18.03
C ASN F 287 24.34 36.77 19.10
N ASN F 288 24.93 35.60 19.00
CA ASN F 288 24.68 34.51 19.92
C ASN F 288 23.16 34.38 20.03
N ALA F 289 22.50 34.39 18.87
CA ALA F 289 21.05 34.29 18.79
C ALA F 289 20.52 32.97 19.31
N TYR F 290 19.25 33.00 19.72
CA TYR F 290 18.60 31.79 20.20
C TYR F 290 18.09 31.04 18.99
N PHE F 291 17.93 29.73 19.11
CA PHE F 291 17.40 28.97 17.99
C PHE F 291 15.99 28.52 18.32
N MET F 292 15.07 28.77 17.40
CA MET F 292 13.67 28.37 17.59
C MET F 292 13.10 27.64 16.39
N HIS F 293 12.16 26.75 16.66
CA HIS F 293 11.48 25.97 15.63
C HIS F 293 10.19 25.45 16.25
N CYS F 294 9.10 25.50 15.50
CA CYS F 294 7.82 25.05 15.99
C CYS F 294 7.66 23.53 16.17
N LEU F 295 8.60 22.74 15.64
CA LEU F 295 8.53 21.29 15.73
C LEU F 295 7.24 20.77 15.08
N PRO F 296 7.27 19.57 14.49
CA PRO F 296 8.40 18.62 14.36
C PRO F 296 9.54 19.21 13.55
N VAL F 297 10.75 18.69 13.78
CA VAL F 297 11.90 19.16 13.03
C VAL F 297 12.70 17.98 12.54
N ARG F 298 13.08 18.02 11.27
CA ARG F 298 13.89 16.95 10.70
C ARG F 298 15.32 17.37 10.94
N ARG F 299 16.01 16.60 11.80
CA ARG F 299 17.40 16.89 12.13
C ARG F 299 18.31 16.71 10.93
N ASN F 300 19.30 17.61 10.82
CA ASN F 300 20.28 17.62 9.76
C ASN F 300 19.68 17.90 8.38
N MET F 301 18.51 18.54 8.39
CA MET F 301 17.80 18.95 7.17
C MET F 301 17.47 20.43 7.40
N ILE F 302 16.75 20.68 8.48
CA ILE F 302 16.34 22.02 8.88
C ILE F 302 17.46 22.64 9.71
N VAL F 303 17.86 21.91 10.75
CA VAL F 303 18.89 22.37 11.66
C VAL F 303 19.80 21.22 12.10
N THR F 304 21.07 21.56 12.31
CA THR F 304 22.11 20.62 12.73
C THR F 304 21.82 20.01 14.09
N ASP F 305 22.34 18.81 14.34
CA ASP F 305 22.15 18.18 15.62
C ASP F 305 22.80 19.09 16.66
N ASP F 306 24.00 19.57 16.36
CA ASP F 306 24.73 20.46 17.26
C ASP F 306 23.95 21.69 17.66
N VAL F 307 23.39 22.39 16.67
CA VAL F 307 22.63 23.61 16.94
C VAL F 307 21.34 23.41 17.75
N ILE F 308 20.57 22.38 17.43
CA ILE F 308 19.34 22.16 18.17
C ILE F 308 19.65 21.67 19.60
N GLU F 309 20.80 21.05 19.78
CA GLU F 309 21.19 20.53 21.10
C GLU F 309 21.98 21.58 21.87
N SER F 310 22.45 22.60 21.16
CA SER F 310 23.23 23.66 21.80
C SER F 310 22.38 24.33 22.87
N PRO F 311 23.02 25.09 23.76
CA PRO F 311 22.29 25.77 24.83
C PRO F 311 21.42 26.94 24.33
N GLN F 312 21.77 27.52 23.18
CA GLN F 312 21.01 28.63 22.63
C GLN F 312 19.69 28.14 22.03
N SER F 313 19.53 26.82 21.99
CA SER F 313 18.32 26.21 21.46
C SER F 313 17.23 26.21 22.51
N ILE F 314 16.23 27.06 22.29
CA ILE F 314 15.11 27.17 23.21
C ILE F 314 13.88 26.49 22.61
N VAL F 315 14.13 25.43 21.86
CA VAL F 315 13.08 24.69 21.19
C VAL F 315 12.08 24.05 22.14
N ILE F 316 12.53 23.57 23.29
CA ILE F 316 11.61 22.96 24.24
C ILE F 316 10.89 23.99 25.11
N PRO F 317 11.54 25.11 25.47
CA PRO F 317 10.84 26.11 26.29
C PRO F 317 9.68 26.64 25.44
N GLU F 318 9.95 26.74 24.15
CA GLU F 318 8.99 27.21 23.16
C GLU F 318 7.83 26.23 23.06
N ALA F 319 8.13 24.95 22.96
CA ALA F 319 7.10 23.94 22.86
C ALA F 319 6.20 23.98 24.10
N ALA F 320 6.82 24.30 25.24
CA ALA F 320 6.09 24.39 26.50
C ALA F 320 5.05 25.52 26.48
N ASN F 321 5.43 26.66 25.88
CA ASN F 321 4.56 27.83 25.78
C ASN F 321 3.32 27.60 24.92
N ARG F 322 3.23 26.44 24.28
CA ARG F 322 2.07 26.16 23.47
C ARG F 322 0.91 25.94 24.43
N GLU F 323 1.21 25.38 25.59
CA GLU F 323 0.19 25.13 26.61
C GLU F 323 -0.36 26.45 27.11
N ILE F 324 0.51 27.46 27.18
CA ILE F 324 0.10 28.79 27.65
C ILE F 324 -0.83 29.48 26.65
N SER F 325 -0.34 29.73 25.44
CA SER F 325 -1.16 30.39 24.43
C SER F 325 -2.51 29.69 24.30
N ALA F 326 -2.50 28.36 24.36
CA ALA F 326 -3.72 27.57 24.24
C ALA F 326 -4.61 27.71 25.47
N THR F 327 -4.03 28.07 26.60
CA THR F 327 -4.81 28.25 27.81
C THR F 327 -5.36 29.68 27.84
N VAL F 328 -4.59 30.63 27.33
CA VAL F 328 -5.01 32.03 27.28
C VAL F 328 -6.15 32.17 26.28
N VAL F 329 -5.99 31.52 25.14
CA VAL F 329 -6.97 31.54 24.05
C VAL F 329 -8.24 30.78 24.40
N LEU F 330 -8.10 29.64 25.05
CA LEU F 330 -9.26 28.86 25.41
C LEU F 330 -10.04 29.61 26.49
N LYS F 331 -9.32 30.39 27.29
CA LYS F 331 -9.90 31.20 28.36
C LYS F 331 -10.76 32.32 27.78
N ARG F 332 -10.15 33.16 26.94
CA ARG F 332 -10.83 34.28 26.30
C ARG F 332 -12.10 33.85 25.55
N LEU F 333 -12.13 32.60 25.09
CA LEU F 333 -13.29 32.10 24.36
C LEU F 333 -14.38 31.66 25.33
N LEU F 334 -13.99 31.22 26.52
CA LEU F 334 -14.94 30.79 27.53
C LEU F 334 -15.62 32.03 28.11
N GLU F 335 -14.80 33.02 28.44
CA GLU F 335 -15.29 34.26 29.00
C GLU F 335 -16.29 34.93 28.07
N ASN F 336 -16.20 34.61 26.79
CA ASN F 336 -17.10 35.21 25.82
C ASN F 336 -18.25 34.28 25.42
N LEU F 337 -18.37 33.13 26.08
CA LEU F 337 -19.44 32.20 25.76
C LEU F 337 -20.78 32.75 26.25
N PRO F 338 -21.86 32.46 25.50
CA PRO F 338 -23.17 32.97 25.93
C PRO F 338 -23.56 32.41 27.30
#